data_3VDJ
# 
_entry.id   3VDJ 
# 
_audit_conform.dict_name       mmcif_pdbx.dic 
_audit_conform.dict_version    5.397 
_audit_conform.dict_location   http://mmcif.pdb.org/dictionaries/ascii/mmcif_pdbx.dic 
# 
loop_
_database_2.database_id 
_database_2.database_code 
_database_2.pdbx_database_accession 
_database_2.pdbx_DOI 
PDB   3VDJ         pdb_00003vdj 10.2210/pdb3vdj/pdb 
RCSB  RCSB069909   ?            ?                   
WWPDB D_1000069909 ?            ?                   
# 
loop_
_pdbx_audit_revision_history.ordinal 
_pdbx_audit_revision_history.data_content_type 
_pdbx_audit_revision_history.major_revision 
_pdbx_audit_revision_history.minor_revision 
_pdbx_audit_revision_history.revision_date 
1 'Structure model' 1 0 2012-05-09 
2 'Structure model' 1 1 2012-05-16 
3 'Structure model' 1 2 2012-05-30 
4 'Structure model' 1 3 2023-09-13 
5 'Structure model' 1 4 2024-10-16 
# 
_pdbx_audit_revision_details.ordinal             1 
_pdbx_audit_revision_details.revision_ordinal    1 
_pdbx_audit_revision_details.data_content_type   'Structure model' 
_pdbx_audit_revision_details.provider            repository 
_pdbx_audit_revision_details.type                'Initial release' 
_pdbx_audit_revision_details.description         ? 
_pdbx_audit_revision_details.details             ? 
# 
loop_
_pdbx_audit_revision_group.ordinal 
_pdbx_audit_revision_group.revision_ordinal 
_pdbx_audit_revision_group.data_content_type 
_pdbx_audit_revision_group.group 
1 2 'Structure model' 'Database references'    
2 3 'Structure model' 'Database references'    
3 4 'Structure model' 'Data collection'        
4 4 'Structure model' 'Database references'    
5 4 'Structure model' 'Refinement description' 
6 5 'Structure model' 'Structure summary'      
# 
loop_
_pdbx_audit_revision_category.ordinal 
_pdbx_audit_revision_category.revision_ordinal 
_pdbx_audit_revision_category.data_content_type 
_pdbx_audit_revision_category.category 
1 4 'Structure model' chem_comp_atom                
2 4 'Structure model' chem_comp_bond                
3 4 'Structure model' database_2                    
4 4 'Structure model' pdbx_initial_refinement_model 
5 4 'Structure model' struct_ref_seq_dif            
6 5 'Structure model' pdbx_entry_details            
7 5 'Structure model' pdbx_modification_feature     
# 
loop_
_pdbx_audit_revision_item.ordinal 
_pdbx_audit_revision_item.revision_ordinal 
_pdbx_audit_revision_item.data_content_type 
_pdbx_audit_revision_item.item 
1 4 'Structure model' '_database_2.pdbx_DOI'                
2 4 'Structure model' '_database_2.pdbx_database_accession' 
3 4 'Structure model' '_struct_ref_seq_dif.details'         
# 
_pdbx_database_status.status_code                     REL 
_pdbx_database_status.entry_id                        3VDJ 
_pdbx_database_status.recvd_initial_deposition_date   2012-01-05 
_pdbx_database_status.deposit_site                    RCSB 
_pdbx_database_status.process_site                    RCSB 
_pdbx_database_status.status_code_sf                  REL 
_pdbx_database_status.status_code_mr                  ? 
_pdbx_database_status.SG_entry                        ? 
_pdbx_database_status.status_code_cs                  ? 
_pdbx_database_status.methods_development_category    ? 
_pdbx_database_status.pdb_format_compatible           Y 
_pdbx_database_status.status_code_nmr_data            ? 
# 
loop_
_pdbx_database_related.db_name 
_pdbx_database_related.db_id 
_pdbx_database_related.details 
_pdbx_database_related.content_type 
PDB 3VDK . unspecified 
PDB 3VDL . unspecified 
# 
loop_
_audit_author.name 
_audit_author.pdbx_ordinal 
'Doud, M.B.'     1 
'Koksal, A.C.'   2 
'Mi, L.Z.'       3 
'Song, G.'       4 
'Lu, C.'         5 
'Springer, T.A.' 6 
# 
_citation.id                        primary 
_citation.title                     'Unexpected fold in the circumsporozoite protein target of malaria vaccines.' 
_citation.journal_abbrev            Proc.Natl.Acad.Sci.USA 
_citation.journal_volume            109 
_citation.page_first                7817 
_citation.page_last                 7822 
_citation.year                      2012 
_citation.journal_id_ASTM           PNASA6 
_citation.country                   US 
_citation.journal_id_ISSN           0027-8424 
_citation.journal_id_CSD            0040 
_citation.book_publisher            ? 
_citation.pdbx_database_id_PubMed   22547819 
_citation.pdbx_database_id_DOI      10.1073/pnas.1205737109 
# 
loop_
_citation_author.citation_id 
_citation_author.name 
_citation_author.ordinal 
_citation_author.identifier_ORCID 
primary 'Doud, M.B.'     1 ? 
primary 'Koksal, A.C.'   2 ? 
primary 'Mi, L.Z.'       3 ? 
primary 'Song, G.'       4 ? 
primary 'Lu, C.'         5 ? 
primary 'Springer, T.A.' 6 ? 
# 
loop_
_entity.id 
_entity.type 
_entity.src_method 
_entity.pdbx_description 
_entity.formula_weight 
_entity.pdbx_number_of_molecules 
_entity.pdbx_ec 
_entity.pdbx_mutation 
_entity.pdbx_fragment 
_entity.details 
1 polymer man 'Circumsporozoite (CS) protein' 8902.075 1   ? ? 'alpha-TSR domain (UNP residues 310-374)' ? 
2 water   nat water                           18.015   103 ? ? ?                                         ? 
# 
_entity_poly.entity_id                      1 
_entity_poly.type                           'polypeptide(L)' 
_entity_poly.nstd_linkage                   no 
_entity_poly.nstd_monomer                   no 
_entity_poly.pdbx_seq_one_letter_code       YVEFEPSDKHIKEYLNKIQNSLSTEWSPCSVTCGNGIQVRIKPGSANKPKDELDYANDIEKKICKMEKCPHHHHHHA 
_entity_poly.pdbx_seq_one_letter_code_can   YVEFEPSDKHIKEYLNKIQNSLSTEWSPCSVTCGNGIQVRIKPGSANKPKDELDYANDIEKKICKMEKCPHHHHHHA 
_entity_poly.pdbx_strand_id                 A 
_entity_poly.pdbx_target_identifier         ? 
# 
_pdbx_entity_nonpoly.entity_id   2 
_pdbx_entity_nonpoly.name        water 
_pdbx_entity_nonpoly.comp_id     HOH 
# 
loop_
_entity_poly_seq.entity_id 
_entity_poly_seq.num 
_entity_poly_seq.mon_id 
_entity_poly_seq.hetero 
1 1  TYR n 
1 2  VAL n 
1 3  GLU n 
1 4  PHE n 
1 5  GLU n 
1 6  PRO n 
1 7  SER n 
1 8  ASP n 
1 9  LYS n 
1 10 HIS n 
1 11 ILE n 
1 12 LYS n 
1 13 GLU n 
1 14 TYR n 
1 15 LEU n 
1 16 ASN n 
1 17 LYS n 
1 18 ILE n 
1 19 GLN n 
1 20 ASN n 
1 21 SER n 
1 22 LEU n 
1 23 SER n 
1 24 THR n 
1 25 GLU n 
1 26 TRP n 
1 27 SER n 
1 28 PRO n 
1 29 CYS n 
1 30 SER n 
1 31 VAL n 
1 32 THR n 
1 33 CYS n 
1 34 GLY n 
1 35 ASN n 
1 36 GLY n 
1 37 ILE n 
1 38 GLN n 
1 39 VAL n 
1 40 ARG n 
1 41 ILE n 
1 42 LYS n 
1 43 PRO n 
1 44 GLY n 
1 45 SER n 
1 46 ALA n 
1 47 ASN n 
1 48 LYS n 
1 49 PRO n 
1 50 LYS n 
1 51 ASP n 
1 52 GLU n 
1 53 LEU n 
1 54 ASP n 
1 55 TYR n 
1 56 ALA n 
1 57 ASN n 
1 58 ASP n 
1 59 ILE n 
1 60 GLU n 
1 61 LYS n 
1 62 LYS n 
1 63 ILE n 
1 64 CYS n 
1 65 LYS n 
1 66 MET n 
1 67 GLU n 
1 68 LYS n 
1 69 CYS n 
1 70 PRO n 
1 71 HIS n 
1 72 HIS n 
1 73 HIS n 
1 74 HIS n 
1 75 HIS n 
1 76 HIS n 
1 77 ALA n 
# 
_entity_src_gen.entity_id                          1 
_entity_src_gen.pdbx_src_id                        1 
_entity_src_gen.pdbx_alt_source_flag               sample 
_entity_src_gen.pdbx_seq_type                      ? 
_entity_src_gen.pdbx_beg_seq_num                   ? 
_entity_src_gen.pdbx_end_seq_num                   ? 
_entity_src_gen.gene_src_common_name               ? 
_entity_src_gen.gene_src_genus                     ? 
_entity_src_gen.pdbx_gene_src_gene                 PFC0210c 
_entity_src_gen.gene_src_species                   ? 
_entity_src_gen.gene_src_strain                    3D7 
_entity_src_gen.gene_src_tissue                    ? 
_entity_src_gen.gene_src_tissue_fraction           ? 
_entity_src_gen.gene_src_details                   ? 
_entity_src_gen.pdbx_gene_src_fragment             ? 
_entity_src_gen.pdbx_gene_src_scientific_name      'Plasmodium falciparum' 
_entity_src_gen.pdbx_gene_src_ncbi_taxonomy_id     36329 
_entity_src_gen.pdbx_gene_src_variant              ? 
_entity_src_gen.pdbx_gene_src_cell_line            ? 
_entity_src_gen.pdbx_gene_src_atcc                 ? 
_entity_src_gen.pdbx_gene_src_organ                ? 
_entity_src_gen.pdbx_gene_src_organelle            ? 
_entity_src_gen.pdbx_gene_src_cell                 ? 
_entity_src_gen.pdbx_gene_src_cellular_location    ? 
_entity_src_gen.host_org_common_name               ? 
_entity_src_gen.pdbx_host_org_scientific_name      'Pichia pastoris' 
_entity_src_gen.pdbx_host_org_ncbi_taxonomy_id     644223 
_entity_src_gen.host_org_genus                     ? 
_entity_src_gen.pdbx_host_org_gene                 ? 
_entity_src_gen.pdbx_host_org_organ                ? 
_entity_src_gen.host_org_species                   ? 
_entity_src_gen.pdbx_host_org_tissue               ? 
_entity_src_gen.pdbx_host_org_tissue_fraction      ? 
_entity_src_gen.pdbx_host_org_strain               GS115 
_entity_src_gen.pdbx_host_org_variant              ? 
_entity_src_gen.pdbx_host_org_cell_line            ? 
_entity_src_gen.pdbx_host_org_atcc                 ? 
_entity_src_gen.pdbx_host_org_culture_collection   ? 
_entity_src_gen.pdbx_host_org_cell                 ? 
_entity_src_gen.pdbx_host_org_organelle            ? 
_entity_src_gen.pdbx_host_org_cellular_location    ? 
_entity_src_gen.pdbx_host_org_vector_type          ? 
_entity_src_gen.pdbx_host_org_vector               ? 
_entity_src_gen.host_org_details                   ? 
_entity_src_gen.expression_system_id               ? 
_entity_src_gen.plasmid_name                       ? 
_entity_src_gen.plasmid_details                    ? 
_entity_src_gen.pdbx_description                   ? 
# 
loop_
_chem_comp.id 
_chem_comp.type 
_chem_comp.mon_nstd_flag 
_chem_comp.name 
_chem_comp.pdbx_synonyms 
_chem_comp.formula 
_chem_comp.formula_weight 
ALA 'L-peptide linking' y ALANINE         ? 'C3 H7 N O2'     89.093  
ARG 'L-peptide linking' y ARGININE        ? 'C6 H15 N4 O2 1' 175.209 
ASN 'L-peptide linking' y ASPARAGINE      ? 'C4 H8 N2 O3'    132.118 
ASP 'L-peptide linking' y 'ASPARTIC ACID' ? 'C4 H7 N O4'     133.103 
CYS 'L-peptide linking' y CYSTEINE        ? 'C3 H7 N O2 S'   121.158 
GLN 'L-peptide linking' y GLUTAMINE       ? 'C5 H10 N2 O3'   146.144 
GLU 'L-peptide linking' y 'GLUTAMIC ACID' ? 'C5 H9 N O4'     147.129 
GLY 'peptide linking'   y GLYCINE         ? 'C2 H5 N O2'     75.067  
HIS 'L-peptide linking' y HISTIDINE       ? 'C6 H10 N3 O2 1' 156.162 
HOH non-polymer         . WATER           ? 'H2 O'           18.015  
ILE 'L-peptide linking' y ISOLEUCINE      ? 'C6 H13 N O2'    131.173 
LEU 'L-peptide linking' y LEUCINE         ? 'C6 H13 N O2'    131.173 
LYS 'L-peptide linking' y LYSINE          ? 'C6 H15 N2 O2 1' 147.195 
MET 'L-peptide linking' y METHIONINE      ? 'C5 H11 N O2 S'  149.211 
PHE 'L-peptide linking' y PHENYLALANINE   ? 'C9 H11 N O2'    165.189 
PRO 'L-peptide linking' y PROLINE         ? 'C5 H9 N O2'     115.130 
SER 'L-peptide linking' y SERINE          ? 'C3 H7 N O3'     105.093 
THR 'L-peptide linking' y THREONINE       ? 'C4 H9 N O3'     119.119 
TRP 'L-peptide linking' y TRYPTOPHAN      ? 'C11 H12 N2 O2'  204.225 
TYR 'L-peptide linking' y TYROSINE        ? 'C9 H11 N O3'    181.189 
VAL 'L-peptide linking' y VALINE          ? 'C5 H11 N O2'    117.146 
# 
loop_
_pdbx_poly_seq_scheme.asym_id 
_pdbx_poly_seq_scheme.entity_id 
_pdbx_poly_seq_scheme.seq_id 
_pdbx_poly_seq_scheme.mon_id 
_pdbx_poly_seq_scheme.ndb_seq_num 
_pdbx_poly_seq_scheme.pdb_seq_num 
_pdbx_poly_seq_scheme.auth_seq_num 
_pdbx_poly_seq_scheme.pdb_mon_id 
_pdbx_poly_seq_scheme.auth_mon_id 
_pdbx_poly_seq_scheme.pdb_strand_id 
_pdbx_poly_seq_scheme.pdb_ins_code 
_pdbx_poly_seq_scheme.hetero 
A 1 1  TYR 1  306 306 TYR TYR A . n 
A 1 2  VAL 2  307 307 VAL VAL A . n 
A 1 3  GLU 3  308 308 GLU GLU A . n 
A 1 4  PHE 4  309 309 PHE PHE A . n 
A 1 5  GLU 5  310 310 GLU GLU A . n 
A 1 6  PRO 6  311 311 PRO PRO A . n 
A 1 7  SER 7  312 312 SER SER A . n 
A 1 8  ASP 8  313 313 ASP ASP A . n 
A 1 9  LYS 9  314 314 LYS LYS A . n 
A 1 10 HIS 10 315 315 HIS HIS A . n 
A 1 11 ILE 11 316 316 ILE ILE A . n 
A 1 12 LYS 12 317 317 LYS LYS A . n 
A 1 13 GLU 13 318 318 GLU GLU A . n 
A 1 14 TYR 14 319 319 TYR TYR A . n 
A 1 15 LEU 15 320 320 LEU LEU A . n 
A 1 16 ASN 16 321 321 ASN ASN A . n 
A 1 17 LYS 17 322 322 LYS LYS A . n 
A 1 18 ILE 18 323 323 ILE ILE A . n 
A 1 19 GLN 19 324 324 GLN GLN A . n 
A 1 20 ASN 20 325 325 ASN ASN A . n 
A 1 21 SER 21 326 326 SER SER A . n 
A 1 22 LEU 22 327 327 LEU LEU A . n 
A 1 23 SER 23 328 328 SER SER A . n 
A 1 24 THR 24 329 329 THR THR A . n 
A 1 25 GLU 25 330 330 GLU GLU A . n 
A 1 26 TRP 26 331 331 TRP TRP A . n 
A 1 27 SER 27 332 332 SER SER A . n 
A 1 28 PRO 28 333 333 PRO PRO A . n 
A 1 29 CYS 29 334 334 CYS CYS A . n 
A 1 30 SER 30 335 335 SER SER A . n 
A 1 31 VAL 31 336 336 VAL VAL A . n 
A 1 32 THR 32 337 337 THR THR A . n 
A 1 33 CYS 33 338 338 CYS CYS A . n 
A 1 34 GLY 34 339 339 GLY GLY A . n 
A 1 35 ASN 35 340 340 ASN ASN A . n 
A 1 36 GLY 36 341 341 GLY GLY A . n 
A 1 37 ILE 37 342 342 ILE ILE A . n 
A 1 38 GLN 38 343 343 GLN GLN A . n 
A 1 39 VAL 39 344 344 VAL VAL A . n 
A 1 40 ARG 40 345 345 ARG ARG A . n 
A 1 41 ILE 41 346 346 ILE ILE A . n 
A 1 42 LYS 42 347 347 LYS LYS A . n 
A 1 43 PRO 43 348 348 PRO PRO A . n 
A 1 44 GLY 44 349 349 GLY GLY A . n 
A 1 45 SER 45 350 350 SER SER A . n 
A 1 46 ALA 46 351 351 ALA ALA A . n 
A 1 47 ASN 47 352 352 ASN ASN A . n 
A 1 48 LYS 48 353 353 LYS LYS A . n 
A 1 49 PRO 49 354 354 PRO PRO A . n 
A 1 50 LYS 50 355 355 LYS LYS A . n 
A 1 51 ASP 51 356 356 ASP ASP A . n 
A 1 52 GLU 52 357 357 GLU GLU A . n 
A 1 53 LEU 53 358 358 LEU LEU A . n 
A 1 54 ASP 54 359 359 ASP ASP A . n 
A 1 55 TYR 55 360 360 TYR TYR A . n 
A 1 56 ALA 56 361 361 ALA ALA A . n 
A 1 57 ASN 57 362 362 ASN ASN A . n 
A 1 58 ASP 58 363 363 ASP ASP A . n 
A 1 59 ILE 59 364 364 ILE ILE A . n 
A 1 60 GLU 60 365 365 GLU GLU A . n 
A 1 61 LYS 61 366 366 LYS LYS A . n 
A 1 62 LYS 62 367 367 LYS LYS A . n 
A 1 63 ILE 63 368 368 ILE ILE A . n 
A 1 64 CYS 64 369 369 CYS CYS A . n 
A 1 65 LYS 65 370 370 LYS LYS A . n 
A 1 66 MET 66 371 371 MET MET A . n 
A 1 67 GLU 67 372 372 GLU GLU A . n 
A 1 68 LYS 68 373 373 LYS LYS A . n 
A 1 69 CYS 69 374 374 CYS CYS A . n 
A 1 70 PRO 70 375 375 PRO PRO A . n 
A 1 71 HIS 71 376 376 HIS HIS A . n 
A 1 72 HIS 72 377 ?   ?   ?   A . n 
A 1 73 HIS 73 378 ?   ?   ?   A . n 
A 1 74 HIS 74 379 ?   ?   ?   A . n 
A 1 75 HIS 75 380 ?   ?   ?   A . n 
A 1 76 HIS 76 381 ?   ?   ?   A . n 
A 1 77 ALA 77 382 ?   ?   ?   A . n 
# 
loop_
_pdbx_nonpoly_scheme.asym_id 
_pdbx_nonpoly_scheme.entity_id 
_pdbx_nonpoly_scheme.mon_id 
_pdbx_nonpoly_scheme.ndb_seq_num 
_pdbx_nonpoly_scheme.pdb_seq_num 
_pdbx_nonpoly_scheme.auth_seq_num 
_pdbx_nonpoly_scheme.pdb_mon_id 
_pdbx_nonpoly_scheme.auth_mon_id 
_pdbx_nonpoly_scheme.pdb_strand_id 
_pdbx_nonpoly_scheme.pdb_ins_code 
B 2 HOH 1   401 1   HOH HOH A . 
B 2 HOH 2   402 2   HOH HOH A . 
B 2 HOH 3   403 3   HOH HOH A . 
B 2 HOH 4   404 4   HOH HOH A . 
B 2 HOH 5   405 5   HOH HOH A . 
B 2 HOH 6   406 6   HOH HOH A . 
B 2 HOH 7   407 7   HOH HOH A . 
B 2 HOH 8   408 8   HOH HOH A . 
B 2 HOH 9   409 9   HOH HOH A . 
B 2 HOH 10  410 10  HOH HOH A . 
B 2 HOH 11  411 11  HOH HOH A . 
B 2 HOH 12  412 12  HOH HOH A . 
B 2 HOH 13  413 13  HOH HOH A . 
B 2 HOH 14  414 14  HOH HOH A . 
B 2 HOH 15  415 15  HOH HOH A . 
B 2 HOH 16  416 16  HOH HOH A . 
B 2 HOH 17  417 17  HOH HOH A . 
B 2 HOH 18  418 18  HOH HOH A . 
B 2 HOH 19  419 19  HOH HOH A . 
B 2 HOH 20  420 20  HOH HOH A . 
B 2 HOH 21  421 21  HOH HOH A . 
B 2 HOH 22  422 22  HOH HOH A . 
B 2 HOH 23  423 23  HOH HOH A . 
B 2 HOH 24  424 24  HOH HOH A . 
B 2 HOH 25  425 25  HOH HOH A . 
B 2 HOH 26  426 26  HOH HOH A . 
B 2 HOH 27  427 27  HOH HOH A . 
B 2 HOH 28  428 28  HOH HOH A . 
B 2 HOH 29  429 29  HOH HOH A . 
B 2 HOH 30  430 30  HOH HOH A . 
B 2 HOH 31  431 31  HOH HOH A . 
B 2 HOH 32  432 32  HOH HOH A . 
B 2 HOH 33  433 33  HOH HOH A . 
B 2 HOH 34  434 34  HOH HOH A . 
B 2 HOH 35  435 35  HOH HOH A . 
B 2 HOH 36  436 36  HOH HOH A . 
B 2 HOH 37  437 37  HOH HOH A . 
B 2 HOH 38  438 38  HOH HOH A . 
B 2 HOH 39  439 39  HOH HOH A . 
B 2 HOH 40  440 40  HOH HOH A . 
B 2 HOH 41  441 41  HOH HOH A . 
B 2 HOH 42  442 42  HOH HOH A . 
B 2 HOH 43  443 43  HOH HOH A . 
B 2 HOH 44  444 44  HOH HOH A . 
B 2 HOH 45  445 45  HOH HOH A . 
B 2 HOH 46  446 46  HOH HOH A . 
B 2 HOH 47  447 47  HOH HOH A . 
B 2 HOH 48  448 48  HOH HOH A . 
B 2 HOH 49  449 49  HOH HOH A . 
B 2 HOH 50  450 50  HOH HOH A . 
B 2 HOH 51  451 51  HOH HOH A . 
B 2 HOH 52  452 52  HOH HOH A . 
B 2 HOH 53  453 53  HOH HOH A . 
B 2 HOH 54  454 54  HOH HOH A . 
B 2 HOH 55  455 55  HOH HOH A . 
B 2 HOH 56  456 56  HOH HOH A . 
B 2 HOH 57  457 57  HOH HOH A . 
B 2 HOH 58  458 58  HOH HOH A . 
B 2 HOH 59  459 59  HOH HOH A . 
B 2 HOH 60  460 60  HOH HOH A . 
B 2 HOH 61  461 61  HOH HOH A . 
B 2 HOH 62  462 62  HOH HOH A . 
B 2 HOH 63  463 63  HOH HOH A . 
B 2 HOH 64  464 64  HOH HOH A . 
B 2 HOH 65  465 65  HOH HOH A . 
B 2 HOH 66  466 66  HOH HOH A . 
B 2 HOH 67  467 67  HOH HOH A . 
B 2 HOH 68  468 68  HOH HOH A . 
B 2 HOH 69  469 69  HOH HOH A . 
B 2 HOH 70  470 71  HOH HOH A . 
B 2 HOH 71  471 72  HOH HOH A . 
B 2 HOH 72  472 73  HOH HOH A . 
B 2 HOH 73  473 74  HOH HOH A . 
B 2 HOH 74  474 75  HOH HOH A . 
B 2 HOH 75  475 76  HOH HOH A . 
B 2 HOH 76  476 77  HOH HOH A . 
B 2 HOH 77  477 78  HOH HOH A . 
B 2 HOH 78  478 79  HOH HOH A . 
B 2 HOH 79  479 80  HOH HOH A . 
B 2 HOH 80  480 81  HOH HOH A . 
B 2 HOH 81  481 82  HOH HOH A . 
B 2 HOH 82  482 83  HOH HOH A . 
B 2 HOH 83  483 84  HOH HOH A . 
B 2 HOH 84  484 85  HOH HOH A . 
B 2 HOH 85  485 86  HOH HOH A . 
B 2 HOH 86  486 87  HOH HOH A . 
B 2 HOH 87  487 88  HOH HOH A . 
B 2 HOH 88  488 89  HOH HOH A . 
B 2 HOH 89  489 90  HOH HOH A . 
B 2 HOH 90  490 91  HOH HOH A . 
B 2 HOH 91  491 92  HOH HOH A . 
B 2 HOH 92  492 93  HOH HOH A . 
B 2 HOH 93  493 94  HOH HOH A . 
B 2 HOH 94  494 95  HOH HOH A . 
B 2 HOH 95  495 96  HOH HOH A . 
B 2 HOH 96  496 97  HOH HOH A . 
B 2 HOH 97  497 98  HOH HOH A . 
B 2 HOH 98  498 99  HOH HOH A . 
B 2 HOH 99  499 100 HOH HOH A . 
B 2 HOH 100 500 101 HOH HOH A . 
B 2 HOH 101 501 102 HOH HOH A . 
B 2 HOH 102 502 103 HOH HOH A . 
B 2 HOH 103 503 104 HOH HOH A . 
# 
loop_
_software.name 
_software.classification 
_software.version 
_software.citation_id 
_software.pdbx_ordinal 
ADSC     'data collection' Quantum                      ? 1 
SHELXS   phasing           .                            ? 2 
PHENIX   refinement        '(phenix.refine: 1.7.1_743)' ? 3 
HKL-2000 'data reduction'  .                            ? 4 
HKL-2000 'data scaling'    .                            ? 5 
# 
_cell.entry_id           3VDJ 
_cell.length_a           66.515 
_cell.length_b           66.515 
_cell.length_c           85.506 
_cell.angle_alpha        90.00 
_cell.angle_beta         90.00 
_cell.angle_gamma        120.00 
_cell.Z_PDB              18 
_cell.pdbx_unique_axis   ? 
_cell.length_a_esd       ? 
_cell.length_b_esd       ? 
_cell.length_c_esd       ? 
_cell.angle_alpha_esd    ? 
_cell.angle_beta_esd     ? 
_cell.angle_gamma_esd    ? 
# 
_symmetry.entry_id                         3VDJ 
_symmetry.space_group_name_H-M             'H 3 2' 
_symmetry.pdbx_full_space_group_name_H-M   ? 
_symmetry.cell_setting                     ? 
_symmetry.Int_Tables_number                155 
_symmetry.space_group_name_Hall            ? 
# 
_exptl.entry_id          3VDJ 
_exptl.method            'X-RAY DIFFRACTION' 
_exptl.crystals_number   1 
# 
_exptl_crystal.id                    1 
_exptl_crystal.density_meas          ? 
_exptl_crystal.density_Matthews      2.06 
_exptl_crystal.density_percent_sol   40.32 
_exptl_crystal.description           ? 
_exptl_crystal.F_000                 ? 
_exptl_crystal.preparation           ? 
# 
_exptl_crystal_grow.crystal_id      1 
_exptl_crystal_grow.method          'VAPOR DIFFUSION, HANGING DROP' 
_exptl_crystal_grow.temp            295 
_exptl_crystal_grow.temp_details    ? 
_exptl_crystal_grow.pH              4.0 
_exptl_crystal_grow.pdbx_details    
'0.1 M citrate, pH 4.0, 1 M lithium chloride, 20% PEG6000, VAPOR DIFFUSION, HANGING DROP, temperature 295K' 
_exptl_crystal_grow.pdbx_pH_range   ? 
# 
_diffrn.id                     1 
_diffrn.ambient_temp           93 
_diffrn.ambient_temp_details   ? 
_diffrn.crystal_id             1 
# 
_diffrn_detector.diffrn_id              1 
_diffrn_detector.detector               CCD 
_diffrn_detector.type                   'ADSC QUANTUM 315' 
_diffrn_detector.pdbx_collection_date   2010-07-15 
_diffrn_detector.details                ? 
# 
_diffrn_radiation.diffrn_id                        1 
_diffrn_radiation.wavelength_id                    1 
_diffrn_radiation.pdbx_monochromatic_or_laue_m_l   M 
_diffrn_radiation.monochromator                    'single crystal Si(220)' 
_diffrn_radiation.pdbx_diffrn_protocol             'SINGLE WAVELENGTH' 
_diffrn_radiation.pdbx_scattering_type             x-ray 
# 
_diffrn_radiation_wavelength.id           1 
_diffrn_radiation_wavelength.wavelength   0.97949 
_diffrn_radiation_wavelength.wt           1.0 
# 
_diffrn_source.diffrn_id                   1 
_diffrn_source.source                      SYNCHROTRON 
_diffrn_source.type                        'APS BEAMLINE 24-ID-E' 
_diffrn_source.pdbx_synchrotron_site       APS 
_diffrn_source.pdbx_synchrotron_beamline   24-ID-E 
_diffrn_source.pdbx_wavelength             ? 
_diffrn_source.pdbx_wavelength_list        0.97949 
# 
_reflns.entry_id                     3VDJ 
_reflns.observed_criterion_sigma_I   5 
_reflns.observed_criterion_sigma_F   ? 
_reflns.d_resolution_low             50.0 
_reflns.d_resolution_high            1.698 
_reflns.number_obs                   8160 
_reflns.number_all                   8234 
_reflns.percent_possible_obs         99.1 
_reflns.pdbx_Rmerge_I_obs            0.057 
_reflns.pdbx_Rsym_value              ? 
_reflns.pdbx_netI_over_sigmaI        22.7 
_reflns.B_iso_Wilson_estimate        21.8 
_reflns.pdbx_redundancy              4.9 
_reflns.R_free_details               ? 
_reflns.limit_h_max                  ? 
_reflns.limit_h_min                  ? 
_reflns.limit_k_max                  ? 
_reflns.limit_k_min                  ? 
_reflns.limit_l_max                  ? 
_reflns.limit_l_min                  ? 
_reflns.observed_criterion_F_max     ? 
_reflns.observed_criterion_F_min     ? 
_reflns.pdbx_chi_squared             ? 
_reflns.pdbx_scaling_rejects         ? 
_reflns.pdbx_ordinal                 1 
_reflns.pdbx_diffrn_id               1 
# 
_reflns_shell.d_res_high             1.698 
_reflns_shell.d_res_low              1.73 
_reflns_shell.percent_possible_all   91.1 
_reflns_shell.Rmerge_I_obs           0.351 
_reflns_shell.pdbx_Rsym_value        ? 
_reflns_shell.meanI_over_sigI_obs    3.6 
_reflns_shell.pdbx_redundancy        ? 
_reflns_shell.percent_possible_obs   ? 
_reflns_shell.number_unique_all      ? 
_reflns_shell.number_measured_all    ? 
_reflns_shell.number_measured_obs    ? 
_reflns_shell.number_unique_obs      ? 
_reflns_shell.pdbx_chi_squared       ? 
_reflns_shell.pdbx_ordinal           1 
_reflns_shell.pdbx_diffrn_id         1 
# 
_refine.entry_id                                 3VDJ 
_refine.ls_number_reflns_obs                     8157 
_refine.ls_number_reflns_all                     ? 
_refine.pdbx_ls_sigma_I                          ? 
_refine.pdbx_ls_sigma_F                          0.0 
_refine.pdbx_data_cutoff_high_absF               ? 
_refine.pdbx_data_cutoff_low_absF                ? 
_refine.pdbx_data_cutoff_high_rms_absF           ? 
_refine.ls_d_res_low                             47.774 
_refine.ls_d_res_high                            1.698 
_refine.ls_percent_reflns_obs                    98.99 
_refine.ls_R_factor_obs                          0.1716 
_refine.ls_R_factor_all                          ? 
_refine.ls_R_factor_R_work                       0.1701 
_refine.ls_R_factor_R_free                       0.2002 
_refine.ls_R_factor_R_free_error                 ? 
_refine.ls_R_factor_R_free_error_details         ? 
_refine.ls_percent_reflns_R_free                 4.65 
_refine.ls_number_reflns_R_free                  379 
_refine.ls_number_parameters                     ? 
_refine.ls_number_restraints                     ? 
_refine.occupancy_min                            ? 
_refine.occupancy_max                            ? 
_refine.correlation_coeff_Fo_to_Fc               ? 
_refine.correlation_coeff_Fo_to_Fc_free          ? 
_refine.B_iso_mean                               ? 
_refine.aniso_B[1][1]                            -3.5904 
_refine.aniso_B[2][2]                            -3.5904 
_refine.aniso_B[3][3]                            9.2174 
_refine.aniso_B[1][2]                            0.0000 
_refine.aniso_B[1][3]                            0.0000 
_refine.aniso_B[2][3]                            0.0000 
_refine.solvent_model_details                    'FLAT BULK SOLVENT MODEL' 
_refine.solvent_model_param_ksol                 0.389 
_refine.solvent_model_param_bsol                 44.857 
_refine.pdbx_solvent_vdw_probe_radii             1.10 
_refine.pdbx_solvent_ion_probe_radii             ? 
_refine.pdbx_solvent_shrinkage_radii             0.83 
_refine.pdbx_ls_cross_valid_method               ? 
_refine.details                                  ? 
_refine.pdbx_starting_model                      'PDB ENTRY 3VDK' 
_refine.pdbx_method_to_determine_struct          'MOLECULAR REPLACEMENT' 
_refine.pdbx_isotropic_thermal_model             ? 
_refine.pdbx_stereochemistry_target_values       ML 
_refine.pdbx_stereochem_target_val_spec_case     ? 
_refine.pdbx_R_Free_selection_details            RANDOM 
_refine.pdbx_overall_ESU_R                       ? 
_refine.pdbx_overall_ESU_R_Free                  ? 
_refine.overall_SU_ML                            0.40 
_refine.pdbx_overall_phase_error                 21.69 
_refine.overall_SU_B                             ? 
_refine.overall_SU_R_Cruickshank_DPI             ? 
_refine.ls_redundancy_reflns_obs                 ? 
_refine.B_iso_min                                ? 
_refine.B_iso_max                                ? 
_refine.overall_SU_R_free                        ? 
_refine.ls_wR_factor_R_free                      ? 
_refine.ls_wR_factor_R_work                      ? 
_refine.overall_FOM_free_R_set                   ? 
_refine.overall_FOM_work_R_set                   ? 
_refine.pdbx_diffrn_id                           1 
_refine.pdbx_refine_id                           'X-RAY DIFFRACTION' 
_refine.pdbx_TLS_residual_ADP_flag               ? 
_refine.pdbx_overall_SU_R_free_Cruickshank_DPI   ? 
_refine.pdbx_overall_SU_R_Blow_DPI               ? 
_refine.pdbx_overall_SU_R_free_Blow_DPI          ? 
# 
_refine_hist.pdbx_refine_id                   'X-RAY DIFFRACTION' 
_refine_hist.cycle_id                         LAST 
_refine_hist.pdbx_number_atoms_protein        567 
_refine_hist.pdbx_number_atoms_nucleic_acid   0 
_refine_hist.pdbx_number_atoms_ligand         0 
_refine_hist.number_atoms_solvent             103 
_refine_hist.number_atoms_total               670 
_refine_hist.d_res_high                       1.698 
_refine_hist.d_res_low                        47.774 
# 
loop_
_refine_ls_restr.type 
_refine_ls_restr.dev_ideal 
_refine_ls_restr.dev_ideal_target 
_refine_ls_restr.weight 
_refine_ls_restr.number 
_refine_ls_restr.pdbx_restraint_function 
_refine_ls_restr.pdbx_refine_id 
f_bond_d           0.006  ? ? 581 ? 'X-RAY DIFFRACTION' 
f_angle_d          0.972  ? ? 779 ? 'X-RAY DIFFRACTION' 
f_dihedral_angle_d 13.325 ? ? 228 ? 'X-RAY DIFFRACTION' 
f_chiral_restr     0.066  ? ? 82  ? 'X-RAY DIFFRACTION' 
f_plane_restr      0.004  ? ? 101 ? 'X-RAY DIFFRACTION' 
# 
loop_
_refine_ls_shell.pdbx_total_number_of_bins_used 
_refine_ls_shell.d_res_high 
_refine_ls_shell.d_res_low 
_refine_ls_shell.number_reflns_R_work 
_refine_ls_shell.R_factor_R_work 
_refine_ls_shell.percent_reflns_obs 
_refine_ls_shell.R_factor_R_free 
_refine_ls_shell.R_factor_R_free_error 
_refine_ls_shell.percent_reflns_R_free 
_refine_ls_shell.number_reflns_R_free 
_refine_ls_shell.number_reflns_all 
_refine_ls_shell.R_factor_all 
_refine_ls_shell.number_reflns_obs 
_refine_ls_shell.redundancy_reflns_obs 
_refine_ls_shell.pdbx_refine_id 
. 1.698  1.9439  2516 0.2318 98.0  0.2716 . . 116 . . . . 'X-RAY DIFFRACTION' 
. 1.9439 2.4491  2606 0.1494 100.0 0.1975 . . 116 . . . . 'X-RAY DIFFRACTION' 
. 2.4491 47.7929 2656 0.1664 99.0  0.1884 . . 147 . . . . 'X-RAY DIFFRACTION' 
# 
_struct.entry_id                  3VDJ 
_struct.title                     'Crystal structure of circumsporozoite protein aTSR domain, R32 native form' 
_struct.pdbx_model_details        ? 
_struct.pdbx_CASP_flag            ? 
_struct.pdbx_model_type_details   ? 
# 
_struct_keywords.entry_id        3VDJ 
_struct_keywords.pdbx_keywords   'CELL INVASION' 
_struct_keywords.text            'TSR, aTSR, CELL INVASION' 
# 
loop_
_struct_asym.id 
_struct_asym.pdbx_blank_PDB_chainid_flag 
_struct_asym.pdbx_modified 
_struct_asym.entity_id 
_struct_asym.details 
A N N 1 ? 
B N N 2 ? 
# 
_struct_ref.id                         1 
_struct_ref.db_name                    UNP 
_struct_ref.db_code                    Q7K740_PLAF7 
_struct_ref.pdbx_db_accession          Q7K740 
_struct_ref.entity_id                  1 
_struct_ref.pdbx_seq_one_letter_code   EPSDKHIKEYLNKIQNSLSTEWSPCSVTCGNGIQVRIKPGSANKPKDELDYANDIEKKICKMEKC 
_struct_ref.pdbx_align_begin           310 
_struct_ref.pdbx_db_isoform            ? 
# 
_struct_ref_seq.align_id                      1 
_struct_ref_seq.ref_id                        1 
_struct_ref_seq.pdbx_PDB_id_code              3VDJ 
_struct_ref_seq.pdbx_strand_id                A 
_struct_ref_seq.seq_align_beg                 5 
_struct_ref_seq.pdbx_seq_align_beg_ins_code   ? 
_struct_ref_seq.seq_align_end                 69 
_struct_ref_seq.pdbx_seq_align_end_ins_code   ? 
_struct_ref_seq.pdbx_db_accession             Q7K740 
_struct_ref_seq.db_align_beg                  310 
_struct_ref_seq.pdbx_db_align_beg_ins_code    ? 
_struct_ref_seq.db_align_end                  374 
_struct_ref_seq.pdbx_db_align_end_ins_code    ? 
_struct_ref_seq.pdbx_auth_seq_align_beg       310 
_struct_ref_seq.pdbx_auth_seq_align_end       374 
# 
loop_
_struct_ref_seq_dif.align_id 
_struct_ref_seq_dif.pdbx_pdb_id_code 
_struct_ref_seq_dif.mon_id 
_struct_ref_seq_dif.pdbx_pdb_strand_id 
_struct_ref_seq_dif.seq_num 
_struct_ref_seq_dif.pdbx_pdb_ins_code 
_struct_ref_seq_dif.pdbx_seq_db_name 
_struct_ref_seq_dif.pdbx_seq_db_accession_code 
_struct_ref_seq_dif.db_mon_id 
_struct_ref_seq_dif.pdbx_seq_db_seq_num 
_struct_ref_seq_dif.details 
_struct_ref_seq_dif.pdbx_auth_seq_num 
_struct_ref_seq_dif.pdbx_ordinal 
1 3VDJ TYR A 1  ? UNP Q7K740 ? ? 'expression tag' 306 1  
1 3VDJ VAL A 2  ? UNP Q7K740 ? ? 'expression tag' 307 2  
1 3VDJ GLU A 3  ? UNP Q7K740 ? ? 'expression tag' 308 3  
1 3VDJ PHE A 4  ? UNP Q7K740 ? ? 'expression tag' 309 4  
1 3VDJ PRO A 70 ? UNP Q7K740 ? ? 'expression tag' 375 5  
1 3VDJ HIS A 71 ? UNP Q7K740 ? ? 'expression tag' 376 6  
1 3VDJ HIS A 72 ? UNP Q7K740 ? ? 'expression tag' 377 7  
1 3VDJ HIS A 73 ? UNP Q7K740 ? ? 'expression tag' 378 8  
1 3VDJ HIS A 74 ? UNP Q7K740 ? ? 'expression tag' 379 9  
1 3VDJ HIS A 75 ? UNP Q7K740 ? ? 'expression tag' 380 10 
1 3VDJ HIS A 76 ? UNP Q7K740 ? ? 'expression tag' 381 11 
1 3VDJ ALA A 77 ? UNP Q7K740 ? ? 'expression tag' 382 12 
# 
loop_
_pdbx_struct_assembly.id 
_pdbx_struct_assembly.details 
_pdbx_struct_assembly.method_details 
_pdbx_struct_assembly.oligomeric_details 
_pdbx_struct_assembly.oligomeric_count 
1 author_defined_assembly   ?    monomeric 1 
2 software_defined_assembly PISA trimeric  3 
# 
loop_
_pdbx_struct_assembly_prop.biol_id 
_pdbx_struct_assembly_prop.type 
_pdbx_struct_assembly_prop.value 
_pdbx_struct_assembly_prop.details 
2 'ABSA (A^2)' 4760  ? 
2 MORE         -29   ? 
2 'SSA (A^2)'  12130 ? 
# 
loop_
_pdbx_struct_assembly_gen.assembly_id 
_pdbx_struct_assembly_gen.oper_expression 
_pdbx_struct_assembly_gen.asym_id_list 
1 1     A,B 
2 1,2,3 A,B 
# 
loop_
_pdbx_struct_oper_list.id 
_pdbx_struct_oper_list.type 
_pdbx_struct_oper_list.name 
_pdbx_struct_oper_list.symmetry_operation 
_pdbx_struct_oper_list.matrix[1][1] 
_pdbx_struct_oper_list.matrix[1][2] 
_pdbx_struct_oper_list.matrix[1][3] 
_pdbx_struct_oper_list.vector[1] 
_pdbx_struct_oper_list.matrix[2][1] 
_pdbx_struct_oper_list.matrix[2][2] 
_pdbx_struct_oper_list.matrix[2][3] 
_pdbx_struct_oper_list.vector[2] 
_pdbx_struct_oper_list.matrix[3][1] 
_pdbx_struct_oper_list.matrix[3][2] 
_pdbx_struct_oper_list.matrix[3][3] 
_pdbx_struct_oper_list.vector[3] 
1 'identity operation'         1_555 x,y,z     1.0000000000  0.0000000000  0.0000000000 0.0000000000  0.0000000000  1.0000000000  0.0000000000  0.0000000000  0.0000000000 0.0000000000  1.0000000000 0.0000000000   
2 'crystal symmetry operation' 2_555 -y,x-y,z  -0.1233129279 0.6777840659  0.7248466609 16.4151907936 -0.8129760834 -0.4878699835 0.3178879787  12.2433256688 0.5690903352 -0.5500833021 0.6111829114 -8.2782859222  
3 'crystal symmetry operation' 3_555 -x+y,-x,z -0.1233129279 -0.8129760834 0.5690903352 16.6888286986 0.6777840659  -0.4878699835 -0.5500833021 -9.7065505223 0.7248466609 0.3178879787  0.6111829114 -10.7309553936 
# 
_struct_biol.id        1 
_struct_biol.details   ? 
# 
loop_
_struct_conf.conf_type_id 
_struct_conf.id 
_struct_conf.pdbx_PDB_helix_id 
_struct_conf.beg_label_comp_id 
_struct_conf.beg_label_asym_id 
_struct_conf.beg_label_seq_id 
_struct_conf.pdbx_beg_PDB_ins_code 
_struct_conf.end_label_comp_id 
_struct_conf.end_label_asym_id 
_struct_conf.end_label_seq_id 
_struct_conf.pdbx_end_PDB_ins_code 
_struct_conf.beg_auth_comp_id 
_struct_conf.beg_auth_asym_id 
_struct_conf.beg_auth_seq_id 
_struct_conf.end_auth_comp_id 
_struct_conf.end_auth_asym_id 
_struct_conf.end_auth_seq_id 
_struct_conf.pdbx_PDB_helix_class 
_struct_conf.details 
_struct_conf.pdbx_PDB_helix_length 
HELX_P HELX_P1 1 SER A 7  ? GLN A 19 ? SER A 312 GLN A 324 1 ? 13 
HELX_P HELX_P2 2 PRO A 43 ? ALA A 46 ? PRO A 348 ALA A 351 5 ? 4  
HELX_P HELX_P3 3 PRO A 49 ? LEU A 53 ? PRO A 354 LEU A 358 5 ? 5  
HELX_P HELX_P4 4 ASP A 54 ? ASP A 58 ? ASP A 359 ASP A 363 1 ? 5  
# 
_struct_conf_type.id          HELX_P 
_struct_conf_type.criteria    ? 
_struct_conf_type.reference   ? 
# 
loop_
_struct_conn.id 
_struct_conn.conn_type_id 
_struct_conn.pdbx_leaving_atom_flag 
_struct_conn.pdbx_PDB_id 
_struct_conn.ptnr1_label_asym_id 
_struct_conn.ptnr1_label_comp_id 
_struct_conn.ptnr1_label_seq_id 
_struct_conn.ptnr1_label_atom_id 
_struct_conn.pdbx_ptnr1_label_alt_id 
_struct_conn.pdbx_ptnr1_PDB_ins_code 
_struct_conn.pdbx_ptnr1_standard_comp_id 
_struct_conn.ptnr1_symmetry 
_struct_conn.ptnr2_label_asym_id 
_struct_conn.ptnr2_label_comp_id 
_struct_conn.ptnr2_label_seq_id 
_struct_conn.ptnr2_label_atom_id 
_struct_conn.pdbx_ptnr2_label_alt_id 
_struct_conn.pdbx_ptnr2_PDB_ins_code 
_struct_conn.ptnr1_auth_asym_id 
_struct_conn.ptnr1_auth_comp_id 
_struct_conn.ptnr1_auth_seq_id 
_struct_conn.ptnr2_auth_asym_id 
_struct_conn.ptnr2_auth_comp_id 
_struct_conn.ptnr2_auth_seq_id 
_struct_conn.ptnr2_symmetry 
_struct_conn.pdbx_ptnr3_label_atom_id 
_struct_conn.pdbx_ptnr3_label_seq_id 
_struct_conn.pdbx_ptnr3_label_comp_id 
_struct_conn.pdbx_ptnr3_label_asym_id 
_struct_conn.pdbx_ptnr3_label_alt_id 
_struct_conn.pdbx_ptnr3_PDB_ins_code 
_struct_conn.details 
_struct_conn.pdbx_dist_value 
_struct_conn.pdbx_value_order 
_struct_conn.pdbx_role 
disulf1 disulf ? ? A CYS 29 SG ? ? ? 1_555 A CYS 64 SG ? ? A CYS 334 A CYS 369 1_555 ? ? ? ? ? ? ? 2.042 ? ? 
disulf2 disulf ? ? A CYS 33 SG ? ? ? 1_555 A CYS 69 SG ? ? A CYS 338 A CYS 374 1_555 ? ? ? ? ? ? ? 2.059 ? ? 
# 
_struct_conn_type.id          disulf 
_struct_conn_type.criteria    ? 
_struct_conn_type.reference   ? 
# 
loop_
_pdbx_modification_feature.ordinal 
_pdbx_modification_feature.label_comp_id 
_pdbx_modification_feature.label_asym_id 
_pdbx_modification_feature.label_seq_id 
_pdbx_modification_feature.label_alt_id 
_pdbx_modification_feature.modified_residue_label_comp_id 
_pdbx_modification_feature.modified_residue_label_asym_id 
_pdbx_modification_feature.modified_residue_label_seq_id 
_pdbx_modification_feature.modified_residue_label_alt_id 
_pdbx_modification_feature.auth_comp_id 
_pdbx_modification_feature.auth_asym_id 
_pdbx_modification_feature.auth_seq_id 
_pdbx_modification_feature.PDB_ins_code 
_pdbx_modification_feature.symmetry 
_pdbx_modification_feature.modified_residue_auth_comp_id 
_pdbx_modification_feature.modified_residue_auth_asym_id 
_pdbx_modification_feature.modified_residue_auth_seq_id 
_pdbx_modification_feature.modified_residue_PDB_ins_code 
_pdbx_modification_feature.modified_residue_symmetry 
_pdbx_modification_feature.comp_id_linking_atom 
_pdbx_modification_feature.modified_residue_id_linking_atom 
_pdbx_modification_feature.modified_residue_id 
_pdbx_modification_feature.ref_pcm_id 
_pdbx_modification_feature.ref_comp_id 
_pdbx_modification_feature.type 
_pdbx_modification_feature.category 
1 CYS A 29 ? CYS A 64 ? CYS A 334 ? 1_555 CYS A 369 ? 1_555 SG SG . . . None 'Disulfide bridge' 
2 CYS A 33 ? CYS A 69 ? CYS A 338 ? 1_555 CYS A 374 ? 1_555 SG SG . . . None 'Disulfide bridge' 
# 
_struct_sheet.id               A 
_struct_sheet.type             ? 
_struct_sheet.number_strands   2 
_struct_sheet.details          ? 
# 
_struct_sheet_order.sheet_id     A 
_struct_sheet_order.range_id_1   1 
_struct_sheet_order.range_id_2   2 
_struct_sheet_order.offset       ? 
_struct_sheet_order.sense        anti-parallel 
# 
loop_
_struct_sheet_range.sheet_id 
_struct_sheet_range.id 
_struct_sheet_range.beg_label_comp_id 
_struct_sheet_range.beg_label_asym_id 
_struct_sheet_range.beg_label_seq_id 
_struct_sheet_range.pdbx_beg_PDB_ins_code 
_struct_sheet_range.end_label_comp_id 
_struct_sheet_range.end_label_asym_id 
_struct_sheet_range.end_label_seq_id 
_struct_sheet_range.pdbx_end_PDB_ins_code 
_struct_sheet_range.beg_auth_comp_id 
_struct_sheet_range.beg_auth_asym_id 
_struct_sheet_range.beg_auth_seq_id 
_struct_sheet_range.end_auth_comp_id 
_struct_sheet_range.end_auth_asym_id 
_struct_sheet_range.end_auth_seq_id 
A 1 ASN A 35 ? ILE A 41 ? ASN A 340 ILE A 346 
A 2 ILE A 59 ? LYS A 65 ? ILE A 364 LYS A 370 
# 
_pdbx_struct_sheet_hbond.sheet_id                A 
_pdbx_struct_sheet_hbond.range_id_1              1 
_pdbx_struct_sheet_hbond.range_id_2              2 
_pdbx_struct_sheet_hbond.range_1_label_atom_id   N 
_pdbx_struct_sheet_hbond.range_1_label_comp_id   ARG 
_pdbx_struct_sheet_hbond.range_1_label_asym_id   A 
_pdbx_struct_sheet_hbond.range_1_label_seq_id    40 
_pdbx_struct_sheet_hbond.range_1_PDB_ins_code    ? 
_pdbx_struct_sheet_hbond.range_1_auth_atom_id    N 
_pdbx_struct_sheet_hbond.range_1_auth_comp_id    ARG 
_pdbx_struct_sheet_hbond.range_1_auth_asym_id    A 
_pdbx_struct_sheet_hbond.range_1_auth_seq_id     345 
_pdbx_struct_sheet_hbond.range_2_label_atom_id   O 
_pdbx_struct_sheet_hbond.range_2_label_comp_id   GLU 
_pdbx_struct_sheet_hbond.range_2_label_asym_id   A 
_pdbx_struct_sheet_hbond.range_2_label_seq_id    60 
_pdbx_struct_sheet_hbond.range_2_PDB_ins_code    ? 
_pdbx_struct_sheet_hbond.range_2_auth_atom_id    O 
_pdbx_struct_sheet_hbond.range_2_auth_comp_id    GLU 
_pdbx_struct_sheet_hbond.range_2_auth_asym_id    A 
_pdbx_struct_sheet_hbond.range_2_auth_seq_id     365 
# 
_pdbx_entry_details.entry_id                   3VDJ 
_pdbx_entry_details.compound_details           ? 
_pdbx_entry_details.source_details             ? 
_pdbx_entry_details.nonpolymer_details         ? 
_pdbx_entry_details.sequence_details           ? 
_pdbx_entry_details.has_ligand_of_interest     ? 
_pdbx_entry_details.has_protein_modification   Y 
# 
loop_
_pdbx_validate_close_contact.id 
_pdbx_validate_close_contact.PDB_model_num 
_pdbx_validate_close_contact.auth_atom_id_1 
_pdbx_validate_close_contact.auth_asym_id_1 
_pdbx_validate_close_contact.auth_comp_id_1 
_pdbx_validate_close_contact.auth_seq_id_1 
_pdbx_validate_close_contact.PDB_ins_code_1 
_pdbx_validate_close_contact.label_alt_id_1 
_pdbx_validate_close_contact.auth_atom_id_2 
_pdbx_validate_close_contact.auth_asym_id_2 
_pdbx_validate_close_contact.auth_comp_id_2 
_pdbx_validate_close_contact.auth_seq_id_2 
_pdbx_validate_close_contact.PDB_ins_code_2 
_pdbx_validate_close_contact.label_alt_id_2 
_pdbx_validate_close_contact.dist 
1 1 O A HOH 462 ? ? O A HOH 485 ? ? 2.05 
2 1 O A HOH 476 ? ? O A HOH 496 ? ? 2.14 
3 1 O A HOH 494 ? ? O A HOH 501 ? ? 2.19 
# 
loop_
_pdbx_validate_symm_contact.id 
_pdbx_validate_symm_contact.PDB_model_num 
_pdbx_validate_symm_contact.auth_atom_id_1 
_pdbx_validate_symm_contact.auth_asym_id_1 
_pdbx_validate_symm_contact.auth_comp_id_1 
_pdbx_validate_symm_contact.auth_seq_id_1 
_pdbx_validate_symm_contact.PDB_ins_code_1 
_pdbx_validate_symm_contact.label_alt_id_1 
_pdbx_validate_symm_contact.site_symmetry_1 
_pdbx_validate_symm_contact.auth_atom_id_2 
_pdbx_validate_symm_contact.auth_asym_id_2 
_pdbx_validate_symm_contact.auth_comp_id_2 
_pdbx_validate_symm_contact.auth_seq_id_2 
_pdbx_validate_symm_contact.PDB_ins_code_2 
_pdbx_validate_symm_contact.label_alt_id_2 
_pdbx_validate_symm_contact.site_symmetry_2 
_pdbx_validate_symm_contact.dist 
1 1 O A HOH 483 ? ? 1_555 O A HOH 498 ? ? 2_555 2.01 
2 1 O A HOH 492 ? ? 1_555 O A HOH 497 ? ? 2_555 2.13 
3 1 O A HOH 484 ? ? 1_555 O A HOH 501 ? ? 7_455 2.17 
# 
loop_
_pdbx_struct_special_symmetry.id 
_pdbx_struct_special_symmetry.PDB_model_num 
_pdbx_struct_special_symmetry.auth_asym_id 
_pdbx_struct_special_symmetry.auth_comp_id 
_pdbx_struct_special_symmetry.auth_seq_id 
_pdbx_struct_special_symmetry.PDB_ins_code 
_pdbx_struct_special_symmetry.label_asym_id 
_pdbx_struct_special_symmetry.label_comp_id 
_pdbx_struct_special_symmetry.label_seq_id 
1 1 A HOH 413 ? B HOH . 
2 1 A HOH 464 ? B HOH . 
3 1 A HOH 469 ? B HOH . 
4 1 A HOH 470 ? B HOH . 
5 1 A HOH 489 ? B HOH . 
6 1 A HOH 499 ? B HOH . 
# 
loop_
_pdbx_refine_tls.pdbx_refine_id 
_pdbx_refine_tls.id 
_pdbx_refine_tls.details 
_pdbx_refine_tls.method 
_pdbx_refine_tls.origin_x 
_pdbx_refine_tls.origin_y 
_pdbx_refine_tls.origin_z 
_pdbx_refine_tls.T[1][1] 
_pdbx_refine_tls.T[2][2] 
_pdbx_refine_tls.T[3][3] 
_pdbx_refine_tls.T[1][2] 
_pdbx_refine_tls.T[1][3] 
_pdbx_refine_tls.T[2][3] 
_pdbx_refine_tls.L[1][1] 
_pdbx_refine_tls.L[2][2] 
_pdbx_refine_tls.L[3][3] 
_pdbx_refine_tls.L[1][2] 
_pdbx_refine_tls.L[1][3] 
_pdbx_refine_tls.L[2][3] 
_pdbx_refine_tls.S[1][1] 
_pdbx_refine_tls.S[1][2] 
_pdbx_refine_tls.S[1][3] 
_pdbx_refine_tls.S[2][1] 
_pdbx_refine_tls.S[2][2] 
_pdbx_refine_tls.S[2][3] 
_pdbx_refine_tls.S[3][1] 
_pdbx_refine_tls.S[3][2] 
_pdbx_refine_tls.S[3][3] 
'X-RAY DIFFRACTION' 1 ? refined 10.7233 -13.1093 0.8079   0.1836 0.2082 0.2175 0.0238  -0.0253 0.0098  1.9255  12.5616 0.9831  -4.8378 1.1814  -3.2924 -0.3540 -0.5813 -0.2721 0.8680  0.3571  -0.0994 0.2942  0.2160  -0.0443 
'X-RAY DIFFRACTION' 2 ? refined 6.1698  2.6217   0.0941   0.1054 0.1352 0.0702 -0.0148 0.0094  -0.0143 4.4159  10.5810 6.8354  -1.3853 -0.0594 -1.7003 -0.0266 -0.1211 -0.0967 0.4677  -0.1539 -0.1800 0.0579  0.2213  0.1963  
'X-RAY DIFFRACTION' 3 ? refined -2.0856 9.8482   -1.7945  0.1420 0.1476 0.1447 0.0404  0.0158  0.0353  15.0812 0.8565  5.8979  -1.2135 1.5175  1.9664  -0.2421 0.2901  0.1764  0.0027  0.0519  0.4187  -0.0820 -0.2706 0.1766  
'X-RAY DIFFRACTION' 4 ? refined -3.5331 -1.0666  -3.5599  0.1109 0.1371 0.1662 0.0130  0.0253  0.0094  0.2165  2.9835  3.6874  0.3950  0.2698  1.1073  0.0793  0.1038  -0.1250 0.1027  -0.0802 0.5401  -0.0495 -0.4304 0.0274  
'X-RAY DIFFRACTION' 5 ? refined -4.8298 8.8293   10.7938  0.2283 0.1309 0.1594 0.0054  0.0766  0.0331  10.2122 3.0166  4.8319  -1.6839 3.0416  2.7742  -0.0330 -0.0655 0.0901  0.6080  -0.0619 0.3704  0.2846  -0.1760 0.0560  
'X-RAY DIFFRACTION' 6 ? refined -1.7175 -2.8351  4.2744   0.2162 0.2103 0.1561 0.0363  0.0541  0.0519  1.7791  6.3060  12.3211 0.9236  0.2878  7.6639  -0.0008 -0.1908 -0.2423 0.4484  -0.2350 0.3177  0.2821  -0.7698 0.2434  
'X-RAY DIFFRACTION' 7 ? refined 3.7234  -9.7625  -17.1215 0.2255 0.1971 0.1812 0.0062  -0.0235 -0.0529 2.9691  0.1880  15.1197 0.4144  -4.0411 -1.6914 -0.2444 0.2927  0.0528  -0.3371 -0.0352 0.1804  0.6146  -0.3353 0.0704  
# 
loop_
_pdbx_refine_tls_group.pdbx_refine_id 
_pdbx_refine_tls_group.id 
_pdbx_refine_tls_group.refine_tls_id 
_pdbx_refine_tls_group.beg_auth_asym_id 
_pdbx_refine_tls_group.beg_auth_seq_id 
_pdbx_refine_tls_group.beg_label_asym_id 
_pdbx_refine_tls_group.beg_label_seq_id 
_pdbx_refine_tls_group.end_auth_asym_id 
_pdbx_refine_tls_group.end_auth_seq_id 
_pdbx_refine_tls_group.end_label_asym_id 
_pdbx_refine_tls_group.end_label_seq_id 
_pdbx_refine_tls_group.selection 
_pdbx_refine_tls_group.selection_details 
'X-RAY DIFFRACTION' 1 1 ? ? ? ? ? ? ? ? ? 
;chain 'A' and (resseq 306:312)
;
'X-RAY DIFFRACTION' 2 2 ? ? ? ? ? ? ? ? ? 
;chain 'A' and (resseq 313:322)
;
'X-RAY DIFFRACTION' 3 3 ? ? ? ? ? ? ? ? ? 
;chain 'A' and (resseq 323:327)
;
'X-RAY DIFFRACTION' 4 4 ? ? ? ? ? ? ? ? ? 
;chain 'A' and (resseq 328:346)
;
'X-RAY DIFFRACTION' 5 5 ? ? ? ? ? ? ? ? ? 
;chain 'A' and (resseq 347:359)
;
'X-RAY DIFFRACTION' 6 6 ? ? ? ? ? ? ? ? ? 
;chain 'A' and (resseq 360:370)
;
'X-RAY DIFFRACTION' 7 7 ? ? ? ? ? ? ? ? ? 
;chain 'A' and (resseq 371:376)
;
# 
loop_
_pdbx_unobs_or_zero_occ_residues.id 
_pdbx_unobs_or_zero_occ_residues.PDB_model_num 
_pdbx_unobs_or_zero_occ_residues.polymer_flag 
_pdbx_unobs_or_zero_occ_residues.occupancy_flag 
_pdbx_unobs_or_zero_occ_residues.auth_asym_id 
_pdbx_unobs_or_zero_occ_residues.auth_comp_id 
_pdbx_unobs_or_zero_occ_residues.auth_seq_id 
_pdbx_unobs_or_zero_occ_residues.PDB_ins_code 
_pdbx_unobs_or_zero_occ_residues.label_asym_id 
_pdbx_unobs_or_zero_occ_residues.label_comp_id 
_pdbx_unobs_or_zero_occ_residues.label_seq_id 
1 1 Y 1 A HIS 377 ? A HIS 72 
2 1 Y 1 A HIS 378 ? A HIS 73 
3 1 Y 1 A HIS 379 ? A HIS 74 
4 1 Y 1 A HIS 380 ? A HIS 75 
5 1 Y 1 A HIS 381 ? A HIS 76 
6 1 Y 1 A ALA 382 ? A ALA 77 
# 
loop_
_chem_comp_atom.comp_id 
_chem_comp_atom.atom_id 
_chem_comp_atom.type_symbol 
_chem_comp_atom.pdbx_aromatic_flag 
_chem_comp_atom.pdbx_stereo_config 
_chem_comp_atom.pdbx_ordinal 
ALA N    N N N 1   
ALA CA   C N S 2   
ALA C    C N N 3   
ALA O    O N N 4   
ALA CB   C N N 5   
ALA OXT  O N N 6   
ALA H    H N N 7   
ALA H2   H N N 8   
ALA HA   H N N 9   
ALA HB1  H N N 10  
ALA HB2  H N N 11  
ALA HB3  H N N 12  
ALA HXT  H N N 13  
ARG N    N N N 14  
ARG CA   C N S 15  
ARG C    C N N 16  
ARG O    O N N 17  
ARG CB   C N N 18  
ARG CG   C N N 19  
ARG CD   C N N 20  
ARG NE   N N N 21  
ARG CZ   C N N 22  
ARG NH1  N N N 23  
ARG NH2  N N N 24  
ARG OXT  O N N 25  
ARG H    H N N 26  
ARG H2   H N N 27  
ARG HA   H N N 28  
ARG HB2  H N N 29  
ARG HB3  H N N 30  
ARG HG2  H N N 31  
ARG HG3  H N N 32  
ARG HD2  H N N 33  
ARG HD3  H N N 34  
ARG HE   H N N 35  
ARG HH11 H N N 36  
ARG HH12 H N N 37  
ARG HH21 H N N 38  
ARG HH22 H N N 39  
ARG HXT  H N N 40  
ASN N    N N N 41  
ASN CA   C N S 42  
ASN C    C N N 43  
ASN O    O N N 44  
ASN CB   C N N 45  
ASN CG   C N N 46  
ASN OD1  O N N 47  
ASN ND2  N N N 48  
ASN OXT  O N N 49  
ASN H    H N N 50  
ASN H2   H N N 51  
ASN HA   H N N 52  
ASN HB2  H N N 53  
ASN HB3  H N N 54  
ASN HD21 H N N 55  
ASN HD22 H N N 56  
ASN HXT  H N N 57  
ASP N    N N N 58  
ASP CA   C N S 59  
ASP C    C N N 60  
ASP O    O N N 61  
ASP CB   C N N 62  
ASP CG   C N N 63  
ASP OD1  O N N 64  
ASP OD2  O N N 65  
ASP OXT  O N N 66  
ASP H    H N N 67  
ASP H2   H N N 68  
ASP HA   H N N 69  
ASP HB2  H N N 70  
ASP HB3  H N N 71  
ASP HD2  H N N 72  
ASP HXT  H N N 73  
CYS N    N N N 74  
CYS CA   C N R 75  
CYS C    C N N 76  
CYS O    O N N 77  
CYS CB   C N N 78  
CYS SG   S N N 79  
CYS OXT  O N N 80  
CYS H    H N N 81  
CYS H2   H N N 82  
CYS HA   H N N 83  
CYS HB2  H N N 84  
CYS HB3  H N N 85  
CYS HG   H N N 86  
CYS HXT  H N N 87  
GLN N    N N N 88  
GLN CA   C N S 89  
GLN C    C N N 90  
GLN O    O N N 91  
GLN CB   C N N 92  
GLN CG   C N N 93  
GLN CD   C N N 94  
GLN OE1  O N N 95  
GLN NE2  N N N 96  
GLN OXT  O N N 97  
GLN H    H N N 98  
GLN H2   H N N 99  
GLN HA   H N N 100 
GLN HB2  H N N 101 
GLN HB3  H N N 102 
GLN HG2  H N N 103 
GLN HG3  H N N 104 
GLN HE21 H N N 105 
GLN HE22 H N N 106 
GLN HXT  H N N 107 
GLU N    N N N 108 
GLU CA   C N S 109 
GLU C    C N N 110 
GLU O    O N N 111 
GLU CB   C N N 112 
GLU CG   C N N 113 
GLU CD   C N N 114 
GLU OE1  O N N 115 
GLU OE2  O N N 116 
GLU OXT  O N N 117 
GLU H    H N N 118 
GLU H2   H N N 119 
GLU HA   H N N 120 
GLU HB2  H N N 121 
GLU HB3  H N N 122 
GLU HG2  H N N 123 
GLU HG3  H N N 124 
GLU HE2  H N N 125 
GLU HXT  H N N 126 
GLY N    N N N 127 
GLY CA   C N N 128 
GLY C    C N N 129 
GLY O    O N N 130 
GLY OXT  O N N 131 
GLY H    H N N 132 
GLY H2   H N N 133 
GLY HA2  H N N 134 
GLY HA3  H N N 135 
GLY HXT  H N N 136 
HIS N    N N N 137 
HIS CA   C N S 138 
HIS C    C N N 139 
HIS O    O N N 140 
HIS CB   C N N 141 
HIS CG   C Y N 142 
HIS ND1  N Y N 143 
HIS CD2  C Y N 144 
HIS CE1  C Y N 145 
HIS NE2  N Y N 146 
HIS OXT  O N N 147 
HIS H    H N N 148 
HIS H2   H N N 149 
HIS HA   H N N 150 
HIS HB2  H N N 151 
HIS HB3  H N N 152 
HIS HD1  H N N 153 
HIS HD2  H N N 154 
HIS HE1  H N N 155 
HIS HE2  H N N 156 
HIS HXT  H N N 157 
HOH O    O N N 158 
HOH H1   H N N 159 
HOH H2   H N N 160 
ILE N    N N N 161 
ILE CA   C N S 162 
ILE C    C N N 163 
ILE O    O N N 164 
ILE CB   C N S 165 
ILE CG1  C N N 166 
ILE CG2  C N N 167 
ILE CD1  C N N 168 
ILE OXT  O N N 169 
ILE H    H N N 170 
ILE H2   H N N 171 
ILE HA   H N N 172 
ILE HB   H N N 173 
ILE HG12 H N N 174 
ILE HG13 H N N 175 
ILE HG21 H N N 176 
ILE HG22 H N N 177 
ILE HG23 H N N 178 
ILE HD11 H N N 179 
ILE HD12 H N N 180 
ILE HD13 H N N 181 
ILE HXT  H N N 182 
LEU N    N N N 183 
LEU CA   C N S 184 
LEU C    C N N 185 
LEU O    O N N 186 
LEU CB   C N N 187 
LEU CG   C N N 188 
LEU CD1  C N N 189 
LEU CD2  C N N 190 
LEU OXT  O N N 191 
LEU H    H N N 192 
LEU H2   H N N 193 
LEU HA   H N N 194 
LEU HB2  H N N 195 
LEU HB3  H N N 196 
LEU HG   H N N 197 
LEU HD11 H N N 198 
LEU HD12 H N N 199 
LEU HD13 H N N 200 
LEU HD21 H N N 201 
LEU HD22 H N N 202 
LEU HD23 H N N 203 
LEU HXT  H N N 204 
LYS N    N N N 205 
LYS CA   C N S 206 
LYS C    C N N 207 
LYS O    O N N 208 
LYS CB   C N N 209 
LYS CG   C N N 210 
LYS CD   C N N 211 
LYS CE   C N N 212 
LYS NZ   N N N 213 
LYS OXT  O N N 214 
LYS H    H N N 215 
LYS H2   H N N 216 
LYS HA   H N N 217 
LYS HB2  H N N 218 
LYS HB3  H N N 219 
LYS HG2  H N N 220 
LYS HG3  H N N 221 
LYS HD2  H N N 222 
LYS HD3  H N N 223 
LYS HE2  H N N 224 
LYS HE3  H N N 225 
LYS HZ1  H N N 226 
LYS HZ2  H N N 227 
LYS HZ3  H N N 228 
LYS HXT  H N N 229 
MET N    N N N 230 
MET CA   C N S 231 
MET C    C N N 232 
MET O    O N N 233 
MET CB   C N N 234 
MET CG   C N N 235 
MET SD   S N N 236 
MET CE   C N N 237 
MET OXT  O N N 238 
MET H    H N N 239 
MET H2   H N N 240 
MET HA   H N N 241 
MET HB2  H N N 242 
MET HB3  H N N 243 
MET HG2  H N N 244 
MET HG3  H N N 245 
MET HE1  H N N 246 
MET HE2  H N N 247 
MET HE3  H N N 248 
MET HXT  H N N 249 
PHE N    N N N 250 
PHE CA   C N S 251 
PHE C    C N N 252 
PHE O    O N N 253 
PHE CB   C N N 254 
PHE CG   C Y N 255 
PHE CD1  C Y N 256 
PHE CD2  C Y N 257 
PHE CE1  C Y N 258 
PHE CE2  C Y N 259 
PHE CZ   C Y N 260 
PHE OXT  O N N 261 
PHE H    H N N 262 
PHE H2   H N N 263 
PHE HA   H N N 264 
PHE HB2  H N N 265 
PHE HB3  H N N 266 
PHE HD1  H N N 267 
PHE HD2  H N N 268 
PHE HE1  H N N 269 
PHE HE2  H N N 270 
PHE HZ   H N N 271 
PHE HXT  H N N 272 
PRO N    N N N 273 
PRO CA   C N S 274 
PRO C    C N N 275 
PRO O    O N N 276 
PRO CB   C N N 277 
PRO CG   C N N 278 
PRO CD   C N N 279 
PRO OXT  O N N 280 
PRO H    H N N 281 
PRO HA   H N N 282 
PRO HB2  H N N 283 
PRO HB3  H N N 284 
PRO HG2  H N N 285 
PRO HG3  H N N 286 
PRO HD2  H N N 287 
PRO HD3  H N N 288 
PRO HXT  H N N 289 
SER N    N N N 290 
SER CA   C N S 291 
SER C    C N N 292 
SER O    O N N 293 
SER CB   C N N 294 
SER OG   O N N 295 
SER OXT  O N N 296 
SER H    H N N 297 
SER H2   H N N 298 
SER HA   H N N 299 
SER HB2  H N N 300 
SER HB3  H N N 301 
SER HG   H N N 302 
SER HXT  H N N 303 
THR N    N N N 304 
THR CA   C N S 305 
THR C    C N N 306 
THR O    O N N 307 
THR CB   C N R 308 
THR OG1  O N N 309 
THR CG2  C N N 310 
THR OXT  O N N 311 
THR H    H N N 312 
THR H2   H N N 313 
THR HA   H N N 314 
THR HB   H N N 315 
THR HG1  H N N 316 
THR HG21 H N N 317 
THR HG22 H N N 318 
THR HG23 H N N 319 
THR HXT  H N N 320 
TRP N    N N N 321 
TRP CA   C N S 322 
TRP C    C N N 323 
TRP O    O N N 324 
TRP CB   C N N 325 
TRP CG   C Y N 326 
TRP CD1  C Y N 327 
TRP CD2  C Y N 328 
TRP NE1  N Y N 329 
TRP CE2  C Y N 330 
TRP CE3  C Y N 331 
TRP CZ2  C Y N 332 
TRP CZ3  C Y N 333 
TRP CH2  C Y N 334 
TRP OXT  O N N 335 
TRP H    H N N 336 
TRP H2   H N N 337 
TRP HA   H N N 338 
TRP HB2  H N N 339 
TRP HB3  H N N 340 
TRP HD1  H N N 341 
TRP HE1  H N N 342 
TRP HE3  H N N 343 
TRP HZ2  H N N 344 
TRP HZ3  H N N 345 
TRP HH2  H N N 346 
TRP HXT  H N N 347 
TYR N    N N N 348 
TYR CA   C N S 349 
TYR C    C N N 350 
TYR O    O N N 351 
TYR CB   C N N 352 
TYR CG   C Y N 353 
TYR CD1  C Y N 354 
TYR CD2  C Y N 355 
TYR CE1  C Y N 356 
TYR CE2  C Y N 357 
TYR CZ   C Y N 358 
TYR OH   O N N 359 
TYR OXT  O N N 360 
TYR H    H N N 361 
TYR H2   H N N 362 
TYR HA   H N N 363 
TYR HB2  H N N 364 
TYR HB3  H N N 365 
TYR HD1  H N N 366 
TYR HD2  H N N 367 
TYR HE1  H N N 368 
TYR HE2  H N N 369 
TYR HH   H N N 370 
TYR HXT  H N N 371 
VAL N    N N N 372 
VAL CA   C N S 373 
VAL C    C N N 374 
VAL O    O N N 375 
VAL CB   C N N 376 
VAL CG1  C N N 377 
VAL CG2  C N N 378 
VAL OXT  O N N 379 
VAL H    H N N 380 
VAL H2   H N N 381 
VAL HA   H N N 382 
VAL HB   H N N 383 
VAL HG11 H N N 384 
VAL HG12 H N N 385 
VAL HG13 H N N 386 
VAL HG21 H N N 387 
VAL HG22 H N N 388 
VAL HG23 H N N 389 
VAL HXT  H N N 390 
# 
loop_
_chem_comp_bond.comp_id 
_chem_comp_bond.atom_id_1 
_chem_comp_bond.atom_id_2 
_chem_comp_bond.value_order 
_chem_comp_bond.pdbx_aromatic_flag 
_chem_comp_bond.pdbx_stereo_config 
_chem_comp_bond.pdbx_ordinal 
ALA N   CA   sing N N 1   
ALA N   H    sing N N 2   
ALA N   H2   sing N N 3   
ALA CA  C    sing N N 4   
ALA CA  CB   sing N N 5   
ALA CA  HA   sing N N 6   
ALA C   O    doub N N 7   
ALA C   OXT  sing N N 8   
ALA CB  HB1  sing N N 9   
ALA CB  HB2  sing N N 10  
ALA CB  HB3  sing N N 11  
ALA OXT HXT  sing N N 12  
ARG N   CA   sing N N 13  
ARG N   H    sing N N 14  
ARG N   H2   sing N N 15  
ARG CA  C    sing N N 16  
ARG CA  CB   sing N N 17  
ARG CA  HA   sing N N 18  
ARG C   O    doub N N 19  
ARG C   OXT  sing N N 20  
ARG CB  CG   sing N N 21  
ARG CB  HB2  sing N N 22  
ARG CB  HB3  sing N N 23  
ARG CG  CD   sing N N 24  
ARG CG  HG2  sing N N 25  
ARG CG  HG3  sing N N 26  
ARG CD  NE   sing N N 27  
ARG CD  HD2  sing N N 28  
ARG CD  HD3  sing N N 29  
ARG NE  CZ   sing N N 30  
ARG NE  HE   sing N N 31  
ARG CZ  NH1  sing N N 32  
ARG CZ  NH2  doub N N 33  
ARG NH1 HH11 sing N N 34  
ARG NH1 HH12 sing N N 35  
ARG NH2 HH21 sing N N 36  
ARG NH2 HH22 sing N N 37  
ARG OXT HXT  sing N N 38  
ASN N   CA   sing N N 39  
ASN N   H    sing N N 40  
ASN N   H2   sing N N 41  
ASN CA  C    sing N N 42  
ASN CA  CB   sing N N 43  
ASN CA  HA   sing N N 44  
ASN C   O    doub N N 45  
ASN C   OXT  sing N N 46  
ASN CB  CG   sing N N 47  
ASN CB  HB2  sing N N 48  
ASN CB  HB3  sing N N 49  
ASN CG  OD1  doub N N 50  
ASN CG  ND2  sing N N 51  
ASN ND2 HD21 sing N N 52  
ASN ND2 HD22 sing N N 53  
ASN OXT HXT  sing N N 54  
ASP N   CA   sing N N 55  
ASP N   H    sing N N 56  
ASP N   H2   sing N N 57  
ASP CA  C    sing N N 58  
ASP CA  CB   sing N N 59  
ASP CA  HA   sing N N 60  
ASP C   O    doub N N 61  
ASP C   OXT  sing N N 62  
ASP CB  CG   sing N N 63  
ASP CB  HB2  sing N N 64  
ASP CB  HB3  sing N N 65  
ASP CG  OD1  doub N N 66  
ASP CG  OD2  sing N N 67  
ASP OD2 HD2  sing N N 68  
ASP OXT HXT  sing N N 69  
CYS N   CA   sing N N 70  
CYS N   H    sing N N 71  
CYS N   H2   sing N N 72  
CYS CA  C    sing N N 73  
CYS CA  CB   sing N N 74  
CYS CA  HA   sing N N 75  
CYS C   O    doub N N 76  
CYS C   OXT  sing N N 77  
CYS CB  SG   sing N N 78  
CYS CB  HB2  sing N N 79  
CYS CB  HB3  sing N N 80  
CYS SG  HG   sing N N 81  
CYS OXT HXT  sing N N 82  
GLN N   CA   sing N N 83  
GLN N   H    sing N N 84  
GLN N   H2   sing N N 85  
GLN CA  C    sing N N 86  
GLN CA  CB   sing N N 87  
GLN CA  HA   sing N N 88  
GLN C   O    doub N N 89  
GLN C   OXT  sing N N 90  
GLN CB  CG   sing N N 91  
GLN CB  HB2  sing N N 92  
GLN CB  HB3  sing N N 93  
GLN CG  CD   sing N N 94  
GLN CG  HG2  sing N N 95  
GLN CG  HG3  sing N N 96  
GLN CD  OE1  doub N N 97  
GLN CD  NE2  sing N N 98  
GLN NE2 HE21 sing N N 99  
GLN NE2 HE22 sing N N 100 
GLN OXT HXT  sing N N 101 
GLU N   CA   sing N N 102 
GLU N   H    sing N N 103 
GLU N   H2   sing N N 104 
GLU CA  C    sing N N 105 
GLU CA  CB   sing N N 106 
GLU CA  HA   sing N N 107 
GLU C   O    doub N N 108 
GLU C   OXT  sing N N 109 
GLU CB  CG   sing N N 110 
GLU CB  HB2  sing N N 111 
GLU CB  HB3  sing N N 112 
GLU CG  CD   sing N N 113 
GLU CG  HG2  sing N N 114 
GLU CG  HG3  sing N N 115 
GLU CD  OE1  doub N N 116 
GLU CD  OE2  sing N N 117 
GLU OE2 HE2  sing N N 118 
GLU OXT HXT  sing N N 119 
GLY N   CA   sing N N 120 
GLY N   H    sing N N 121 
GLY N   H2   sing N N 122 
GLY CA  C    sing N N 123 
GLY CA  HA2  sing N N 124 
GLY CA  HA3  sing N N 125 
GLY C   O    doub N N 126 
GLY C   OXT  sing N N 127 
GLY OXT HXT  sing N N 128 
HIS N   CA   sing N N 129 
HIS N   H    sing N N 130 
HIS N   H2   sing N N 131 
HIS CA  C    sing N N 132 
HIS CA  CB   sing N N 133 
HIS CA  HA   sing N N 134 
HIS C   O    doub N N 135 
HIS C   OXT  sing N N 136 
HIS CB  CG   sing N N 137 
HIS CB  HB2  sing N N 138 
HIS CB  HB3  sing N N 139 
HIS CG  ND1  sing Y N 140 
HIS CG  CD2  doub Y N 141 
HIS ND1 CE1  doub Y N 142 
HIS ND1 HD1  sing N N 143 
HIS CD2 NE2  sing Y N 144 
HIS CD2 HD2  sing N N 145 
HIS CE1 NE2  sing Y N 146 
HIS CE1 HE1  sing N N 147 
HIS NE2 HE2  sing N N 148 
HIS OXT HXT  sing N N 149 
HOH O   H1   sing N N 150 
HOH O   H2   sing N N 151 
ILE N   CA   sing N N 152 
ILE N   H    sing N N 153 
ILE N   H2   sing N N 154 
ILE CA  C    sing N N 155 
ILE CA  CB   sing N N 156 
ILE CA  HA   sing N N 157 
ILE C   O    doub N N 158 
ILE C   OXT  sing N N 159 
ILE CB  CG1  sing N N 160 
ILE CB  CG2  sing N N 161 
ILE CB  HB   sing N N 162 
ILE CG1 CD1  sing N N 163 
ILE CG1 HG12 sing N N 164 
ILE CG1 HG13 sing N N 165 
ILE CG2 HG21 sing N N 166 
ILE CG2 HG22 sing N N 167 
ILE CG2 HG23 sing N N 168 
ILE CD1 HD11 sing N N 169 
ILE CD1 HD12 sing N N 170 
ILE CD1 HD13 sing N N 171 
ILE OXT HXT  sing N N 172 
LEU N   CA   sing N N 173 
LEU N   H    sing N N 174 
LEU N   H2   sing N N 175 
LEU CA  C    sing N N 176 
LEU CA  CB   sing N N 177 
LEU CA  HA   sing N N 178 
LEU C   O    doub N N 179 
LEU C   OXT  sing N N 180 
LEU CB  CG   sing N N 181 
LEU CB  HB2  sing N N 182 
LEU CB  HB3  sing N N 183 
LEU CG  CD1  sing N N 184 
LEU CG  CD2  sing N N 185 
LEU CG  HG   sing N N 186 
LEU CD1 HD11 sing N N 187 
LEU CD1 HD12 sing N N 188 
LEU CD1 HD13 sing N N 189 
LEU CD2 HD21 sing N N 190 
LEU CD2 HD22 sing N N 191 
LEU CD2 HD23 sing N N 192 
LEU OXT HXT  sing N N 193 
LYS N   CA   sing N N 194 
LYS N   H    sing N N 195 
LYS N   H2   sing N N 196 
LYS CA  C    sing N N 197 
LYS CA  CB   sing N N 198 
LYS CA  HA   sing N N 199 
LYS C   O    doub N N 200 
LYS C   OXT  sing N N 201 
LYS CB  CG   sing N N 202 
LYS CB  HB2  sing N N 203 
LYS CB  HB3  sing N N 204 
LYS CG  CD   sing N N 205 
LYS CG  HG2  sing N N 206 
LYS CG  HG3  sing N N 207 
LYS CD  CE   sing N N 208 
LYS CD  HD2  sing N N 209 
LYS CD  HD3  sing N N 210 
LYS CE  NZ   sing N N 211 
LYS CE  HE2  sing N N 212 
LYS CE  HE3  sing N N 213 
LYS NZ  HZ1  sing N N 214 
LYS NZ  HZ2  sing N N 215 
LYS NZ  HZ3  sing N N 216 
LYS OXT HXT  sing N N 217 
MET N   CA   sing N N 218 
MET N   H    sing N N 219 
MET N   H2   sing N N 220 
MET CA  C    sing N N 221 
MET CA  CB   sing N N 222 
MET CA  HA   sing N N 223 
MET C   O    doub N N 224 
MET C   OXT  sing N N 225 
MET CB  CG   sing N N 226 
MET CB  HB2  sing N N 227 
MET CB  HB3  sing N N 228 
MET CG  SD   sing N N 229 
MET CG  HG2  sing N N 230 
MET CG  HG3  sing N N 231 
MET SD  CE   sing N N 232 
MET CE  HE1  sing N N 233 
MET CE  HE2  sing N N 234 
MET CE  HE3  sing N N 235 
MET OXT HXT  sing N N 236 
PHE N   CA   sing N N 237 
PHE N   H    sing N N 238 
PHE N   H2   sing N N 239 
PHE CA  C    sing N N 240 
PHE CA  CB   sing N N 241 
PHE CA  HA   sing N N 242 
PHE C   O    doub N N 243 
PHE C   OXT  sing N N 244 
PHE CB  CG   sing N N 245 
PHE CB  HB2  sing N N 246 
PHE CB  HB3  sing N N 247 
PHE CG  CD1  doub Y N 248 
PHE CG  CD2  sing Y N 249 
PHE CD1 CE1  sing Y N 250 
PHE CD1 HD1  sing N N 251 
PHE CD2 CE2  doub Y N 252 
PHE CD2 HD2  sing N N 253 
PHE CE1 CZ   doub Y N 254 
PHE CE1 HE1  sing N N 255 
PHE CE2 CZ   sing Y N 256 
PHE CE2 HE2  sing N N 257 
PHE CZ  HZ   sing N N 258 
PHE OXT HXT  sing N N 259 
PRO N   CA   sing N N 260 
PRO N   CD   sing N N 261 
PRO N   H    sing N N 262 
PRO CA  C    sing N N 263 
PRO CA  CB   sing N N 264 
PRO CA  HA   sing N N 265 
PRO C   O    doub N N 266 
PRO C   OXT  sing N N 267 
PRO CB  CG   sing N N 268 
PRO CB  HB2  sing N N 269 
PRO CB  HB3  sing N N 270 
PRO CG  CD   sing N N 271 
PRO CG  HG2  sing N N 272 
PRO CG  HG3  sing N N 273 
PRO CD  HD2  sing N N 274 
PRO CD  HD3  sing N N 275 
PRO OXT HXT  sing N N 276 
SER N   CA   sing N N 277 
SER N   H    sing N N 278 
SER N   H2   sing N N 279 
SER CA  C    sing N N 280 
SER CA  CB   sing N N 281 
SER CA  HA   sing N N 282 
SER C   O    doub N N 283 
SER C   OXT  sing N N 284 
SER CB  OG   sing N N 285 
SER CB  HB2  sing N N 286 
SER CB  HB3  sing N N 287 
SER OG  HG   sing N N 288 
SER OXT HXT  sing N N 289 
THR N   CA   sing N N 290 
THR N   H    sing N N 291 
THR N   H2   sing N N 292 
THR CA  C    sing N N 293 
THR CA  CB   sing N N 294 
THR CA  HA   sing N N 295 
THR C   O    doub N N 296 
THR C   OXT  sing N N 297 
THR CB  OG1  sing N N 298 
THR CB  CG2  sing N N 299 
THR CB  HB   sing N N 300 
THR OG1 HG1  sing N N 301 
THR CG2 HG21 sing N N 302 
THR CG2 HG22 sing N N 303 
THR CG2 HG23 sing N N 304 
THR OXT HXT  sing N N 305 
TRP N   CA   sing N N 306 
TRP N   H    sing N N 307 
TRP N   H2   sing N N 308 
TRP CA  C    sing N N 309 
TRP CA  CB   sing N N 310 
TRP CA  HA   sing N N 311 
TRP C   O    doub N N 312 
TRP C   OXT  sing N N 313 
TRP CB  CG   sing N N 314 
TRP CB  HB2  sing N N 315 
TRP CB  HB3  sing N N 316 
TRP CG  CD1  doub Y N 317 
TRP CG  CD2  sing Y N 318 
TRP CD1 NE1  sing Y N 319 
TRP CD1 HD1  sing N N 320 
TRP CD2 CE2  doub Y N 321 
TRP CD2 CE3  sing Y N 322 
TRP NE1 CE2  sing Y N 323 
TRP NE1 HE1  sing N N 324 
TRP CE2 CZ2  sing Y N 325 
TRP CE3 CZ3  doub Y N 326 
TRP CE3 HE3  sing N N 327 
TRP CZ2 CH2  doub Y N 328 
TRP CZ2 HZ2  sing N N 329 
TRP CZ3 CH2  sing Y N 330 
TRP CZ3 HZ3  sing N N 331 
TRP CH2 HH2  sing N N 332 
TRP OXT HXT  sing N N 333 
TYR N   CA   sing N N 334 
TYR N   H    sing N N 335 
TYR N   H2   sing N N 336 
TYR CA  C    sing N N 337 
TYR CA  CB   sing N N 338 
TYR CA  HA   sing N N 339 
TYR C   O    doub N N 340 
TYR C   OXT  sing N N 341 
TYR CB  CG   sing N N 342 
TYR CB  HB2  sing N N 343 
TYR CB  HB3  sing N N 344 
TYR CG  CD1  doub Y N 345 
TYR CG  CD2  sing Y N 346 
TYR CD1 CE1  sing Y N 347 
TYR CD1 HD1  sing N N 348 
TYR CD2 CE2  doub Y N 349 
TYR CD2 HD2  sing N N 350 
TYR CE1 CZ   doub Y N 351 
TYR CE1 HE1  sing N N 352 
TYR CE2 CZ   sing Y N 353 
TYR CE2 HE2  sing N N 354 
TYR CZ  OH   sing N N 355 
TYR OH  HH   sing N N 356 
TYR OXT HXT  sing N N 357 
VAL N   CA   sing N N 358 
VAL N   H    sing N N 359 
VAL N   H2   sing N N 360 
VAL CA  C    sing N N 361 
VAL CA  CB   sing N N 362 
VAL CA  HA   sing N N 363 
VAL C   O    doub N N 364 
VAL C   OXT  sing N N 365 
VAL CB  CG1  sing N N 366 
VAL CB  CG2  sing N N 367 
VAL CB  HB   sing N N 368 
VAL CG1 HG11 sing N N 369 
VAL CG1 HG12 sing N N 370 
VAL CG1 HG13 sing N N 371 
VAL CG2 HG21 sing N N 372 
VAL CG2 HG22 sing N N 373 
VAL CG2 HG23 sing N N 374 
VAL OXT HXT  sing N N 375 
# 
_pdbx_initial_refinement_model.id               1 
_pdbx_initial_refinement_model.entity_id_list   ? 
_pdbx_initial_refinement_model.type             'experimental model' 
_pdbx_initial_refinement_model.source_name      PDB 
_pdbx_initial_refinement_model.accession_code   3VDK 
_pdbx_initial_refinement_model.details          'PDB ENTRY 3VDK' 
# 
_atom_sites.entry_id                    3VDJ 
_atom_sites.fract_transf_matrix[1][1]   -0.00508178 
_atom_sites.fract_transf_matrix[1][2]   0.01594219 
_atom_sites.fract_transf_matrix[1][3]   0.00462445 
_atom_sites.fract_transf_matrix[2][1]   0.00970228 
_atom_sites.fract_transf_matrix[2][2]   0.01376610 
_atom_sites.fract_transf_matrix[2][3]   -0.00421070 
_atom_sites.fract_transf_matrix[3][1]   -0.00586064 
_atom_sites.fract_transf_matrix[3][2]   0.00105168 
_atom_sites.fract_transf_matrix[3][3]   -0.01006578 
_atom_sites.fract_transf_vector[1]      0.071898 
_atom_sites.fract_transf_vector[2]      -0.145383 
_atom_sites.fract_transf_vector[3]      0.165119 
# 
loop_
_atom_type.symbol 
C 
N 
O 
S 
# 
loop_
_atom_site.group_PDB 
_atom_site.id 
_atom_site.type_symbol 
_atom_site.label_atom_id 
_atom_site.label_alt_id 
_atom_site.label_comp_id 
_atom_site.label_asym_id 
_atom_site.label_entity_id 
_atom_site.label_seq_id 
_atom_site.pdbx_PDB_ins_code 
_atom_site.Cartn_x 
_atom_site.Cartn_y 
_atom_site.Cartn_z 
_atom_site.occupancy 
_atom_site.B_iso_or_equiv 
_atom_site.pdbx_formal_charge 
_atom_site.auth_seq_id 
_atom_site.auth_comp_id 
_atom_site.auth_asym_id 
_atom_site.auth_atom_id 
_atom_site.pdbx_PDB_model_num 
ATOM   1   N N   . TYR A 1 1  ? 17.042  -16.883 3.405   1.00 27.42 ? 306 TYR A N   1 
ATOM   2   C CA  . TYR A 1 1  ? 16.405  -17.163 2.119   1.00 24.33 ? 306 TYR A CA  1 
ATOM   3   C C   . TYR A 1 1  ? 15.634  -15.956 1.589   1.00 22.52 ? 306 TYR A C   1 
ATOM   4   O O   . TYR A 1 1  ? 15.272  -15.056 2.353   1.00 25.78 ? 306 TYR A O   1 
ATOM   5   C CB  . TYR A 1 1  ? 15.451  -18.355 2.242   1.00 21.61 ? 306 TYR A CB  1 
ATOM   6   C CG  . TYR A 1 1  ? 16.108  -19.632 2.706   1.00 23.21 ? 306 TYR A CG  1 
ATOM   7   C CD1 . TYR A 1 1  ? 17.204  -20.161 2.034   1.00 23.66 ? 306 TYR A CD1 1 
ATOM   8   C CD2 . TYR A 1 1  ? 15.621  -20.321 3.808   1.00 24.61 ? 306 TYR A CD2 1 
ATOM   9   C CE1 . TYR A 1 1  ? 17.798  -21.333 2.457   1.00 25.14 ? 306 TYR A CE1 1 
ATOM   10  C CE2 . TYR A 1 1  ? 16.208  -21.497 4.234   1.00 27.70 ? 306 TYR A CE2 1 
ATOM   11  C CZ  . TYR A 1 1  ? 17.297  -21.998 3.559   1.00 29.30 ? 306 TYR A CZ  1 
ATOM   12  O OH  . TYR A 1 1  ? 17.883  -23.171 3.990   1.00 30.60 ? 306 TYR A OH  1 
ATOM   13  N N   . VAL A 1 2  ? 15.375  -15.935 0.284   1.00 18.63 ? 307 VAL A N   1 
ATOM   14  C CA  . VAL A 1 2  ? 14.594  -14.842 -0.307  1.00 18.43 ? 307 VAL A CA  1 
ATOM   15  C C   . VAL A 1 2  ? 13.163  -14.891 0.217   1.00 19.90 ? 307 VAL A C   1 
ATOM   16  O O   . VAL A 1 2  ? 12.532  -15.952 0.235   1.00 18.02 ? 307 VAL A O   1 
ATOM   17  C CB  . VAL A 1 2  ? 14.594  -14.892 -1.852  1.00 20.06 ? 307 VAL A CB  1 
ATOM   18  C CG1 . VAL A 1 2  ? 13.686  -13.808 -2.414  1.00 19.82 ? 307 VAL A CG1 1 
ATOM   19  C CG2 . VAL A 1 2  ? 16.004  -14.739 -2.386  1.00 21.40 ? 307 VAL A CG2 1 
ATOM   20  N N   . GLU A 1 3  ? 12.651  -13.745 0.654   1.00 20.96 ? 308 GLU A N   1 
ATOM   21  C CA  . GLU A 1 3  ? 11.364  -13.707 1.340   0.99 23.00 ? 308 GLU A CA  1 
ATOM   22  C C   . GLU A 1 3  ? 10.148  -13.888 0.430   1.00 19.52 ? 308 GLU A C   1 
ATOM   23  O O   . GLU A 1 3  ? 9.167   -14.527 0.809   1.00 20.62 ? 308 GLU A O   1 
ATOM   24  C CB  . GLU A 1 3  ? 11.230  -12.400 2.130   0.99 29.42 ? 308 GLU A CB  1 
ATOM   25  C CG  . GLU A 1 3  ? 11.965  -12.408 3.455   0.99 44.91 ? 308 GLU A CG  1 
ATOM   26  C CD  . GLU A 1 3  ? 11.444  -13.480 4.397   0.99 59.49 ? 308 GLU A CD  1 
ATOM   27  O OE1 . GLU A 1 3  ? 10.217  -13.515 4.639   0.99 65.18 ? 308 GLU A OE1 1 
ATOM   28  O OE2 . GLU A 1 3  ? 12.259  -14.293 4.888   0.99 65.69 ? 308 GLU A OE2 1 
ATOM   29  N N   . PHE A 1 4  ? 10.204  -13.296 -0.757  1.00 18.31 ? 309 PHE A N   1 
ATOM   30  C CA  . PHE A 1 4  ? 9.076   -13.315 -1.680  1.00 13.01 ? 309 PHE A CA  1 
ATOM   31  C C   . PHE A 1 4  ? 7.803   -12.742 -1.046  1.00 13.30 ? 309 PHE A C   1 
ATOM   32  O O   . PHE A 1 4  ? 6.698   -13.219 -1.295  1.00 16.93 ? 309 PHE A O   1 
ATOM   33  C CB  . PHE A 1 4  ? 8.858   -14.721 -2.241  1.00 17.94 ? 309 PHE A CB  1 
ATOM   34  C CG  . PHE A 1 4  ? 10.011  -15.215 -3.077  1.00 17.18 ? 309 PHE A CG  1 
ATOM   35  C CD1 . PHE A 1 4  ? 10.348  -14.573 -4.259  1.00 14.50 ? 309 PHE A CD1 1 
ATOM   36  C CD2 . PHE A 1 4  ? 10.751  -16.320 -2.682  1.00 18.62 ? 309 PHE A CD2 1 
ATOM   37  C CE1 . PHE A 1 4  ? 11.400  -15.026 -5.038  1.00 18.51 ? 309 PHE A CE1 1 
ATOM   38  C CE2 . PHE A 1 4  ? 11.815  -16.772 -3.452  1.00 19.00 ? 309 PHE A CE2 1 
ATOM   39  C CZ  . PHE A 1 4  ? 12.143  -16.122 -4.628  1.00 16.40 ? 309 PHE A CZ  1 
ATOM   40  N N   . GLU A 1 5  ? 7.983   -11.706 -0.235  1.00 16.12 ? 310 GLU A N   1 
ATOM   41  C CA  . GLU A 1 5  ? 6.868   -10.938 0.306   1.00 18.02 ? 310 GLU A CA  1 
ATOM   42  C C   . GLU A 1 5  ? 7.225   -9.463  0.168   1.00 15.37 ? 310 GLU A C   1 
ATOM   43  O O   . GLU A 1 5  ? 8.404   -9.118  0.120   1.00 14.79 ? 310 GLU A O   1 
ATOM   44  C CB  . GLU A 1 5  ? 6.631   -11.293 1.775   1.00 22.91 ? 310 GLU A CB  1 
ATOM   45  C CG  . GLU A 1 5  ? 6.293   -12.760 2.019   1.00 32.21 ? 310 GLU A CG  1 
ATOM   46  C CD  . GLU A 1 5  ? 4.928   -13.157 1.470   1.00 40.41 ? 310 GLU A CD  1 
ATOM   47  O OE1 . GLU A 1 5  ? 4.156   -12.256 1.074   1.00 40.31 ? 310 GLU A OE1 1 
ATOM   48  O OE2 . GLU A 1 5  ? 4.626   -14.371 1.438   1.00 46.00 ? 310 GLU A OE2 1 
ATOM   49  N N   . PRO A 1 6  ? 6.209   -8.583  0.097   1.00 15.27 ? 311 PRO A N   1 
ATOM   50  C CA  . PRO A 1 6  ? 6.506   -7.154  -0.002  1.00 17.46 ? 311 PRO A CA  1 
ATOM   51  C C   . PRO A 1 6  ? 7.125   -6.663  1.299   1.00 18.28 ? 311 PRO A C   1 
ATOM   52  O O   . PRO A 1 6  ? 6.761   -7.156  2.372   1.00 20.03 ? 311 PRO A O   1 
ATOM   53  C CB  . PRO A 1 6  ? 5.127   -6.523  -0.245  1.00 19.29 ? 311 PRO A CB  1 
ATOM   54  C CG  . PRO A 1 6  ? 4.145   -7.502  0.240   1.00 17.65 ? 311 PRO A CG  1 
ATOM   55  C CD  . PRO A 1 6  ? 4.769   -8.856  -0.036  1.00 19.38 ? 311 PRO A CD  1 
ATOM   56  N N   . SER A 1 7  ? 8.070   -5.730  1.214   1.00 15.53 ? 312 SER A N   1 
ATOM   57  C CA  . SER A 1 7  ? 8.727   -5.235  2.414   1.00 18.09 ? 312 SER A CA  1 
ATOM   58  C C   . SER A 1 7  ? 8.101   -3.939  2.905   1.00 17.35 ? 312 SER A C   1 
ATOM   59  O O   . SER A 1 7  ? 7.560   -3.165  2.118   1.00 17.24 ? 312 SER A O   1 
ATOM   60  C CB  . SER A 1 7  ? 10.206  -4.990  2.153   1.00 25.77 ? 312 SER A CB  1 
ATOM   61  O OG  . SER A 1 7  ? 10.356  -3.807  1.399   1.00 22.28 ? 312 SER A OG  1 
ATOM   62  N N   . ASP A 1 8  ? 8.184   -3.696  4.206   1.00 16.83 ? 313 ASP A N   1 
ATOM   63  C CA  . ASP A 1 8  ? 7.654   -2.455  4.772   1.00 15.71 ? 313 ASP A CA  1 
ATOM   64  C C   . ASP A 1 8  ? 8.329   -1.223  4.185   1.00 14.40 ? 313 ASP A C   1 
ATOM   65  O O   . ASP A 1 8  ? 7.675   -0.207  3.957   1.00 16.35 ? 313 ASP A O   1 
ATOM   66  C CB  . ASP A 1 8  ? 7.776   -2.458  6.294   1.00 22.17 ? 313 ASP A CB  1 
ATOM   67  C CG  . ASP A 1 8  ? 6.883   -3.496  6.938   1.00 29.77 ? 313 ASP A CG  1 
ATOM   68  O OD1 . ASP A 1 8  ? 5.812   -3.788  6.362   1.00 25.89 ? 313 ASP A OD1 1 
ATOM   69  O OD2 . ASP A 1 8  ? 7.251   -4.017  8.011   1.00 37.76 ? 313 ASP A OD2 1 
ATOM   70  N N   . LYS A 1 9  ? 9.629   -1.306  3.933   1.00 15.93 ? 314 LYS A N   1 
ATOM   71  C CA  . LYS A 1 9  ? 10.325  -0.184  3.291   1.00 16.85 ? 314 LYS A CA  1 
ATOM   72  C C   . LYS A 1 9  ? 9.685   0.186   1.950   1.00 16.11 ? 314 LYS A C   1 
ATOM   73  O O   . LYS A 1 9  ? 9.480   1.368   1.657   1.00 13.36 ? 314 LYS A O   1 
ATOM   74  C CB  . LYS A 1 9  ? 11.805  -0.499  3.069   1.00 19.64 ? 314 LYS A CB  1 
ATOM   75  C CG  . LYS A 1 9  ? 12.705  -0.248  4.272   1.00 38.67 ? 314 LYS A CG  1 
ATOM   76  C CD  . LYS A 1 9  ? 14.116  0.122   3.825   1.00 45.63 ? 314 LYS A CD  1 
ATOM   77  C CE  . LYS A 1 9  ? 15.071  0.301   5.000   1.00 47.40 ? 314 LYS A CE  1 
ATOM   78  N NZ  . LYS A 1 9  ? 15.585  -1.000  5.516   1.00 50.03 ? 314 LYS A NZ  1 
ATOM   79  N N   . HIS A 1 10 ? 9.374   -0.822  1.132   1.00 14.32 ? 315 HIS A N   1 
ATOM   80  C CA  . HIS A 1 10 ? 8.811   -0.585  -0.198  1.00 13.81 ? 315 HIS A CA  1 
ATOM   81  C C   . HIS A 1 10 ? 7.356   -0.121  -0.125  1.00 13.44 ? 315 HIS A C   1 
ATOM   82  O O   . HIS A 1 10 ? 6.898   0.679   -0.947  1.00 14.05 ? 315 HIS A O   1 
ATOM   83  C CB  . HIS A 1 10 ? 8.891   -1.866  -1.029  1.00 17.37 ? 315 HIS A CB  1 
ATOM   84  C CG  . HIS A 1 10 ? 8.945   -1.632  -2.507  1.00 21.60 ? 315 HIS A CG  1 
ATOM   85  N ND1 . HIS A 1 10 ? 8.927   -0.372  -3.068  1.00 26.69 ? 315 HIS A ND1 1 
ATOM   86  C CD2 . HIS A 1 10 ? 9.032   -2.504  -3.542  1.00 21.70 ? 315 HIS A CD2 1 
ATOM   87  C CE1 . HIS A 1 10 ? 9.006   -0.478  -4.384  1.00 28.45 ? 315 HIS A CE1 1 
ATOM   88  N NE2 . HIS A 1 10 ? 9.072   -1.759  -4.698  1.00 29.75 ? 315 HIS A NE2 1 
ATOM   89  N N   . ILE A 1 11 ? 6.618   -0.640  0.850   1.00 13.05 ? 316 ILE A N   1 
ATOM   90  C CA  . ILE A 1 11 ? 5.229   -0.218  1.020   1.00 14.57 ? 316 ILE A CA  1 
ATOM   91  C C   . ILE A 1 11 ? 5.174   1.243   1.461   1.00 15.38 ? 316 ILE A C   1 
ATOM   92  O O   . ILE A 1 11 ? 4.334   2.011   0.997   1.00 16.59 ? 316 ILE A O   1 
ATOM   93  C CB  . ILE A 1 11 ? 4.468   -1.133  2.000   1.00 11.46 ? 316 ILE A CB  1 
ATOM   94  C CG1 . ILE A 1 11 ? 4.423   -2.562  1.441   1.00 11.92 ? 316 ILE A CG1 1 
ATOM   95  C CG2 . ILE A 1 11 ? 3.064   -0.593  2.250   1.00 11.59 ? 316 ILE A CG2 1 
ATOM   96  C CD1 . ILE A 1 11 ? 3.862   -3.591  2.413   1.00 17.14 ? 316 ILE A CD1 1 
ATOM   97  N N   . LYS A 1 12 ? 6.095   1.639   2.333   1.00 13.31 ? 317 LYS A N   1 
ATOM   98  C CA  . LYS A 1 12 ? 6.185   3.046   2.732   1.00 15.38 ? 317 LYS A CA  1 
ATOM   99  C C   . LYS A 1 12 ? 6.559   3.947   1.557   1.00 16.58 ? 317 LYS A C   1 
ATOM   100 O O   . LYS A 1 12 ? 6.108   5.085   1.468   1.00 13.59 ? 317 LYS A O   1 
ATOM   101 C CB  . LYS A 1 12 ? 7.172   3.203   3.885   1.00 14.99 ? 317 LYS A CB  1 
ATOM   102 C CG  . LYS A 1 12 ? 6.670   2.565   5.178   1.00 14.17 ? 317 LYS A CG  1 
ATOM   103 C CD  . LYS A 1 12 ? 7.728   2.577   6.266   1.00 20.75 ? 317 LYS A CD  1 
ATOM   104 C CE  . LYS A 1 12 ? 7.165   2.042   7.564   1.00 26.41 ? 317 LYS A CE  1 
ATOM   105 N NZ  . LYS A 1 12 ? 8.233   1.833   8.579   1.00 31.80 ? 317 LYS A NZ  1 
ATOM   106 N N   . GLU A 1 13 ? 7.393   3.448   0.654   1.00 12.35 ? 318 GLU A N   1 
ATOM   107 C CA  . GLU A 1 13 ? 7.690   4.191   -0.559  1.00 13.34 ? 318 GLU A CA  1 
ATOM   108 C C   . GLU A 1 13 ? 6.421   4.397   -1.390  1.00 12.12 ? 318 GLU A C   1 
ATOM   109 O O   . GLU A 1 13 ? 6.173   5.493   -1.910  1.00 12.05 ? 318 GLU A O   1 
ATOM   110 C CB  . GLU A 1 13 ? 8.782   3.480   -1.363  1.00 14.37 ? 318 GLU A CB  1 
ATOM   111 C CG  . GLU A 1 13 ? 10.119  3.448   -0.635  1.00 13.04 ? 318 GLU A CG  1 
ATOM   112 C CD  . GLU A 1 13 ? 11.147  2.606   -1.371  1.00 14.15 ? 318 GLU A CD  1 
ATOM   113 O OE1 . GLU A 1 13 ? 10.802  2.054   -2.442  1.00 19.87 ? 318 GLU A OE1 1 
ATOM   114 O OE2 . GLU A 1 13 ? 12.282  2.492   -0.881  1.00 18.89 ? 318 GLU A OE2 1 
ATOM   115 N N   . TYR A 1 14 ? 5.584   3.370   -1.485  1.00 10.44 ? 319 TYR A N   1 
ATOM   116 C CA  . TYR A 1 14 ? 4.328   3.509   -2.231  1.00 11.18 ? 319 TYR A CA  1 
ATOM   117 C C   . TYR A 1 14 ? 3.382   4.498   -1.562  1.00 11.88 ? 319 TYR A C   1 
ATOM   118 O O   . TYR A 1 14 ? 2.696   5.251   -2.254  1.00 12.63 ? 319 TYR A O   1 
ATOM   119 C CB  . TYR A 1 14 ? 3.638   2.158   -2.422  1.00 12.02 ? 319 TYR A CB  1 
ATOM   120 C CG  . TYR A 1 14 ? 2.434   2.189   -3.347  1.00 10.98 ? 319 TYR A CG  1 
ATOM   121 C CD1 . TYR A 1 14 ? 2.554   2.647   -4.653  1.00 13.14 ? 319 TYR A CD1 1 
ATOM   122 C CD2 . TYR A 1 14 ? 1.189   1.732   -2.928  1.00 11.40 ? 319 TYR A CD2 1 
ATOM   123 C CE1 . TYR A 1 14 ? 1.467   2.666   -5.512  1.00 10.89 ? 319 TYR A CE1 1 
ATOM   124 C CE2 . TYR A 1 14 ? 0.085   1.738   -3.787  1.00 15.71 ? 319 TYR A CE2 1 
ATOM   125 C CZ  . TYR A 1 14 ? 0.240   2.213   -5.080  1.00 13.77 ? 319 TYR A CZ  1 
ATOM   126 O OH  . TYR A 1 14 ? -0.810  2.232   -5.953  1.00 16.90 ? 319 TYR A OH  1 
ATOM   127 N N   . LEU A 1 15 ? 3.347   4.499   -0.228  1.00 13.41 ? 320 LEU A N   1 
ATOM   128 C CA  . LEU A 1 15 ? 2.540   5.474   0.503   1.00 13.30 ? 320 LEU A CA  1 
ATOM   129 C C   . LEU A 1 15 ? 2.952   6.904   0.147   1.00 14.84 ? 320 LEU A C   1 
ATOM   130 O O   . LEU A 1 15 ? 2.106   7.774   -0.015  1.00 14.03 ? 320 LEU A O   1 
ATOM   131 C CB  . LEU A 1 15 ? 2.615   5.237   2.015   1.00 12.20 ? 320 LEU A CB  1 
ATOM   132 C CG  . LEU A 1 15 ? 1.740   4.064   2.467   1.00 14.69 ? 320 LEU A CG  1 
ATOM   133 C CD1 . LEU A 1 15 ? 2.175   3.506   3.834   1.00 18.07 ? 320 LEU A CD1 1 
ATOM   134 C CD2 . LEU A 1 15 ? 0.270   4.487   2.513   1.00 15.04 ? 320 LEU A CD2 1 
ATOM   135 N N   . ASN A 1 16 ? 4.249   7.151   0.020   1.00 10.02 ? 321 ASN A N   1 
ATOM   136 C CA  . ASN A 1 16 ? 4.684   8.473   -0.445  1.00 12.23 ? 321 ASN A CA  1 
ATOM   137 C C   . ASN A 1 16 ? 4.181   8.775   -1.863  1.00 11.97 ? 321 ASN A C   1 
ATOM   138 O O   . ASN A 1 16 ? 3.695   9.869   -2.141  1.00 13.58 ? 321 ASN A O   1 
ATOM   139 C CB  . ASN A 1 16 ? 6.199   8.595   -0.405  1.00 15.83 ? 321 ASN A CB  1 
ATOM   140 C CG  . ASN A 1 16 ? 6.676   9.880   -1.019  1.00 17.10 ? 321 ASN A CG  1 
ATOM   141 O OD1 . ASN A 1 16 ? 6.432   10.953  -0.478  1.00 15.01 ? 321 ASN A OD1 1 
ATOM   142 N ND2 . ASN A 1 16 ? 7.362   9.784   -2.160  1.00 16.53 ? 321 ASN A ND2 1 
ATOM   143 N N   . LYS A 1 17 ? 4.268   7.786   -2.750  1.00 11.20 ? 322 LYS A N   1 
ATOM   144 C CA  . LYS A 1 17 ? 3.830   7.959   -4.130  1.00 9.83  ? 322 LYS A CA  1 
ATOM   145 C C   . LYS A 1 17 ? 2.347   8.318   -4.261  1.00 13.73 ? 322 LYS A C   1 
ATOM   146 O O   . LYS A 1 17 ? 1.992   9.254   -4.979  1.00 13.92 ? 322 LYS A O   1 
ATOM   147 C CB  . LYS A 1 17 ? 4.152   6.712   -4.972  1.00 9.81  ? 322 LYS A CB  1 
ATOM   148 C CG  . LYS A 1 17 ? 3.690   6.824   -6.427  1.00 11.71 ? 322 LYS A CG  1 
ATOM   149 C CD  . LYS A 1 17 ? 4.022   5.574   -7.246  1.00 13.48 ? 322 LYS A CD  1 
ATOM   150 C CE  . LYS A 1 17 ? 3.549   5.738   -8.686  1.00 16.07 ? 322 LYS A CE  1 
ATOM   151 N NZ  . LYS A 1 17 ? 3.978   4.569   -9.531  1.00 21.85 ? 322 LYS A NZ  1 
ATOM   152 N N   . ILE A 1 18 ? 1.478   7.576   -3.584  1.00 10.76 ? 323 ILE A N   1 
ATOM   153 C CA  . ILE A 1 18 ? 0.039   7.794   -3.786  1.00 11.98 ? 323 ILE A CA  1 
ATOM   154 C C   . ILE A 1 18 ? -0.632  8.626   -2.681  1.00 16.62 ? 323 ILE A C   1 
ATOM   155 O O   . ILE A 1 18 ? -1.865  8.651   -2.560  1.00 15.79 ? 323 ILE A O   1 
ATOM   156 C CB  . ILE A 1 18 ? -0.727  6.469   -4.016  1.00 17.79 ? 323 ILE A CB  1 
ATOM   157 C CG1 . ILE A 1 18 ? -0.309  5.422   -2.991  1.00 20.99 ? 323 ILE A CG1 1 
ATOM   158 C CG2 . ILE A 1 18 ? -0.468  5.937   -5.443  1.00 18.45 ? 323 ILE A CG2 1 
ATOM   159 C CD1 . ILE A 1 18 ? -0.785  5.695   -1.603  1.00 17.31 ? 323 ILE A CD1 1 
ATOM   160 N N   . GLN A 1 19 ? 0.176   9.330   -1.895  1.00 13.54 ? 324 GLN A N   1 
ATOM   161 C CA  . GLN A 1 19 ? -0.346  10.058  -0.728  1.00 15.52 ? 324 GLN A CA  1 
ATOM   162 C C   . GLN A 1 19 ? -1.522  10.989  -1.018  1.00 17.57 ? 324 GLN A C   1 
ATOM   163 O O   . GLN A 1 19 ? -2.403  11.164  -0.166  1.00 17.32 ? 324 GLN A O   1 
ATOM   164 C CB  . GLN A 1 19 ? 0.774   10.846  -0.053  1.00 11.30 ? 324 GLN A CB  1 
ATOM   165 C CG  . GLN A 1 19 ? 1.397   11.938  -0.908  1.00 14.15 ? 324 GLN A CG  1 
ATOM   166 C CD  . GLN A 1 19 ? 2.499   12.654  -0.147  1.00 16.21 ? 324 GLN A CD  1 
ATOM   167 O OE1 . GLN A 1 19 ? 2.248   13.633  0.553   1.00 22.15 ? 324 GLN A OE1 1 
ATOM   168 N NE2 . GLN A 1 19 ? 3.717   12.126  -0.232  1.00 13.26 ? 324 GLN A NE2 1 
ATOM   169 N N   . ASN A 1 20 ? -1.538  11.607  -2.200  1.00 13.46 ? 325 ASN A N   1 
ATOM   170 C CA  . ASN A 1 20 ? -2.624  12.531  -2.547  1.00 13.75 ? 325 ASN A CA  1 
ATOM   171 C C   . ASN A 1 20 ? -3.982  11.873  -2.785  1.00 18.16 ? 325 ASN A C   1 
ATOM   172 O O   . ASN A 1 20 ? -5.012  12.525  -2.637  1.00 17.10 ? 325 ASN A O   1 
ATOM   173 C CB  . ASN A 1 20 ? -2.254  13.393  -3.751  1.00 17.86 ? 325 ASN A CB  1 
ATOM   174 C CG  . ASN A 1 20 ? -1.024  14.235  -3.494  1.00 29.15 ? 325 ASN A CG  1 
ATOM   175 O OD1 . ASN A 1 20 ? -1.032  15.121  -2.638  1.00 34.65 ? 325 ASN A OD1 1 
ATOM   176 N ND2 . ASN A 1 20 ? 0.043   13.958  -4.223  1.00 27.22 ? 325 ASN A ND2 1 
ATOM   177 N N   . SER A 1 21 ? -3.982  10.596  -3.166  1.00 14.51 ? 326 SER A N   1 
ATOM   178 C CA  . SER A 1 21 ? -5.229  9.874   -3.414  1.00 14.24 ? 326 SER A CA  1 
ATOM   179 C C   . SER A 1 21 ? -5.521  8.829   -2.335  1.00 14.01 ? 326 SER A C   1 
ATOM   180 O O   . SER A 1 21 ? -6.520  8.117   -2.412  1.00 15.96 ? 326 SER A O   1 
ATOM   181 C CB  . SER A 1 21 ? -5.214  9.219   -4.799  1.00 22.62 ? 326 SER A CB  1 
ATOM   182 O OG  . SER A 1 21 ? -4.197  8.233   -4.884  1.00 18.92 ? 326 SER A OG  1 
ATOM   183 N N   . LEU A 1 22 ? -4.651  8.747   -1.335  1.00 17.10 ? 327 LEU A N   1 
ATOM   184 C CA  . LEU A 1 22 ? -4.827  7.812   -0.225  1.00 17.67 ? 327 LEU A CA  1 
ATOM   185 C C   . LEU A 1 22 ? -6.117  8.122   0.527   1.00 21.45 ? 327 LEU A C   1 
ATOM   186 O O   . LEU A 1 22 ? -6.360  9.263   0.900   1.00 18.71 ? 327 LEU A O   1 
ATOM   187 C CB  . LEU A 1 22 ? -3.622  7.875   0.726   1.00 15.87 ? 327 LEU A CB  1 
ATOM   188 C CG  . LEU A 1 22 ? -3.653  6.972   1.970   1.00 18.02 ? 327 LEU A CG  1 
ATOM   189 C CD1 . LEU A 1 22 ? -3.608  5.494   1.587   1.00 16.74 ? 327 LEU A CD1 1 
ATOM   190 C CD2 . LEU A 1 22 ? -2.511  7.317   2.915   1.00 19.26 ? 327 LEU A CD2 1 
ATOM   191 N N   . SER A 1 23 ? -6.941  7.101   0.747   1.00 16.75 ? 328 SER A N   1 
ATOM   192 C CA  . SER A 1 23 ? -8.211  7.287   1.433   1.00 17.84 ? 328 SER A CA  1 
ATOM   193 C C   . SER A 1 23 ? -8.610  5.983   2.109   1.00 20.60 ? 328 SER A C   1 
ATOM   194 O O   . SER A 1 23 ? -7.782  5.084   2.250   1.00 18.90 ? 328 SER A O   1 
ATOM   195 C CB  . SER A 1 23 ? -9.297  7.713   0.445   1.00 23.19 ? 328 SER A CB  1 
ATOM   196 O OG  . SER A 1 23 ? -9.648  6.632   -0.395  1.00 22.25 ? 328 SER A OG  1 
ATOM   197 N N   . THR A 1 24 ? -9.876  5.882   2.520   1.00 23.67 ? 329 THR A N   1 
ATOM   198 C CA  . THR A 1 24 ? -10.382 4.643   3.128   1.00 21.41 ? 329 THR A CA  1 
ATOM   199 C C   . THR A 1 24 ? -10.795 3.611   2.083   1.00 23.17 ? 329 THR A C   1 
ATOM   200 O O   . THR A 1 24 ? -11.230 2.506   2.425   1.00 24.89 ? 329 THR A O   1 
ATOM   201 C CB  . THR A 1 24 ? -11.567 4.894   4.081   1.00 23.18 ? 329 THR A CB  1 
ATOM   202 O OG1 . THR A 1 24 ? -12.636 5.537   3.374   1.00 25.14 ? 329 THR A OG1 1 
ATOM   203 C CG2 . THR A 1 24 ? -11.140 5.765   5.243   1.00 24.58 ? 329 THR A CG2 1 
ATOM   204 N N   . GLU A 1 25 ? -10.659 3.969   0.811   1.00 21.15 ? 330 GLU A N   1 
ATOM   205 C CA  . GLU A 1 25 ? -10.843 3.004   -0.267  1.00 24.32 ? 330 GLU A CA  1 
ATOM   206 C C   . GLU A 1 25 ? -9.479  2.476   -0.702  1.00 18.86 ? 330 GLU A C   1 
ATOM   207 O O   . GLU A 1 25 ? -8.487  3.212   -0.686  1.00 19.90 ? 330 GLU A O   1 
ATOM   208 C CB  . GLU A 1 25 ? -11.567 3.648   -1.454  1.00 29.67 ? 330 GLU A CB  1 
ATOM   209 C CG  . GLU A 1 25 ? -12.943 4.236   -1.110  1.00 40.96 ? 330 GLU A CG  1 
ATOM   210 C CD  . GLU A 1 25 ? -13.933 3.190   -0.609  1.00 51.90 ? 330 GLU A CD  1 
ATOM   211 O OE1 . GLU A 1 25 ? -13.799 2.007   -0.995  1.00 53.37 ? 330 GLU A OE1 1 
ATOM   212 O OE2 . GLU A 1 25 ? -14.843 3.555   0.172   1.00 54.23 ? 330 GLU A OE2 1 
ATOM   213 N N   . TRP A 1 26 ? -9.415  1.204   -1.083  1.00 20.34 ? 331 TRP A N   1 
ATOM   214 C CA  . TRP A 1 26 ? -8.141  0.627   -1.503  1.00 16.40 ? 331 TRP A CA  1 
ATOM   215 C C   . TRP A 1 26 ? -7.528  1.419   -2.648  1.00 15.98 ? 331 TRP A C   1 
ATOM   216 O O   . TRP A 1 26 ? -8.221  1.808   -3.590  1.00 18.19 ? 331 TRP A O   1 
ATOM   217 C CB  . TRP A 1 26 ? -8.319  -0.819  -1.952  1.00 19.92 ? 331 TRP A CB  1 
ATOM   218 C CG  . TRP A 1 26 ? -8.572  -1.765  -0.839  1.00 25.75 ? 331 TRP A CG  1 
ATOM   219 C CD1 . TRP A 1 26 ? -9.737  -2.417  -0.566  1.00 38.63 ? 331 TRP A CD1 1 
ATOM   220 C CD2 . TRP A 1 26 ? -7.634  -2.181  0.158   1.00 22.26 ? 331 TRP A CD2 1 
ATOM   221 N NE1 . TRP A 1 26 ? -9.584  -3.217  0.543   1.00 38.87 ? 331 TRP A NE1 1 
ATOM   222 C CE2 . TRP A 1 26 ? -8.302  -3.085  1.008   1.00 33.26 ? 331 TRP A CE2 1 
ATOM   223 C CE3 . TRP A 1 26 ? -6.301  -1.865  0.423   1.00 20.56 ? 331 TRP A CE3 1 
ATOM   224 C CZ2 . TRP A 1 26 ? -7.675  -3.689  2.096   1.00 30.06 ? 331 TRP A CZ2 1 
ATOM   225 C CZ3 . TRP A 1 26 ? -5.679  -2.467  1.502   1.00 20.03 ? 331 TRP A CZ3 1 
ATOM   226 C CH2 . TRP A 1 26 ? -6.369  -3.363  2.331   1.00 24.14 ? 331 TRP A CH2 1 
ATOM   227 N N   . SER A 1 27 ? -6.221  1.634   -2.571  1.00 18.24 ? 332 SER A N   1 
ATOM   228 C CA  . SER A 1 27 ? -5.479  2.295   -3.640  1.00 16.40 ? 332 SER A CA  1 
ATOM   229 C C   . SER A 1 27 ? -5.414  1.410   -4.884  1.00 14.41 ? 332 SER A C   1 
ATOM   230 O O   . SER A 1 27 ? -5.743  0.230   -4.831  1.00 16.46 ? 332 SER A O   1 
ATOM   231 C CB  . SER A 1 27 ? -4.047  2.556   -3.172  1.00 18.50 ? 332 SER A CB  1 
ATOM   232 O OG  . SER A 1 27 ? -3.338  1.324   -3.044  1.00 15.40 ? 332 SER A OG  1 
ATOM   233 N N   . PRO A 1 28 ? -4.960  1.972   -6.013  1.00 15.02 ? 333 PRO A N   1 
ATOM   234 C CA  . PRO A 1 28 ? -4.634  1.089   -7.134  1.00 15.49 ? 333 PRO A CA  1 
ATOM   235 C C   . PRO A 1 28 ? -3.521  0.126   -6.712  1.00 13.95 ? 333 PRO A C   1 
ATOM   236 O O   . PRO A 1 28 ? -2.794  0.400   -5.749  1.00 15.09 ? 333 PRO A O   1 
ATOM   237 C CB  . PRO A 1 28 ? -4.117  2.054   -8.211  1.00 17.62 ? 333 PRO A CB  1 
ATOM   238 C CG  . PRO A 1 28 ? -4.635  3.399   -7.825  1.00 19.02 ? 333 PRO A CG  1 
ATOM   239 C CD  . PRO A 1 28 ? -4.729  3.391   -6.328  1.00 18.52 ? 333 PRO A CD  1 
ATOM   240 N N   . CYS A 1 29 ? -3.398  -1.001  -7.404  1.00 13.49 ? 334 CYS A N   1 
ATOM   241 C CA  . CYS A 1 29 ? -2.256  -1.879  -7.175  1.00 14.46 ? 334 CYS A CA  1 
ATOM   242 C C   . CYS A 1 29 ? -0.983  -1.116  -7.537  1.00 13.55 ? 334 CYS A C   1 
ATOM   243 O O   . CYS A 1 29 ? -0.958  -0.373  -8.520  1.00 14.15 ? 334 CYS A O   1 
ATOM   244 C CB  . CYS A 1 29 ? -2.389  -3.143  -8.024  1.00 20.17 ? 334 CYS A CB  1 
ATOM   245 S SG  . CYS A 1 29 ? -1.119  -4.390  -7.751  1.00 18.40 ? 334 CYS A SG  1 
ATOM   246 N N   . SER A 1 30 ? 0.065   -1.292  -6.739  1.00 10.90 ? 335 SER A N   1 
ATOM   247 C CA  . SER A 1 30 ? 1.333   -0.581  -6.958  1.00 11.89 ? 335 SER A CA  1 
ATOM   248 C C   . SER A 1 30 ? 2.066   -0.944  -8.260  1.00 15.36 ? 335 SER A C   1 
ATOM   249 O O   . SER A 1 30 ? 2.979   -0.218  -8.680  1.00 13.51 ? 335 SER A O   1 
ATOM   250 C CB  . SER A 1 30 ? 2.278   -0.796  -5.770  1.00 13.57 ? 335 SER A CB  1 
ATOM   251 O OG  . SER A 1 30 ? 2.603   -2.167  -5.638  1.00 11.64 ? 335 SER A OG  1 
ATOM   252 N N   . VAL A 1 31 ? 1.701   -2.077  -8.868  1.00 13.41 ? 336 VAL A N   1 
ATOM   253 C CA  . VAL A 1 31 ? 2.328   -2.549  -10.108 1.00 15.40 ? 336 VAL A CA  1 
ATOM   254 C C   . VAL A 1 31 ? 1.275   -2.800  -11.194 1.00 15.90 ? 336 VAL A C   1 
ATOM   255 O O   . VAL A 1 31 ? 0.089   -2.941  -10.898 1.00 15.12 ? 336 VAL A O   1 
ATOM   256 C CB  . VAL A 1 31 ? 3.128   -3.865  -9.883  1.00 11.51 ? 336 VAL A CB  1 
ATOM   257 C CG1 . VAL A 1 31 ? 4.249   -3.650  -8.868  1.00 14.26 ? 336 VAL A CG1 1 
ATOM   258 C CG2 . VAL A 1 31 ? 2.200   -4.960  -9.407  1.00 13.65 ? 336 VAL A CG2 1 
ATOM   259 N N   . THR A 1 32 ? 1.709   -2.847  -12.449 1.00 15.90 ? 337 THR A N   1 
ATOM   260 C CA  . THR A 1 32 ? 0.820   -3.173  -13.555 1.00 17.85 ? 337 THR A CA  1 
ATOM   261 C C   . THR A 1 32 ? 1.053   -4.599  -14.060 1.00 19.57 ? 337 THR A C   1 
ATOM   262 O O   . THR A 1 32 ? 0.314   -5.091  -14.916 1.00 21.47 ? 337 THR A O   1 
ATOM   263 C CB  . THR A 1 32 ? 0.997   -2.180  -14.714 1.00 20.61 ? 337 THR A CB  1 
ATOM   264 O OG1 . THR A 1 32 ? 2.355   -2.213  -15.156 1.00 23.41 ? 337 THR A OG1 1 
ATOM   265 C CG2 . THR A 1 32 ? 0.671   -0.771  -14.243 1.00 27.07 ? 337 THR A CG2 1 
ATOM   266 N N   . CYS A 1 33 ? 2.086   -5.256  -13.536 1.00 14.72 ? 338 CYS A N   1 
ATOM   267 C CA  . CYS A 1 33 ? 2.306   -6.679  -13.796 1.00 12.18 ? 338 CYS A CA  1 
ATOM   268 C C   . CYS A 1 33 ? 3.017   -7.291  -12.595 1.00 14.31 ? 338 CYS A C   1 
ATOM   269 O O   . CYS A 1 33 ? 3.669   -6.578  -11.820 1.00 13.15 ? 338 CYS A O   1 
ATOM   270 C CB  . CYS A 1 33 ? 3.116   -6.909  -15.082 1.00 15.53 ? 338 CYS A CB  1 
ATOM   271 S SG  . CYS A 1 33 ? 4.857   -6.393  -14.970 1.00 18.00 ? 338 CYS A SG  1 
ATOM   272 N N   . GLY A 1 34 ? 2.880   -8.600  -12.421 1.00 15.34 ? 339 GLY A N   1 
ATOM   273 C CA  . GLY A 1 34 ? 3.462   -9.272  -11.269 1.00 14.58 ? 339 GLY A CA  1 
ATOM   274 C C   . GLY A 1 34 ? 2.773   -8.930  -9.955  1.00 16.36 ? 339 GLY A C   1 
ATOM   275 O O   . GLY A 1 34 ? 1.596   -8.553  -9.944  1.00 17.25 ? 339 GLY A O   1 
ATOM   276 N N   . ASN A 1 35 ? 3.503   -9.065  -8.845  1.00 11.28 ? 340 ASN A N   1 
ATOM   277 C CA  . ASN A 1 35 ? 2.952   -8.797  -7.514  1.00 11.10 ? 340 ASN A CA  1 
ATOM   278 C C   . ASN A 1 35 ? 3.283   -7.414  -6.950  1.00 14.03 ? 340 ASN A C   1 
ATOM   279 O O   . ASN A 1 35 ? 4.413   -6.944  -7.060  1.00 13.15 ? 340 ASN A O   1 
ATOM   280 C CB  . ASN A 1 35 ? 3.450   -9.822  -6.498  1.00 10.88 ? 340 ASN A CB  1 
ATOM   281 C CG  . ASN A 1 35 ? 2.821   -11.192 -6.672  1.00 14.15 ? 340 ASN A CG  1 
ATOM   282 O OD1 . ASN A 1 35 ? 2.214   -11.504 -7.702  1.00 18.39 ? 340 ASN A OD1 1 
ATOM   283 N ND2 . ASN A 1 35 ? 2.974   -12.029 -5.652  1.00 16.54 ? 340 ASN A ND2 1 
ATOM   284 N N   . GLY A 1 36 ? 2.304   -6.795  -6.299  1.00 11.98 ? 341 GLY A N   1 
ATOM   285 C CA  . GLY A 1 36 ? 2.508   -5.509  -5.650  1.00 10.58 ? 341 GLY A CA  1 
ATOM   286 C C   . GLY A 1 36 ? 1.689   -5.385  -4.376  1.00 12.37 ? 341 GLY A C   1 
ATOM   287 O O   . GLY A 1 36 ? 1.382   -6.378  -3.729  1.00 13.48 ? 341 GLY A O   1 
ATOM   288 N N   . ILE A 1 37 ? 1.335   -4.158  -4.025  1.00 12.40 ? 342 ILE A N   1 
ATOM   289 C CA  . ILE A 1 37 ? 0.568   -3.905  -2.817  1.00 11.66 ? 342 ILE A CA  1 
ATOM   290 C C   . ILE A 1 37 ? -0.554  -2.916  -3.093  1.00 11.83 ? 342 ILE A C   1 
ATOM   291 O O   . ILE A 1 37 ? -0.445  -2.056  -3.957  1.00 12.42 ? 342 ILE A O   1 
ATOM   292 C CB  . ILE A 1 37 ? 1.466   -3.358  -1.692  1.00 12.15 ? 342 ILE A CB  1 
ATOM   293 C CG1 . ILE A 1 37 ? 0.850   -3.641  -0.315  1.00 13.70 ? 342 ILE A CG1 1 
ATOM   294 C CG2 . ILE A 1 37 ? 1.772   -1.874  -1.897  1.00 16.30 ? 342 ILE A CG2 1 
ATOM   295 C CD1 . ILE A 1 37 ? 1.106   -5.069  0.157   1.00 16.83 ? 342 ILE A CD1 1 
ATOM   296 N N   . GLN A 1 38 ? -1.644  -3.073  -2.358  1.00 14.05 ? 343 GLN A N   1 
ATOM   297 C CA  . GLN A 1 38 ? -2.644  -2.027  -2.249  1.00 13.66 ? 343 GLN A CA  1 
ATOM   298 C C   . GLN A 1 38 ? -2.702  -1.586  -0.791  1.00 15.94 ? 343 GLN A C   1 
ATOM   299 O O   . GLN A 1 38 ? -2.496  -2.389  0.120   1.00 15.75 ? 343 GLN A O   1 
ATOM   300 C CB  . GLN A 1 38 ? -4.016  -2.551  -2.677  1.00 18.01 ? 343 GLN A CB  1 
ATOM   301 C CG  . GLN A 1 38 ? -4.192  -2.695  -4.171  1.00 20.47 ? 343 GLN A CG  1 
ATOM   302 C CD  . GLN A 1 38 ? -5.487  -3.378  -4.518  1.00 24.01 ? 343 GLN A CD  1 
ATOM   303 O OE1 . GLN A 1 38 ? -5.613  -4.601  -4.397  1.00 23.40 ? 343 GLN A OE1 1 
ATOM   304 N NE2 . GLN A 1 38 ? -6.472  -2.594  -4.935  1.00 24.06 ? 343 GLN A NE2 1 
ATOM   305 N N   . VAL A 1 39 ? -2.989  -0.308  -0.582  1.00 13.93 ? 344 VAL A N   1 
ATOM   306 C CA  . VAL A 1 39 ? -3.070  0.260   0.762   1.00 14.74 ? 344 VAL A CA  1 
ATOM   307 C C   . VAL A 1 39 ? -4.308  1.141   0.930   1.00 16.66 ? 344 VAL A C   1 
ATOM   308 O O   . VAL A 1 39 ? -4.856  1.673   -0.038  1.00 17.45 ? 344 VAL A O   1 
ATOM   309 C CB  . VAL A 1 39 ? -1.820  1.106   1.102   1.00 18.02 ? 344 VAL A CB  1 
ATOM   310 C CG1 . VAL A 1 39 ? -0.567  0.226   1.158   1.00 19.36 ? 344 VAL A CG1 1 
ATOM   311 C CG2 . VAL A 1 39 ? -1.627  2.243   0.085   1.00 15.78 ? 344 VAL A CG2 1 
ATOM   312 N N   . ARG A 1 40 ? -4.754  1.280   2.172   1.00 15.51 ? 345 ARG A N   1 
ATOM   313 C CA  . ARG A 1 40 ? -5.812  2.226   2.494   1.00 19.20 ? 345 ARG A CA  1 
ATOM   314 C C   . ARG A 1 40 ? -5.674  2.645   3.940   1.00 23.72 ? 345 ARG A C   1 
ATOM   315 O O   . ARG A 1 40 ? -4.976  1.996   4.727   1.00 24.80 ? 345 ARG A O   1 
ATOM   316 C CB  . ARG A 1 40 ? -7.217  1.649   2.230   1.00 17.75 ? 345 ARG A CB  1 
ATOM   317 C CG  . ARG A 1 40 ? -7.665  0.494   3.150   1.00 20.86 ? 345 ARG A CG  1 
ATOM   318 C CD  . ARG A 1 40 ? -9.122  0.093   2.862   1.00 25.38 ? 345 ARG A CD  1 
ATOM   319 N NE  . ARG A 1 40 ? -9.514  -1.140  3.547   1.00 39.53 ? 345 ARG A NE  1 
ATOM   320 C CZ  . ARG A 1 40 ? -10.611 -1.841  3.266   1.00 50.74 ? 345 ARG A CZ  1 
ATOM   321 N NH1 . ARG A 1 40 ? -11.440 -1.432  2.313   1.00 53.79 ? 345 ARG A NH1 1 
ATOM   322 N NH2 . ARG A 1 40 ? -10.888 -2.952  3.939   1.00 54.02 ? 345 ARG A NH2 1 
ATOM   323 N N   . ILE A 1 41 ? -6.311  3.757   4.277   1.00 18.08 ? 346 ILE A N   1 
ATOM   324 C CA  . ILE A 1 41 ? -6.432  4.155   5.671   1.00 17.05 ? 346 ILE A CA  1 
ATOM   325 C C   . ILE A 1 41 ? -7.557  3.368   6.344   1.00 20.12 ? 346 ILE A C   1 
ATOM   326 O O   . ILE A 1 41 ? -8.659  3.250   5.799   1.00 24.77 ? 346 ILE A O   1 
ATOM   327 C CB  . ILE A 1 41 ? -6.685  5.669   5.775   1.00 18.24 ? 346 ILE A CB  1 
ATOM   328 C CG1 . ILE A 1 41 ? -5.460  6.434   5.256   1.00 18.26 ? 346 ILE A CG1 1 
ATOM   329 C CG2 . ILE A 1 41 ? -7.009  6.058   7.209   1.00 20.88 ? 346 ILE A CG2 1 
ATOM   330 C CD1 . ILE A 1 41 ? -5.715  7.883   5.008   1.00 22.19 ? 346 ILE A CD1 1 
ATOM   331 N N   . LYS A 1 42 ? -7.288  2.809   7.524   1.00 21.66 ? 347 LYS A N   1 
ATOM   332 C CA  . LYS A 1 42 ? -8.337  2.128   8.276   1.00 25.07 ? 347 LYS A CA  1 
ATOM   333 C C   . LYS A 1 42 ? -9.489  3.080   8.544   1.00 21.98 ? 347 LYS A C   1 
ATOM   334 O O   . LYS A 1 42 ? -9.264  4.223   8.912   1.00 24.54 ? 347 LYS A O   1 
ATOM   335 C CB  . LYS A 1 42 ? -7.799  1.579   9.597   1.00 34.86 ? 347 LYS A CB  1 
ATOM   336 C CG  . LYS A 1 42 ? -6.911  0.377   9.415   1.00 44.01 ? 347 LYS A CG  1 
ATOM   337 C CD  . LYS A 1 42 ? -6.563  -0.303  10.725  1.00 48.71 ? 347 LYS A CD  1 
ATOM   338 C CE  . LYS A 1 42 ? -5.598  -1.456  10.467  1.00 51.05 ? 347 LYS A CE  1 
ATOM   339 N NZ  . LYS A 1 42 ? -5.065  -2.059  11.717  1.00 57.21 ? 347 LYS A NZ  1 
ATOM   340 N N   . PRO A 1 43 ? -10.730 2.615   8.340   1.00 25.36 ? 348 PRO A N   1 
ATOM   341 C CA  . PRO A 1 43 ? -11.903 3.469   8.551   1.00 30.52 ? 348 PRO A CA  1 
ATOM   342 C C   . PRO A 1 43 ? -11.900 4.159   9.919   1.00 30.60 ? 348 PRO A C   1 
ATOM   343 O O   . PRO A 1 43 ? -12.292 5.321   10.001  1.00 29.68 ? 348 PRO A O   1 
ATOM   344 C CB  . PRO A 1 43 ? -13.067 2.485   8.441   1.00 36.98 ? 348 PRO A CB  1 
ATOM   345 C CG  . PRO A 1 43 ? -12.567 1.457   7.489   1.00 41.56 ? 348 PRO A CG  1 
ATOM   346 C CD  . PRO A 1 43 ? -11.100 1.302   7.785   1.00 38.07 ? 348 PRO A CD  1 
ATOM   347 N N   . GLY A 1 44 ? -11.463 3.463   10.966  1.00 27.42 ? 349 GLY A N   1 
ATOM   348 C CA  . GLY A 1 44 ? -11.420 4.047   12.298  1.00 25.62 ? 349 GLY A CA  1 
ATOM   349 C C   . GLY A 1 44 ? -10.337 5.103   12.456  1.00 26.65 ? 349 GLY A C   1 
ATOM   350 O O   . GLY A 1 44 ? -10.257 5.770   13.489  1.00 28.71 ? 349 GLY A O   1 
ATOM   351 N N   . SER A 1 45 ? -9.503  5.253   11.428  1.00 19.88 ? 350 SER A N   1 
ATOM   352 C CA  . SER A 1 45 ? -8.428  6.247   11.448  1.00 17.63 ? 350 SER A CA  1 
ATOM   353 C C   . SER A 1 45 ? -8.700  7.424   10.504  1.00 16.13 ? 350 SER A C   1 
ATOM   354 O O   . SER A 1 45 ? -7.838  8.292   10.295  1.00 18.15 ? 350 SER A O   1 
ATOM   355 C CB  . SER A 1 45 ? -7.104  5.572   11.098  1.00 17.86 ? 350 SER A CB  1 
ATOM   356 O OG  . SER A 1 45 ? -6.755  4.618   12.093  1.00 22.97 ? 350 SER A OG  1 
ATOM   357 N N   . ALA A 1 46 ? -9.904  7.463   9.946   1.00 19.58 ? 351 ALA A N   1 
ATOM   358 C CA  . ALA A 1 46 ? -10.251 8.449   8.918   1.00 20.21 ? 351 ALA A CA  1 
ATOM   359 C C   . ALA A 1 46 ? -10.209 9.902   9.403   1.00 22.93 ? 351 ALA A C   1 
ATOM   360 O O   . ALA A 1 46 ? -10.050 10.822  8.596   1.00 22.11 ? 351 ALA A O   1 
ATOM   361 C CB  . ALA A 1 46 ? -11.614 8.129   8.317   1.00 23.82 ? 351 ALA A CB  1 
ATOM   362 N N   . ASN A 1 47 ? -10.341 10.102  10.713  1.00 17.19 ? 352 ASN A N   1 
ATOM   363 C CA  . ASN A 1 47 ? -10.348 11.445  11.296  1.00 17.87 ? 352 ASN A CA  1 
ATOM   364 C C   . ASN A 1 47 ? -8.950  12.003  11.564  1.00 21.61 ? 352 ASN A C   1 
ATOM   365 O O   . ASN A 1 47 ? -8.803  13.194  11.861  1.00 23.28 ? 352 ASN A O   1 
ATOM   366 C CB  . ASN A 1 47 ? -11.135 11.461  12.616  1.00 20.21 ? 352 ASN A CB  1 
ATOM   367 C CG  . ASN A 1 47 ? -12.640 11.240  12.430  1.00 35.85 ? 352 ASN A CG  1 
ATOM   368 O OD1 . ASN A 1 47 ? -13.277 10.574  13.247  1.00 46.79 ? 352 ASN A OD1 1 
ATOM   369 N ND2 . ASN A 1 47 ? -13.213 11.813  11.379  1.00 27.13 ? 352 ASN A ND2 1 
ATOM   370 N N   . LYS A 1 48 ? -7.933  11.152  11.474  1.00 20.94 ? 353 LYS A N   1 
ATOM   371 C CA  . LYS A 1 48 ? -6.567  11.567  11.809  1.00 18.12 ? 353 LYS A CA  1 
ATOM   372 C C   . LYS A 1 48 ? -5.952  12.463  10.751  1.00 17.16 ? 353 LYS A C   1 
ATOM   373 O O   . LYS A 1 48 ? -6.234  12.308  9.559   1.00 17.60 ? 353 LYS A O   1 
ATOM   374 C CB  . LYS A 1 48 ? -5.677  10.346  12.043  1.00 17.37 ? 353 LYS A CB  1 
ATOM   375 C CG  . LYS A 1 48 ? -6.105  9.530   13.249  1.00 18.43 ? 353 LYS A CG  1 
ATOM   376 C CD  . LYS A 1 48 ? -5.098  8.435   13.589  1.00 21.94 ? 353 LYS A CD  1 
ATOM   377 C CE  . LYS A 1 48 ? -5.578  7.680   14.831  1.00 27.52 ? 353 LYS A CE  1 
ATOM   378 N NZ  . LYS A 1 48 ? -4.614  6.658   15.335  1.00 31.65 ? 353 LYS A NZ  1 
ATOM   379 N N   . PRO A 1 49 ? -5.098  13.408  11.183  1.00 19.79 ? 354 PRO A N   1 
ATOM   380 C CA  . PRO A 1 49 ? -4.338  14.197  10.215  1.00 19.57 ? 354 PRO A CA  1 
ATOM   381 C C   . PRO A 1 49 ? -3.283  13.320  9.548   1.00 16.40 ? 354 PRO A C   1 
ATOM   382 O O   . PRO A 1 49 ? -2.865  12.304  10.108  1.00 18.07 ? 354 PRO A O   1 
ATOM   383 C CB  . PRO A 1 49 ? -3.669  15.258  11.090  1.00 18.13 ? 354 PRO A CB  1 
ATOM   384 C CG  . PRO A 1 49 ? -3.460  14.560  12.401  1.00 22.17 ? 354 PRO A CG  1 
ATOM   385 C CD  . PRO A 1 49 ? -4.730  13.742  12.571  1.00 22.16 ? 354 PRO A CD  1 
ATOM   386 N N   . LYS A 1 50 ? -2.862  13.728  8.357   1.00 19.76 ? 355 LYS A N   1 
ATOM   387 C CA  . LYS A 1 50 ? -1.859  13.012  7.589   1.00 19.67 ? 355 LYS A CA  1 
ATOM   388 C C   . LYS A 1 50 ? -0.582  12.778  8.402   1.00 20.50 ? 355 LYS A C   1 
ATOM   389 O O   . LYS A 1 50 ? 0.051   11.731  8.284   1.00 21.41 ? 355 LYS A O   1 
ATOM   390 C CB  . LYS A 1 50 ? -1.586  13.800  6.299   1.00 22.66 ? 355 LYS A CB  1 
ATOM   391 C CG  . LYS A 1 50 ? -0.361  13.410  5.507   1.00 27.02 ? 355 LYS A CG  1 
ATOM   392 C CD  . LYS A 1 50 ? -0.217  14.357  4.309   1.00 31.68 ? 355 LYS A CD  1 
ATOM   393 C CE  . LYS A 1 50 ? 1.105   14.169  3.593   1.00 35.84 ? 355 LYS A CE  1 
ATOM   394 N NZ  . LYS A 1 50 ? 2.247   14.584  4.453   1.00 40.23 ? 355 LYS A NZ  1 
ATOM   395 N N   . ASP A 1 51 ? -0.216  13.738  9.248   1.00 17.68 ? 356 ASP A N   1 
ATOM   396 C CA  . ASP A 1 51 ? 1.026   13.624  10.007  1.00 17.19 ? 356 ASP A CA  1 
ATOM   397 C C   . ASP A 1 51 ? 0.932   12.811  11.293  1.00 20.86 ? 356 ASP A C   1 
ATOM   398 O O   . ASP A 1 51 ? 1.867   12.825  12.101  1.00 22.40 ? 356 ASP A O   1 
ATOM   399 C CB  . ASP A 1 51 ? 1.670   15.006  10.271  1.00 18.80 ? 356 ASP A CB  1 
ATOM   400 C CG  . ASP A 1 51 ? 0.809   15.925  11.139  1.00 23.14 ? 356 ASP A CG  1 
ATOM   401 O OD1 . ASP A 1 51 ? -0.192  15.466  11.724  1.00 19.56 ? 356 ASP A OD1 1 
ATOM   402 O OD2 . ASP A 1 51 ? 1.153   17.131  11.244  1.00 22.52 ? 356 ASP A OD2 1 
ATOM   403 N N   . GLU A 1 52 ? -0.184  12.105  11.491  1.00 14.22 ? 357 GLU A N   1 
ATOM   404 C CA  . GLU A 1 52 ? -0.302  11.218  12.650  1.00 15.22 ? 357 GLU A CA  1 
ATOM   405 C C   . GLU A 1 52 ? -0.808  9.829   12.293  1.00 18.20 ? 357 GLU A C   1 
ATOM   406 O O   . GLU A 1 52 ? -1.502  9.197   13.083  1.00 21.21 ? 357 GLU A O   1 
ATOM   407 C CB  . GLU A 1 52 ? -1.168  11.841  13.747  1.00 17.61 ? 357 GLU A CB  1 
ATOM   408 C CG  . GLU A 1 52 ? -0.524  13.073  14.389  1.00 26.00 ? 357 GLU A CG  1 
ATOM   409 C CD  . GLU A 1 52 ? -1.242  13.532  15.639  1.00 34.25 ? 357 GLU A CD  1 
ATOM   410 O OE1 . GLU A 1 52 ? -2.349  13.022  15.918  1.00 35.12 ? 357 GLU A OE1 1 
ATOM   411 O OE2 . GLU A 1 52 ? -0.694  14.403  16.347  1.00 37.10 ? 357 GLU A OE2 1 
ATOM   412 N N   . LEU A 1 53 ? -0.440  9.351   11.109  1.00 15.04 ? 358 LEU A N   1 
ATOM   413 C CA  . LEU A 1 53 ? -0.819  8.008   10.692  1.00 14.55 ? 358 LEU A CA  1 
ATOM   414 C C   . LEU A 1 53 ? 0.267   6.995   11.033  1.00 18.78 ? 358 LEU A C   1 
ATOM   415 O O   . LEU A 1 53 ? 1.369   7.041   10.492  1.00 21.44 ? 358 LEU A O   1 
ATOM   416 C CB  . LEU A 1 53 ? -1.124  7.980   9.200   1.00 16.00 ? 358 LEU A CB  1 
ATOM   417 C CG  . LEU A 1 53 ? -2.395  8.730   8.799   1.00 16.62 ? 358 LEU A CG  1 
ATOM   418 C CD1 . LEU A 1 53 ? -2.435  8.888   7.282   1.00 18.65 ? 358 LEU A CD1 1 
ATOM   419 C CD2 . LEU A 1 53 ? -3.643  8.006   9.308   1.00 18.87 ? 358 LEU A CD2 1 
ATOM   420 N N   . ASP A 1 54 ? -0.053  6.080   11.940  1.00 17.06 ? 359 ASP A N   1 
ATOM   421 C CA  . ASP A 1 54 ? 0.867   5.006   12.292  1.00 19.08 ? 359 ASP A CA  1 
ATOM   422 C C   . ASP A 1 54 ? 0.876   3.944   11.194  1.00 19.82 ? 359 ASP A C   1 
ATOM   423 O O   . ASP A 1 54 ? -0.180  3.478   10.763  1.00 20.43 ? 359 ASP A O   1 
ATOM   424 C CB  . ASP A 1 54 ? 0.458   4.385   13.629  1.00 28.78 ? 359 ASP A CB  1 
ATOM   425 C CG  . ASP A 1 54 ? 1.411   3.296   14.079  1.00 33.03 ? 359 ASP A CG  1 
ATOM   426 O OD1 . ASP A 1 54 ? 1.059   2.106   13.942  1.00 35.27 ? 359 ASP A OD1 1 
ATOM   427 O OD2 . ASP A 1 54 ? 2.512   3.635   14.565  1.00 37.84 ? 359 ASP A OD2 1 
ATOM   428 N N   . TYR A 1 55 ? 2.063   3.574   10.720  1.00 20.12 ? 360 TYR A N   1 
ATOM   429 C CA  . TYR A 1 55 ? 2.155   2.588   9.651   1.00 17.98 ? 360 TYR A CA  1 
ATOM   430 C C   . TYR A 1 55 ? 1.503   1.244   10.004  1.00 20.06 ? 360 TYR A C   1 
ATOM   431 O O   . TYR A 1 55 ? 0.761   0.673   9.204   1.00 20.63 ? 360 TYR A O   1 
ATOM   432 C CB  . TYR A 1 55 ? 3.616   2.355   9.236   1.00 20.06 ? 360 TYR A CB  1 
ATOM   433 C CG  . TYR A 1 55 ? 3.765   1.243   8.223   1.00 19.78 ? 360 TYR A CG  1 
ATOM   434 C CD1 . TYR A 1 55 ? 3.467   1.460   6.885   1.00 21.97 ? 360 TYR A CD1 1 
ATOM   435 C CD2 . TYR A 1 55 ? 4.203   -0.027  8.602   1.00 19.93 ? 360 TYR A CD2 1 
ATOM   436 C CE1 . TYR A 1 55 ? 3.594   0.452   5.947   1.00 21.76 ? 360 TYR A CE1 1 
ATOM   437 C CE2 . TYR A 1 55 ? 4.334   -1.045  7.665   1.00 21.87 ? 360 TYR A CE2 1 
ATOM   438 C CZ  . TYR A 1 55 ? 4.027   -0.794  6.337   1.00 20.55 ? 360 TYR A CZ  1 
ATOM   439 O OH  . TYR A 1 55 ? 4.146   -1.792  5.390   1.00 21.99 ? 360 TYR A OH  1 
ATOM   440 N N   . ALA A 1 56 ? 1.787   0.738   11.200  1.00 21.87 ? 361 ALA A N   1 
ATOM   441 C CA  . ALA A 1 56 ? 1.351   -0.604  11.572  1.00 28.39 ? 361 ALA A CA  1 
ATOM   442 C C   . ALA A 1 56 ? -0.142  -0.657  11.869  1.00 31.13 ? 361 ALA A C   1 
ATOM   443 O O   . ALA A 1 56 ? -0.816  -1.641  11.552  1.00 37.42 ? 361 ALA A O   1 
ATOM   444 C CB  . ALA A 1 56 ? 2.147   -1.102  12.771  1.00 28.53 ? 361 ALA A CB  1 
ATOM   445 N N   . ASN A 1 57 ? -0.651  0.418   12.459  1.00 23.14 ? 362 ASN A N   1 
ATOM   446 C CA  . ASN A 1 57 ? -1.988  0.425   13.033  1.00 30.92 ? 362 ASN A CA  1 
ATOM   447 C C   . ASN A 1 57 ? -3.047  1.210   12.263  1.00 30.22 ? 362 ASN A C   1 
ATOM   448 O O   . ASN A 1 57 ? -4.233  0.892   12.348  1.00 34.00 ? 362 ASN A O   1 
ATOM   449 C CB  . ASN A 1 57 ? -1.920  0.945   14.469  1.00 31.57 ? 362 ASN A CB  1 
ATOM   450 C CG  . ASN A 1 57 ? -1.152  0.011   15.393  1.00 41.06 ? 362 ASN A CG  1 
ATOM   451 O OD1 . ASN A 1 57 ? -1.300  -1.209  15.328  1.00 42.61 ? 362 ASN A OD1 1 
ATOM   452 N ND2 . ASN A 1 57 ? -0.331  0.587   16.263  1.00 48.52 ? 362 ASN A ND2 1 
ATOM   453 N N   . ASP A 1 58 ? -2.633  2.245   11.535  1.00 19.86 ? 363 ASP A N   1 
ATOM   454 C CA  . ASP A 1 58 ? -3.596  3.111   10.857  1.00 21.31 ? 363 ASP A CA  1 
ATOM   455 C C   . ASP A 1 58 ? -3.708  2.818   9.368   1.00 21.38 ? 363 ASP A C   1 
ATOM   456 O O   . ASP A 1 58 ? -4.654  3.262   8.721   1.00 22.30 ? 363 ASP A O   1 
ATOM   457 C CB  . ASP A 1 58 ? -3.251  4.590   11.063  1.00 23.17 ? 363 ASP A CB  1 
ATOM   458 C CG  . ASP A 1 58 ? -3.419  5.043   12.499  1.00 25.45 ? 363 ASP A CG  1 
ATOM   459 O OD1 . ASP A 1 58 ? -4.467  4.749   13.117  1.00 27.88 ? 363 ASP A OD1 1 
ATOM   460 O OD2 . ASP A 1 58 ? -2.499  5.703   13.022  1.00 27.43 ? 363 ASP A OD2 1 
ATOM   461 N N   . ILE A 1 59 ? -2.744  2.075   8.829   1.00 23.84 ? 364 ILE A N   1 
ATOM   462 C CA  . ILE A 1 59 ? -2.735  1.717   7.405   1.00 22.25 ? 364 ILE A CA  1 
ATOM   463 C C   . ILE A 1 59 ? -3.017  0.220   7.212   1.00 23.68 ? 364 ILE A C   1 
ATOM   464 O O   . ILE A 1 59 ? -2.422  -0.621  7.893   1.00 24.12 ? 364 ILE A O   1 
ATOM   465 C CB  . ILE A 1 59 ? -1.372  2.033   6.738   1.00 19.28 ? 364 ILE A CB  1 
ATOM   466 C CG1 . ILE A 1 59 ? -0.946  3.499   6.955   1.00 19.56 ? 364 ILE A CG1 1 
ATOM   467 C CG2 . ILE A 1 59 ? -1.403  1.673   5.237   1.00 20.23 ? 364 ILE A CG2 1 
ATOM   468 C CD1 . ILE A 1 59 ? -1.886  4.537   6.349   1.00 21.94 ? 364 ILE A CD1 1 
ATOM   469 N N   . GLU A 1 60 ? -3.936  -0.108  6.306   1.00 20.95 ? 365 GLU A N   1 
ATOM   470 C CA  . GLU A 1 60 ? -4.187  -1.502  5.936   1.00 19.97 ? 365 GLU A CA  1 
ATOM   471 C C   . GLU A 1 60 ? -3.480  -1.817  4.619   1.00 22.14 ? 365 GLU A C   1 
ATOM   472 O O   . GLU A 1 60 ? -3.407  -0.965  3.736   1.00 25.15 ? 365 GLU A O   1 
ATOM   473 C CB  . GLU A 1 60 ? -5.687  -1.781  5.805   1.00 26.17 ? 365 GLU A CB  1 
ATOM   474 C CG  . GLU A 1 60 ? -6.426  -1.734  7.133   1.00 43.14 ? 365 GLU A CG  1 
ATOM   475 C CD  . GLU A 1 60 ? -7.863  -2.224  7.038   1.00 52.71 ? 365 GLU A CD  1 
ATOM   476 O OE1 . GLU A 1 60 ? -8.272  -2.689  5.950   1.00 55.80 ? 365 GLU A OE1 1 
ATOM   477 O OE2 . GLU A 1 60 ? -8.583  -2.150  8.059   1.00 57.86 ? 365 GLU A OE2 1 
ATOM   478 N N   . LYS A 1 61 ? -2.960  -3.037  4.493   1.00 17.10 ? 366 LYS A N   1 
ATOM   479 C CA  . LYS A 1 61 ? -2.212  -3.434  3.296   1.00 17.05 ? 366 LYS A CA  1 
ATOM   480 C C   . LYS A 1 61 ? -2.724  -4.770  2.780   1.00 17.12 ? 366 LYS A C   1 
ATOM   481 O O   . LYS A 1 61 ? -3.115  -5.629  3.565   1.00 21.16 ? 366 LYS A O   1 
ATOM   482 C CB  . LYS A 1 61 ? -0.721  -3.602  3.608   1.00 19.92 ? 366 LYS A CB  1 
ATOM   483 C CG  . LYS A 1 61 ? -0.074  -2.449  4.370   1.00 19.39 ? 366 LYS A CG  1 
ATOM   484 C CD  . LYS A 1 61 ? -0.097  -2.720  5.857   1.00 25.34 ? 366 LYS A CD  1 
ATOM   485 C CE  . LYS A 1 61 ? 0.429   -1.546  6.655   1.00 25.72 ? 366 LYS A CE  1 
ATOM   486 N NZ  . LYS A 1 61 ? 0.209   -1.790  8.103   1.00 22.60 ? 366 LYS A NZ  1 
ATOM   487 N N   . LYS A 1 62 ? -2.683  -4.962  1.468   1.00 17.31 ? 367 LYS A N   1 
ATOM   488 C CA  . LYS A 1 62 ? -2.970  -6.273  0.907   1.00 16.96 ? 367 LYS A CA  1 
ATOM   489 C C   . LYS A 1 62 ? -2.182  -6.499  -0.378  1.00 20.66 ? 367 LYS A C   1 
ATOM   490 O O   . LYS A 1 62 ? -1.975  -5.580  -1.172  1.00 15.98 ? 367 LYS A O   1 
ATOM   491 C CB  . LYS A 1 62 ? -4.470  -6.467  0.686   1.00 19.60 ? 367 LYS A CB  1 
ATOM   492 C CG  . LYS A 1 62 ? -5.019  -5.825  -0.577  1.00 23.10 ? 367 LYS A CG  1 
ATOM   493 C CD  . LYS A 1 62 ? -6.532  -6.027  -0.641  1.00 32.99 ? 367 LYS A CD  1 
ATOM   494 C CE  . LYS A 1 62 ? -7.081  -5.853  -2.049  1.00 35.89 ? 367 LYS A CE  1 
ATOM   495 N NZ  . LYS A 1 62 ? -8.574  -5.869  -2.048  1.00 42.29 ? 367 LYS A NZ  1 
ATOM   496 N N   . ILE A 1 63 ? -1.713  -7.729  -0.561  1.00 15.89 ? 368 ILE A N   1 
ATOM   497 C CA  . ILE A 1 63 ? -0.994  -8.075  -1.774  1.00 15.04 ? 368 ILE A CA  1 
ATOM   498 C C   . ILE A 1 63 ? -1.940  -8.060  -2.974  1.00 16.42 ? 368 ILE A C   1 
ATOM   499 O O   . ILE A 1 63 ? -3.080  -8.524  -2.876  1.00 19.87 ? 368 ILE A O   1 
ATOM   500 C CB  . ILE A 1 63 ? -0.347  -9.467  -1.626  1.00 19.09 ? 368 ILE A CB  1 
ATOM   501 C CG1 . ILE A 1 63 ? 0.796   -9.405  -0.608  1.00 20.35 ? 368 ILE A CG1 1 
ATOM   502 C CG2 . ILE A 1 63 ? 0.144   -9.986  -2.969  1.00 22.03 ? 368 ILE A CG2 1 
ATOM   503 C CD1 . ILE A 1 63 ? 1.374   -10.769 -0.251  1.00 27.08 ? 368 ILE A CD1 1 
ATOM   504 N N   . CYS A 1 64 ? -1.476  -7.517  -4.097  1.00 15.15 ? 369 CYS A N   1 
ATOM   505 C CA  . CYS A 1 64 ? -2.237  -7.597  -5.343  1.00 20.01 ? 369 CYS A CA  1 
ATOM   506 C C   . CYS A 1 64 ? -1.411  -8.291  -6.421  1.00 18.45 ? 369 CYS A C   1 
ATOM   507 O O   . CYS A 1 64 ? -0.193  -8.108  -6.501  1.00 16.00 ? 369 CYS A O   1 
ATOM   508 C CB  . CYS A 1 64 ? -2.715  -6.218  -5.805  1.00 18.83 ? 369 CYS A CB  1 
ATOM   509 S SG  . CYS A 1 64 ? -1.423  -4.956  -5.813  1.00 21.28 ? 369 CYS A SG  1 
ATOM   510 N N   . LYS A 1 65 ? -2.081  -9.100  -7.236  1.00 16.85 ? 370 LYS A N   1 
ATOM   511 C CA  . LYS A 1 65 ? -1.397  -9.905  -8.240  1.00 18.46 ? 370 LYS A CA  1 
ATOM   512 C C   . LYS A 1 65 ? -1.954  -9.620  -9.625  1.00 23.69 ? 370 LYS A C   1 
ATOM   513 O O   . LYS A 1 65 ? -3.102  -9.957  -9.941  1.00 28.13 ? 370 LYS A O   1 
ATOM   514 C CB  . LYS A 1 65 ? -1.501  -11.392 -7.906  1.00 24.38 ? 370 LYS A CB  1 
ATOM   515 C CG  . LYS A 1 65 ? -1.044  -11.728 -6.498  1.00 28.21 ? 370 LYS A CG  1 
ATOM   516 C CD  . LYS A 1 65 ? -1.084  -13.222 -6.224  1.00 32.47 ? 370 LYS A CD  1 
ATOM   517 C CE  . LYS A 1 65 ? -0.689  -13.512 -4.781  1.00 36.91 ? 370 LYS A CE  1 
ATOM   518 N NZ  . LYS A 1 65 ? -0.634  -14.969 -4.480  1.00 40.61 ? 370 LYS A NZ  1 
ATOM   519 N N   . MET A 1 66 ? -1.124  -8.986  -10.437 1.00 17.18 ? 371 MET A N   1 
ATOM   520 C CA  . MET A 1 66 ? -1.477  -8.599  -11.787 1.00 19.03 ? 371 MET A CA  1 
ATOM   521 C C   . MET A 1 66 ? -0.984  -9.633  -12.798 1.00 22.10 ? 371 MET A C   1 
ATOM   522 O O   . MET A 1 66 ? -0.417  -10.663 -12.426 1.00 18.72 ? 371 MET A O   1 
ATOM   523 C CB  . MET A 1 66 ? -0.864  -7.233  -12.094 1.00 19.19 ? 371 MET A CB  1 
ATOM   524 C CG  . MET A 1 66 ? -1.222  -6.161  -11.070 1.00 19.33 ? 371 MET A CG  1 
ATOM   525 S SD  . MET A 1 66 ? -2.971  -5.750  -11.077 1.00 31.33 ? 371 MET A SD  1 
ATOM   526 C CE  . MET A 1 66 ? -3.122  -4.965  -12.674 1.00 28.89 ? 371 MET A CE  1 
ATOM   527 N N   . GLU A 1 67 ? -1.199  -9.354  -14.076 1.00 18.23 ? 372 GLU A N   1 
ATOM   528 C CA  . GLU A 1 67 ? -0.809  -10.280 -15.132 1.00 19.68 ? 372 GLU A CA  1 
ATOM   529 C C   . GLU A 1 67 ? 0.702   -10.467 -15.141 1.00 17.07 ? 372 GLU A C   1 
ATOM   530 O O   . GLU A 1 67 ? 1.440   -9.599  -14.684 1.00 16.21 ? 372 GLU A O   1 
ATOM   531 C CB  . GLU A 1 67 ? -1.263  -9.756  -16.493 1.00 26.55 ? 372 GLU A CB  1 
ATOM   532 C CG  . GLU A 1 67 ? -0.640  -8.410  -16.859 1.00 39.99 ? 372 GLU A CG  1 
ATOM   533 C CD  . GLU A 1 67 ? -0.865  -8.024  -18.312 1.00 53.39 ? 372 GLU A CD  1 
ATOM   534 O OE1 . GLU A 1 67 ? -1.785  -8.581  -18.953 1.00 52.38 ? 372 GLU A OE1 1 
ATOM   535 O OE2 . GLU A 1 67 ? -0.113  -7.159  -18.812 1.00 59.97 ? 372 GLU A OE2 1 
ATOM   536 N N   . LYS A 1 68 ? 1.149   -11.601 -15.673 1.00 19.13 ? 373 LYS A N   1 
ATOM   537 C CA  . LYS A 1 68 ? 2.573   -11.904 -15.778 1.00 21.51 ? 373 LYS A CA  1 
ATOM   538 C C   . LYS A 1 68 ? 3.326   -10.781 -16.492 1.00 21.98 ? 373 LYS A C   1 
ATOM   539 O O   . LYS A 1 68 ? 2.863   -10.267 -17.515 1.00 18.73 ? 373 LYS A O   1 
ATOM   540 C CB  . LYS A 1 68 ? 2.758   -13.234 -16.517 1.00 25.09 ? 373 LYS A CB  1 
ATOM   541 C CG  . LYS A 1 68 ? 3.939   -13.247 -17.462 1.00 28.18 ? 373 LYS A CG  1 
ATOM   542 C CD  . LYS A 1 68 ? 3.831   -14.359 -18.490 1.00 40.35 ? 373 LYS A CD  1 
ATOM   543 C CE  . LYS A 1 68 ? 3.680   -15.699 -17.830 1.00 45.39 ? 373 LYS A CE  1 
ATOM   544 N NZ  . LYS A 1 68 ? 3.721   -16.800 -18.838 1.00 46.21 ? 373 LYS A NZ  1 
ATOM   545 N N   . CYS A 1 69 ? 4.478   -10.381 -15.947 1.00 18.45 ? 374 CYS A N   1 
ATOM   546 C CA  . CYS A 1 69 ? 5.271   -9.335  -16.591 1.00 15.94 ? 374 CYS A CA  1 
ATOM   547 C C   . CYS A 1 69 ? 5.817   -9.803  -17.932 1.00 16.91 ? 374 CYS A C   1 
ATOM   548 O O   . CYS A 1 69 ? 6.378   -10.898 -18.041 1.00 18.78 ? 374 CYS A O   1 
ATOM   549 C CB  . CYS A 1 69 ? 6.424   -8.879  -15.702 1.00 14.49 ? 374 CYS A CB  1 
ATOM   550 S SG  . CYS A 1 69 ? 5.883   -8.017  -14.231 1.00 17.62 ? 374 CYS A SG  1 
ATOM   551 N N   . PRO A 1 70 ? 5.666   -8.966  -18.965 1.00 20.86 ? 375 PRO A N   1 
ATOM   552 C CA  . PRO A 1 70 ? 6.131   -9.351  -20.300 1.00 24.70 ? 375 PRO A CA  1 
ATOM   553 C C   . PRO A 1 70 ? 7.620   -9.068  -20.530 1.00 22.95 ? 375 PRO A C   1 
ATOM   554 O O   . PRO A 1 70 ? 8.206   -8.201  -19.882 1.00 25.62 ? 375 PRO A O   1 
ATOM   555 C CB  . PRO A 1 70 ? 5.284   -8.469  -21.214 1.00 25.46 ? 375 PRO A CB  1 
ATOM   556 C CG  . PRO A 1 70 ? 5.064   -7.229  -20.412 1.00 26.90 ? 375 PRO A CG  1 
ATOM   557 C CD  . PRO A 1 70 ? 4.987   -7.656  -18.969 1.00 24.56 ? 375 PRO A CD  1 
ATOM   558 N N   . HIS A 1 71 ? 8.225   -9.807  -21.454 1.00 23.26 ? 376 HIS A N   1 
ATOM   559 C CA  . HIS A 1 71 ? 9.605   -9.538  -21.850 1.00 26.37 ? 376 HIS A CA  1 
ATOM   560 C C   . HIS A 1 71 ? 9.667   -8.407  -22.867 1.00 34.30 ? 376 HIS A C   1 
ATOM   561 O O   . HIS A 1 71 ? 8.720   -8.196  -23.621 1.00 39.28 ? 376 HIS A O   1 
ATOM   562 C CB  . HIS A 1 71 ? 10.252  -10.799 -22.424 1.00 28.83 ? 376 HIS A CB  1 
ATOM   563 C CG  . HIS A 1 71 ? 10.620  -11.805 -21.382 1.00 32.18 ? 376 HIS A CG  1 
ATOM   564 N ND1 . HIS A 1 71 ? 11.912  -11.970 -20.933 1.00 37.82 ? 376 HIS A ND1 1 
ATOM   565 C CD2 . HIS A 1 71 ? 9.863   -12.684 -20.685 1.00 36.62 ? 376 HIS A CD2 1 
ATOM   566 C CE1 . HIS A 1 71 ? 11.938  -12.919 -20.015 1.00 39.65 ? 376 HIS A CE1 1 
ATOM   567 N NE2 . HIS A 1 71 ? 10.708  -13.368 -19.845 1.00 41.87 ? 376 HIS A NE2 1 
HETATM 568 O O   . HOH B 2 .  ? -2.044  9.435   -6.630  1.00 7.80  ? 401 HOH A O   1 
HETATM 569 O O   . HOH B 2 .  ? 4.793   5.425   -12.230 1.00 18.22 ? 402 HOH A O   1 
HETATM 570 O O   . HOH B 2 .  ? 7.960   7.107   -3.200  1.00 15.62 ? 403 HOH A O   1 
HETATM 571 O O   . HOH B 2 .  ? 6.154   -4.942  -6.265  1.00 14.89 ? 404 HOH A O   1 
HETATM 572 O O   . HOH B 2 .  ? -0.122  11.058  -4.737  1.00 17.95 ? 405 HOH A O   1 
HETATM 573 O O   . HOH B 2 .  ? -6.658  9.902   8.211   1.00 19.28 ? 406 HOH A O   1 
HETATM 574 O O   . HOH B 2 .  ? 3.655   -8.139  -3.207  1.00 15.41 ? 407 HOH A O   1 
HETATM 575 O O   . HOH B 2 .  ? -5.045  11.607  0.764   1.00 17.90 ? 408 HOH A O   1 
HETATM 576 O O   . HOH B 2 .  ? 5.223   -2.753  -5.098  1.00 23.05 ? 409 HOH A O   1 
HETATM 577 O O   . HOH B 2 .  ? 6.342   13.431  -1.914  1.00 17.12 ? 410 HOH A O   1 
HETATM 578 O O   . HOH B 2 .  ? -3.055  -4.824  7.006   1.00 24.79 ? 411 HOH A O   1 
HETATM 579 O O   . HOH B 2 .  ? -6.242  4.532   -0.754  1.00 20.79 ? 412 HOH A O   1 
HETATM 580 O O   . HOH B 2 .  ? 12.460  0.590   -3.889  0.33 19.10 ? 413 HOH A O   1 
HETATM 581 O O   . HOH B 2 .  ? 14.237  -11.199 0.467   1.00 21.93 ? 414 HOH A O   1 
HETATM 582 O O   . HOH B 2 .  ? 12.895  -7.404  -20.998 1.00 21.38 ? 415 HOH A O   1 
HETATM 583 O O   . HOH B 2 .  ? 20.629  -23.622 2.898   1.00 27.20 ? 416 HOH A O   1 
HETATM 584 O O   . HOH B 2 .  ? 3.510   17.715  10.198  1.00 22.02 ? 417 HOH A O   1 
HETATM 585 O O   . HOH B 2 .  ? -8.571  10.076  6.073   1.00 21.09 ? 418 HOH A O   1 
HETATM 586 O O   . HOH B 2 .  ? 6.277   7.437   3.187   1.00 25.55 ? 419 HOH A O   1 
HETATM 587 O O   . HOH B 2 .  ? 10.547  -7.582  -1.044  1.00 28.51 ? 420 HOH A O   1 
HETATM 588 O O   . HOH B 2 .  ? 5.934   -17.567 -17.417 1.00 30.65 ? 421 HOH A O   1 
HETATM 589 O O   . HOH B 2 .  ? -4.964  5.588   -3.452  1.00 30.84 ? 422 HOH A O   1 
HETATM 590 O O   . HOH B 2 .  ? 1.763   10.213  9.237   1.00 23.31 ? 423 HOH A O   1 
HETATM 591 O O   . HOH B 2 .  ? 12.870  3.677   1.361   1.00 22.66 ? 424 HOH A O   1 
HETATM 592 O O   . HOH B 2 .  ? 7.776   -12.905 -16.854 1.00 28.56 ? 425 HOH A O   1 
HETATM 593 O O   . HOH B 2 .  ? 1.197   -11.878 -10.313 1.00 22.35 ? 426 HOH A O   1 
HETATM 594 O O   . HOH B 2 .  ? 8.002   -6.444  -17.713 1.00 27.49 ? 427 HOH A O   1 
HETATM 595 O O   . HOH B 2 .  ? 10.843  3.501   2.979   1.00 27.74 ? 428 HOH A O   1 
HETATM 596 O O   . HOH B 2 .  ? 10.671  -17.651 1.523   1.00 33.02 ? 429 HOH A O   1 
HETATM 597 O O   . HOH B 2 .  ? 2.069   -3.743  9.172   1.00 38.10 ? 430 HOH A O   1 
HETATM 598 O O   . HOH B 2 .  ? -12.265 -0.095  -1.275  1.00 34.28 ? 431 HOH A O   1 
HETATM 599 O O   . HOH B 2 .  ? -10.069 8.467   13.300  1.00 26.63 ? 432 HOH A O   1 
HETATM 600 O O   . HOH B 2 .  ? 2.531   14.866  14.051  1.00 32.79 ? 433 HOH A O   1 
HETATM 601 O O   . HOH B 2 .  ? 6.556   -11.485 -23.210 1.00 45.24 ? 434 HOH A O   1 
HETATM 602 O O   . HOH B 2 .  ? -15.608 11.503  10.943  1.00 36.94 ? 435 HOH A O   1 
HETATM 603 O O   . HOH B 2 .  ? 2.392   -12.990 -12.350 1.00 23.83 ? 436 HOH A O   1 
HETATM 604 O O   . HOH B 2 .  ? 9.376   -5.711  5.809   1.00 31.28 ? 437 HOH A O   1 
HETATM 605 O O   . HOH B 2 .  ? 7.893   -3.181  -7.765  1.00 29.21 ? 438 HOH A O   1 
HETATM 606 O O   . HOH B 2 .  ? -5.023  -9.679  -6.389  1.00 34.81 ? 439 HOH A O   1 
HETATM 607 O O   . HOH B 2 .  ? -7.124  14.118  7.815   1.00 28.34 ? 440 HOH A O   1 
HETATM 608 O O   . HOH B 2 .  ? 7.016   3.866   -9.037  1.00 36.32 ? 441 HOH A O   1 
HETATM 609 O O   . HOH B 2 .  ? -1.079  -16.896 -2.891  1.00 35.16 ? 442 HOH A O   1 
HETATM 610 O O   . HOH B 2 .  ? 10.422  7.054   -1.683  1.00 12.27 ? 443 HOH A O   1 
HETATM 611 O O   . HOH B 2 .  ? 4.809   4.707   11.806  1.00 22.07 ? 444 HOH A O   1 
HETATM 612 O O   . HOH B 2 .  ? 10.650  -3.740  -8.028  1.00 24.42 ? 445 HOH A O   1 
HETATM 613 O O   . HOH B 2 .  ? 0.565   1.129   -10.689 1.00 32.49 ? 446 HOH A O   1 
HETATM 614 O O   . HOH B 2 .  ? 12.451  -7.369  0.204   1.00 36.76 ? 447 HOH A O   1 
HETATM 615 O O   . HOH B 2 .  ? 12.075  -18.930 3.669   1.00 31.80 ? 448 HOH A O   1 
HETATM 616 O O   . HOH B 2 .  ? -5.708  -6.435  6.882   1.00 37.54 ? 449 HOH A O   1 
HETATM 617 O O   . HOH B 2 .  ? 6.728   4.662   9.482   1.00 34.57 ? 450 HOH A O   1 
HETATM 618 O O   . HOH B 2 .  ? -3.508  -11.448 -2.024  1.00 35.54 ? 451 HOH A O   1 
HETATM 619 O O   . HOH B 2 .  ? -7.600  -5.474  5.343   1.00 44.48 ? 452 HOH A O   1 
HETATM 620 O O   . HOH B 2 .  ? -5.116  -11.507 0.334   1.00 22.19 ? 453 HOH A O   1 
HETATM 621 O O   . HOH B 2 .  ? 8.378   -18.553 0.202   1.00 31.93 ? 454 HOH A O   1 
HETATM 622 O O   . HOH B 2 .  ? -10.970 0.464   11.714  1.00 28.27 ? 455 HOH A O   1 
HETATM 623 O O   . HOH B 2 .  ? 5.576   -15.812 -0.990  1.00 37.84 ? 456 HOH A O   1 
HETATM 624 O O   . HOH B 2 .  ? 0.290   -7.654  3.473   1.00 48.18 ? 457 HOH A O   1 
HETATM 625 O O   . HOH B 2 .  ? 1.871   -6.439  4.584   1.00 42.22 ? 458 HOH A O   1 
HETATM 626 O O   . HOH B 2 .  ? 8.943   -17.168 -17.230 1.00 36.57 ? 459 HOH A O   1 
HETATM 627 O O   . HOH B 2 .  ? 4.325   1.637   12.651  1.00 32.41 ? 460 HOH A O   1 
HETATM 628 O O   . HOH B 2 .  ? -5.078  -7.686  4.037   1.00 39.02 ? 461 HOH A O   1 
HETATM 629 O O   . HOH B 2 .  ? -9.165  14.014  14.723  1.00 43.53 ? 462 HOH A O   1 
HETATM 630 O O   . HOH B 2 .  ? -0.413  -3.570  16.567  1.00 42.82 ? 463 HOH A O   1 
HETATM 631 O O   . HOH B 2 .  ? -7.248  -7.541  3.279   0.50 46.28 ? 464 HOH A O   1 
HETATM 632 O O   . HOH B 2 .  ? 13.487  -17.086 4.862   1.00 43.54 ? 465 HOH A O   1 
HETATM 633 O O   . HOH B 2 .  ? 19.404  -18.234 4.352   1.00 44.97 ? 466 HOH A O   1 
HETATM 634 O O   . HOH B 2 .  ? 2.176   -15.016 -5.513  1.00 21.07 ? 467 HOH A O   1 
HETATM 635 O O   . HOH B 2 .  ? -3.346  -7.235  -15.067 1.00 28.10 ? 468 HOH A O   1 
HETATM 636 O O   . HOH B 2 .  ? -6.233  13.009  4.835   0.50 36.75 ? 469 HOH A O   1 
HETATM 637 O O   . HOH B 2 .  ? 0.022   -14.172 -1.647  0.50 34.76 ? 470 HOH A O   1 
HETATM 638 O O   . HOH B 2 .  ? -4.029  12.211  3.839   1.00 47.70 ? 471 HOH A O   1 
HETATM 639 O O   . HOH B 2 .  ? 5.340   -3.375  -2.627  1.00 41.77 ? 472 HOH A O   1 
HETATM 640 O O   . HOH B 2 .  ? -11.090 1.123   -4.531  1.00 33.52 ? 473 HOH A O   1 
HETATM 641 O O   . HOH B 2 .  ? 5.614   -0.470  -3.991  1.00 37.79 ? 474 HOH A O   1 
HETATM 642 O O   . HOH B 2 .  ? -2.209  8.635   15.647  1.00 40.56 ? 475 HOH A O   1 
HETATM 643 O O   . HOH B 2 .  ? 12.085  -7.499  -25.341 1.00 43.02 ? 476 HOH A O   1 
HETATM 644 O O   . HOH B 2 .  ? 10.159  -8.938  2.341   1.00 42.50 ? 477 HOH A O   1 
HETATM 645 O O   . HOH B 2 .  ? -5.530  -7.852  -8.524  1.00 51.88 ? 478 HOH A O   1 
HETATM 646 O O   . HOH B 2 .  ? -8.111  5.696   -2.515  1.00 55.10 ? 479 HOH A O   1 
HETATM 647 O O   . HOH B 2 .  ? 11.580  -15.641 -18.451 1.00 39.02 ? 480 HOH A O   1 
HETATM 648 O O   . HOH B 2 .  ? -2.306  4.555   15.958  1.00 36.22 ? 481 HOH A O   1 
HETATM 649 O O   . HOH B 2 .  ? 11.629  -3.413  5.210   1.00 27.76 ? 482 HOH A O   1 
HETATM 650 O O   . HOH B 2 .  ? 2.110   2.442   -9.105  1.00 29.38 ? 483 HOH A O   1 
HETATM 651 O O   . HOH B 2 .  ? 14.603  -6.232  -25.962 1.00 42.84 ? 484 HOH A O   1 
HETATM 652 O O   . HOH B 2 .  ? -7.212  14.539  15.052  1.00 48.82 ? 485 HOH A O   1 
HETATM 653 O O   . HOH B 2 .  ? 13.945  -10.222 -21.856 1.00 41.79 ? 486 HOH A O   1 
HETATM 654 O O   . HOH B 2 .  ? 8.374   -14.991 -18.447 1.00 57.82 ? 487 HOH A O   1 
HETATM 655 O O   . HOH B 2 .  ? 10.699  0.081   7.314   1.00 47.68 ? 488 HOH A O   1 
HETATM 656 O O   . HOH B 2 .  ? 14.010  0.312   -1.227  0.33 16.35 ? 489 HOH A O   1 
HETATM 657 O O   . HOH B 2 .  ? -11.975 -5.220  1.145   1.00 47.00 ? 490 HOH A O   1 
HETATM 658 O O   . HOH B 2 .  ? -11.617 0.466   4.240   1.00 50.96 ? 491 HOH A O   1 
HETATM 659 O O   . HOH B 2 .  ? -2.469  -0.939  -11.558 1.00 34.90 ? 492 HOH A O   1 
HETATM 660 O O   . HOH B 2 .  ? 3.063   -4.006  -17.236 1.00 40.72 ? 493 HOH A O   1 
HETATM 661 O O   . HOH B 2 .  ? -1.265  -0.784  19.308  1.00 41.76 ? 494 HOH A O   1 
HETATM 662 O O   . HOH B 2 .  ? 9.673   -9.685  -26.831 1.00 43.81 ? 495 HOH A O   1 
HETATM 663 O O   . HOH B 2 .  ? 10.814  -6.307  -24.093 1.00 47.62 ? 496 HOH A O   1 
HETATM 664 O O   . HOH B 2 .  ? 9.767   -4.821  -21.455 1.00 53.23 ? 497 HOH A O   1 
HETATM 665 O O   . HOH B 2 .  ? 9.067   -5.858  -15.417 1.00 36.83 ? 498 HOH A O   1 
HETATM 666 O O   . HOH B 2 .  ? 14.988  0.136   0.454   0.33 38.87 ? 499 HOH A O   1 
HETATM 667 O O   . HOH B 2 .  ? -4.034  -12.207 -4.026  1.00 45.01 ? 500 HOH A O   1 
HETATM 668 O O   . HOH B 2 .  ? -2.189  -2.649  18.623  1.00 65.30 ? 501 HOH A O   1 
HETATM 669 O O   . HOH B 2 .  ? -1.043  -6.924  5.746   1.00 43.64 ? 502 HOH A O   1 
HETATM 670 O O   . HOH B 2 .  ? -10.491 -1.373  6.199   1.00 48.71 ? 503 HOH A O   1 
# 
loop_
_atom_site_anisotrop.id 
_atom_site_anisotrop.type_symbol 
_atom_site_anisotrop.pdbx_label_atom_id 
_atom_site_anisotrop.pdbx_label_alt_id 
_atom_site_anisotrop.pdbx_label_comp_id 
_atom_site_anisotrop.pdbx_label_asym_id 
_atom_site_anisotrop.pdbx_label_seq_id 
_atom_site_anisotrop.pdbx_PDB_ins_code 
_atom_site_anisotrop.U[1][1] 
_atom_site_anisotrop.U[2][2] 
_atom_site_anisotrop.U[3][3] 
_atom_site_anisotrop.U[1][2] 
_atom_site_anisotrop.U[1][3] 
_atom_site_anisotrop.U[2][3] 
_atom_site_anisotrop.pdbx_auth_seq_id 
_atom_site_anisotrop.pdbx_auth_comp_id 
_atom_site_anisotrop.pdbx_auth_asym_id 
_atom_site_anisotrop.pdbx_auth_atom_id 
1   N N   . TYR A 1  ? 0.3309 0.3292 0.3816 0.1012  -0.1333 0.0318  306 TYR A N   
2   C CA  . TYR A 1  ? 0.2798 0.2940 0.3506 0.0859  -0.0937 0.0363  306 TYR A CA  
3   C C   . TYR A 1  ? 0.2504 0.2772 0.3280 0.0711  -0.0848 0.0252  306 TYR A C   
4   O O   . TYR A 1  ? 0.3029 0.3231 0.3534 0.0727  -0.1006 0.0159  306 TYR A O   
5   C CB  . TYR A 1  ? 0.2687 0.2591 0.2932 0.0875  -0.0690 0.0468  306 TYR A CB  
6   C CG  . TYR A 1  ? 0.2974 0.2739 0.3107 0.1017  -0.0735 0.0584  306 TYR A CG  
7   C CD1 . TYR A 1  ? 0.2843 0.2726 0.3421 0.1051  -0.0746 0.0641  306 TYR A CD1 
8   C CD2 . TYR A 1  ? 0.3432 0.2911 0.3008 0.1153  -0.0708 0.0672  306 TYR A CD2 
9   C CE1 . TYR A 1  ? 0.3101 0.2861 0.3591 0.1179  -0.0785 0.0750  306 TYR A CE1 
10  C CE2 . TYR A 1  ? 0.3910 0.3251 0.3364 0.1286  -0.0748 0.0776  306 TYR A CE2 
11  C CZ  . TYR A 1  ? 0.3903 0.3405 0.3825 0.1280  -0.0814 0.0799  306 TYR A CZ  
12  O OH  . TYR A 1  ? 0.4148 0.3516 0.3962 0.1413  -0.0855 0.0906  306 TYR A OH  
13  N N   . VAL A 2  ? 0.1899 0.2253 0.2928 0.0605  -0.0609 0.0257  307 VAL A N   
14  C CA  . VAL A 2  ? 0.1826 0.2270 0.2904 0.0465  -0.0525 0.0152  307 VAL A CA  
15  C C   . VAL A 2  ? 0.2213 0.2492 0.2856 0.0402  -0.0437 0.0154  307 VAL A C   
16  O O   . VAL A 2  ? 0.2100 0.2177 0.2571 0.0409  -0.0315 0.0264  307 VAL A O   
17  C CB  . VAL A 2  ? 0.1991 0.2379 0.3250 0.0435  -0.0306 0.0160  307 VAL A CB  
18  C CG1 . VAL A 2  ? 0.1959 0.2378 0.3196 0.0294  -0.0252 0.0042  307 VAL A CG1 
19  C CG2 . VAL A 2  ? 0.1936 0.2473 0.3722 0.0560  -0.0255 0.0247  307 VAL A CG2 
20  N N   . GLU A 3  ? 0.2359 0.2703 0.2904 0.0355  -0.0485 0.0067  308 GLU A N   
21  C CA  . GLU A 3  ? 0.2793 0.2964 0.2982 0.0361  -0.0331 0.0140  308 GLU A CA  
22  C C   . GLU A 3  ? 0.2280 0.2423 0.2713 0.0189  -0.0134 0.0197  308 GLU A C   
23  O O   . GLU A 3  ? 0.2479 0.2457 0.2897 0.0200  0.0034  0.0375  308 GLU A O   
24  C CB  . GLU A 3  ? 0.3708 0.3856 0.3615 0.0422  -0.0439 0.0039  308 GLU A CB  
25  C CG  . GLU A 3  ? 0.5939 0.5807 0.5316 0.0678  -0.0692 0.0022  308 GLU A CG  
26  C CD  . GLU A 3  ? 0.8096 0.7593 0.6914 0.0890  -0.0482 0.0222  308 GLU A CD  
27  O OE1 . GLU A 3  ? 0.8922 0.8279 0.7563 0.0924  -0.0127 0.0383  308 GLU A OE1 
28  O OE2 . GLU A 3  ? 0.8993 0.8336 0.7630 0.1036  -0.0646 0.0253  308 GLU A OE2 
29  N N   . PHE A 4  ? 0.2001 0.2252 0.2704 0.0054  -0.0173 0.0071  309 PHE A N   
30  C CA  . PHE A 4  ? 0.1311 0.1426 0.2206 -0.0098 -0.0115 0.0080  309 PHE A CA  
31  C C   . PHE A 4  ? 0.1312 0.1452 0.2291 -0.0164 0.0014  0.0173  309 PHE A C   
32  O O   . PHE A 4  ? 0.1721 0.1704 0.3008 -0.0255 0.0068  0.0314  309 PHE A O   
33  C CB  . PHE A 4  ? 0.2028 0.1822 0.2964 -0.0088 -0.0154 0.0181  309 PHE A CB  
34  C CG  . PHE A 4  ? 0.2029 0.1691 0.2809 0.0022  -0.0213 0.0107  309 PHE A CG  
35  C CD1 . PHE A 4  ? 0.1743 0.1301 0.2467 0.0036  -0.0217 -0.0022 309 PHE A CD1 
36  C CD2 . PHE A 4  ? 0.2271 0.1865 0.2939 0.0153  -0.0208 0.0203  309 PHE A CD2 
37  C CE1 . PHE A 4  ? 0.2377 0.1728 0.2926 0.0219  -0.0155 -0.0018 309 PHE A CE1 
38  C CE2 . PHE A 4  ? 0.2408 0.1853 0.2958 0.0295  -0.0191 0.0185  309 PHE A CE2 
39  C CZ  . PHE A 4  ? 0.2144 0.1453 0.2634 0.0347  -0.0132 0.0094  309 PHE A CZ  
40  N N   . GLU A 5  ? 0.1695 0.1984 0.2447 -0.0097 0.0043  0.0115  310 GLU A N   
41  C CA  . GLU A 5  ? 0.1942 0.2219 0.2687 -0.0109 0.0223  0.0201  310 GLU A CA  
42  C C   . GLU A 5  ? 0.1580 0.2041 0.2221 -0.0153 0.0106  -0.0018 310 GLU A C   
43  O O   . GLU A 5  ? 0.1496 0.2069 0.2056 -0.0112 -0.0105 -0.0176 310 GLU A O   
44  C CB  . GLU A 5  ? 0.2787 0.2835 0.3084 0.0148  0.0432  0.0410  310 GLU A CB  
45  C CG  . GLU A 5  ? 0.3967 0.3843 0.4429 0.0214  0.0589  0.0671  310 GLU A CG  
46  C CD  . GLU A 5  ? 0.4762 0.4622 0.5970 0.0049  0.0758  0.0902  310 GLU A CD  
47  O OE1 . GLU A 5  ? 0.4613 0.4570 0.6133 -0.0083 0.0803  0.0885  310 GLU A OE1 
48  O OE2 . GLU A 5  ? 0.5396 0.5127 0.6956 0.0049  0.0805  0.1110  310 GLU A OE2 
49  N N   . PRO A 6  ? 0.1514 0.2011 0.2278 -0.0238 0.0237  0.0001  311 PRO A N   
50  C CA  . PRO A 6  ? 0.1770 0.2429 0.2437 -0.0278 0.0121  -0.0205 311 PRO A CA  
51  C C   . PRO A 6  ? 0.2136 0.2624 0.2185 -0.0035 0.0015  -0.0250 311 PRO A C   
52  O O   . PRO A 6  ? 0.2624 0.2789 0.2195 0.0195  0.0184  -0.0073 311 PRO A O   
53  C CB  . PRO A 6  ? 0.1910 0.2586 0.2833 -0.0398 0.0322  -0.0122 311 PRO A CB  
54  C CG  . PRO A 6  ? 0.1708 0.2194 0.2805 -0.0332 0.0589  0.0193  311 PRO A CG  
55  C CD  . PRO A 6  ? 0.1925 0.2340 0.3098 -0.0324 0.0467  0.0224  311 PRO A CD  
56  N N   . SER A 7  ? 0.1745 0.2358 0.1798 -0.0048 -0.0287 -0.0465 312 SER A N   
57  C CA  . SER A 7  ? 0.2371 0.2679 0.1825 0.0196  -0.0562 -0.0547 312 SER A CA  
58  C C   . SER A 7  ? 0.2477 0.2601 0.1515 0.0272  -0.0557 -0.0622 312 SER A C   
59  O O   . SER A 7  ? 0.2232 0.2644 0.1674 0.0064  -0.0445 -0.0679 312 SER A O   
60  C CB  . SER A 7  ? 0.3156 0.3605 0.3030 0.0142  -0.0913 -0.0641 312 SER A CB  
61  O OG  . SER A 7  ? 0.2548 0.3126 0.2792 -0.0036 -0.0792 -0.0591 312 SER A OG  
62  N N   . ASP A 8  ? 0.2891 0.1942 0.1562 0.0326  -0.0045 0.0521  313 ASP A N   
63  C CA  . ASP A 8  ? 0.2813 0.1915 0.1239 0.0180  -0.0062 0.0439  313 ASP A CA  
64  C C   . ASP A 8  ? 0.2383 0.1926 0.1162 0.0133  -0.0238 0.0339  313 ASP A C   
65  O O   . ASP A 8  ? 0.2610 0.2220 0.1382 0.0016  -0.0161 0.0210  313 ASP A O   
66  C CB  . ASP A 8  ? 0.3994 0.2698 0.1733 0.0217  -0.0181 0.0567  313 ASP A CB  
67  C CG  . ASP A 8  ? 0.5265 0.3466 0.2579 0.0220  0.0101  0.0698  313 ASP A CG  
68  O OD1 . ASP A 8  ? 0.4676 0.2895 0.2264 0.0100  0.0406  0.0634  313 ASP A OD1 
69  O OD2 . ASP A 8  ? 0.6495 0.4424 0.3429 0.0307  -0.0001 0.0828  313 ASP A OD2 
70  N N   . LYS A 9  ? 0.2354 0.2196 0.1501 0.0233  -0.0452 0.0425  314 LYS A N   
71  C CA  . LYS A 9  ? 0.2172 0.2457 0.1771 0.0148  -0.0568 0.0375  314 LYS A CA  
72  C C   . LYS A 9  ? 0.1958 0.2379 0.1784 0.0099  -0.0305 0.0249  314 LYS A C   
73  O O   . LYS A 9  ? 0.1563 0.2079 0.1434 -0.0033 -0.0315 0.0169  314 LYS A O   
74  C CB  . LYS A 9  ? 0.2187 0.2901 0.2373 0.0279  -0.0750 0.0532  314 LYS A CB  
75  C CG  . LYS A 9  ? 0.4592 0.5364 0.4737 0.0257  -0.1193 0.0650  314 LYS A CG  
76  C CD  . LYS A 9  ? 0.4973 0.6381 0.5984 0.0262  -0.1347 0.0745  314 LYS A CD  
77  C CE  . LYS A 9  ? 0.5202 0.6634 0.6172 0.0236  -0.1716 0.0769  314 LYS A CE  
78  N NZ  . LYS A 9  ? 0.5549 0.6959 0.6502 0.0524  -0.1815 0.0927  314 LYS A NZ  
79  N N   . HIS A 10 ? 0.1734 0.2079 0.1628 0.0210  -0.0104 0.0227  315 HIS A N   
80  C CA  . HIS A 10 ? 0.1621 0.2022 0.1605 0.0187  0.0075  0.0104  315 HIS A CA  
81  C C   . HIS A 10 ? 0.1704 0.1936 0.1466 0.0044  0.0132  -0.0018 315 HIS A C   
82  O O   . HIS A 10 ? 0.1726 0.2065 0.1547 -0.0005 0.0164  -0.0099 315 HIS A O   
83  C CB  . HIS A 10 ? 0.2132 0.2355 0.2109 0.0350  0.0220  0.0078  315 HIS A CB  
84  C CG  . HIS A 10 ? 0.2635 0.2930 0.2643 0.0408  0.0359  -0.0013 315 HIS A CG  
85  N ND1 . HIS A 10 ? 0.3178 0.3704 0.3260 0.0319  0.0366  -0.0024 315 HIS A ND1 
86  C CD2 . HIS A 10 ? 0.2784 0.2833 0.2627 0.0568  0.0504  -0.0093 315 HIS A CD2 
87  C CE1 . HIS A 10 ? 0.3474 0.3924 0.3413 0.0426  0.0516  -0.0081 315 HIS A CE1 
88  N NE2 . HIS A 10 ? 0.3798 0.3947 0.3557 0.0582  0.0600  -0.0144 315 HIS A NE2 
89  N N   . ILE A 11 ? 0.1815 0.1795 0.1350 -0.0001 0.0166  -0.0001 316 ILE A N   
90  C CA  . ILE A 11 ? 0.2044 0.1968 0.1525 -0.0112 0.0276  -0.0078 316 ILE A CA  
91  C C   . ILE A 11 ? 0.2156 0.2152 0.1533 -0.0145 0.0230  -0.0112 316 ILE A C   
92  O O   . ILE A 11 ? 0.2241 0.2329 0.1733 -0.0170 0.0290  -0.0190 316 ILE A O   
93  C CB  . ILE A 11 ? 0.1806 0.1445 0.1105 -0.0157 0.0420  -0.0006 316 ILE A CB  
94  C CG1 . ILE A 11 ? 0.1892 0.1340 0.1297 -0.0158 0.0454  0.0006  316 ILE A CG1 
95  C CG2 . ILE A 11 ? 0.1766 0.1471 0.1167 -0.0249 0.0597  -0.0050 316 ILE A CG2 
96  C CD1 . ILE A 11 ? 0.2737 0.1817 0.1960 -0.0222 0.0610  0.0135  316 ILE A CD1 
97  N N   . LYS A 12 ? 0.1999 0.1911 0.1150 -0.0137 0.0082  -0.0056 317 LYS A N   
98  C CA  . LYS A 12 ? 0.2343 0.2184 0.1316 -0.0191 -0.0011 -0.0118 317 LYS A CA  
99  C C   . LYS A 12 ? 0.2301 0.2382 0.1616 -0.0232 -0.0062 -0.0149 317 LYS A C   
100 O O   . LYS A 12 ? 0.1987 0.1959 0.1219 -0.0262 -0.0045 -0.0218 317 LYS A O   
101 C CB  . LYS A 12 ? 0.2473 0.2121 0.1101 -0.0214 -0.0262 -0.0068 317 LYS A CB  
102 C CG  . LYS A 12 ? 0.2705 0.1947 0.0731 -0.0153 -0.0184 -0.0026 317 LYS A CG  
103 C CD  . LYS A 12 ? 0.3696 0.2770 0.1417 -0.0143 -0.0504 0.0035  317 LYS A CD  
104 C CE  . LYS A 12 ? 0.4725 0.3402 0.1907 -0.0058 -0.0363 0.0084  317 LYS A CE  
105 N NZ  . LYS A 12 ? 0.5554 0.4081 0.2448 -0.0026 -0.0697 0.0158  317 LYS A NZ  
106 N N   . GLU A 13 ? 0.1563 0.1910 0.1218 -0.0204 -0.0083 -0.0079 318 GLU A N   
107 C CA  . GLU A 13 ? 0.1550 0.2073 0.1445 -0.0223 -0.0044 -0.0068 318 GLU A CA  
108 C C   . GLU A 13 ? 0.1447 0.1899 0.1261 -0.0180 0.0075  -0.0155 318 GLU A C   
109 O O   . GLU A 13 ? 0.1461 0.1866 0.1254 -0.0197 0.0075  -0.0161 318 GLU A O   
110 C CB  . GLU A 13 ? 0.1485 0.2277 0.1697 -0.0143 0.0011  0.0035  318 GLU A CB  
111 C CG  . GLU A 13 ? 0.1143 0.2157 0.1656 -0.0179 -0.0158 0.0161  318 GLU A CG  
112 C CD  . GLU A 13 ? 0.1038 0.2374 0.1965 -0.0022 -0.0031 0.0283  318 GLU A CD  
113 O OE1 . GLU A 13 ? 0.1829 0.3084 0.2635 0.0113  0.0202  0.0238  318 GLU A OE1 
114 O OE2 . GLU A 13 ? 0.1392 0.3037 0.2747 -0.0015 -0.0174 0.0421  318 GLU A OE2 
115 N N   . TYR A 14 ? 0.1252 0.1670 0.1043 -0.0133 0.0141  -0.0208 319 TYR A N   
116 C CA  . TYR A 14 ? 0.1329 0.1758 0.1163 -0.0113 0.0164  -0.0285 319 TYR A CA  
117 C C   . TYR A 14 ? 0.1431 0.1818 0.1265 -0.0112 0.0196  -0.0313 319 TYR A C   
118 O O   . TYR A 14 ? 0.1484 0.1915 0.1399 -0.0057 0.0165  -0.0333 319 TYR A O   
119 C CB  . TYR A 14 ? 0.1419 0.1819 0.1328 -0.0129 0.0181  -0.0338 319 TYR A CB  
120 C CG  . TYR A 14 ? 0.1217 0.1689 0.1267 -0.0140 0.0095  -0.0419 319 TYR A CG  
121 C CD1 . TYR A 14 ? 0.1549 0.2000 0.1442 -0.0070 -0.0015 -0.0446 319 TYR A CD1 
122 C CD2 . TYR A 14 ? 0.1135 0.1704 0.1492 -0.0224 0.0110  -0.0445 319 TYR A CD2 
123 C CE1 . TYR A 14 ? 0.1223 0.1721 0.1194 -0.0070 -0.0196 -0.0516 319 TYR A CE1 
124 C CE2 . TYR A 14 ? 0.1538 0.2264 0.2169 -0.0255 -0.0057 -0.0509 319 TYR A CE2 
125 C CZ  . TYR A 14 ? 0.1386 0.2060 0.1785 -0.0170 -0.0254 -0.0555 319 TYR A CZ  
126 O OH  . TYR A 14 ? 0.1675 0.2475 0.2273 -0.0185 -0.0516 -0.0614 319 TYR A OH  
127 N N   . LEU A 15 ? 0.1723 0.1971 0.1402 -0.0132 0.0266  -0.0308 320 LEU A N   
128 C CA  . LEU A 15 ? 0.1795 0.1901 0.1357 -0.0076 0.0369  -0.0350 320 LEU A CA  
129 C C   . LEU A 15 ? 0.2084 0.2034 0.1524 -0.0056 0.0274  -0.0369 320 LEU A C   
130 O O   . LEU A 15 ? 0.1988 0.1873 0.1471 0.0052  0.0338  -0.0399 320 LEU A O   
131 C CB  . LEU A 15 ? 0.1878 0.1710 0.1049 -0.0078 0.0476  -0.0345 320 LEU A CB  
132 C CG  . LEU A 15 ? 0.2114 0.2031 0.1435 -0.0079 0.0668  -0.0283 320 LEU A CG  
133 C CD1 . LEU A 15 ? 0.2796 0.2408 0.1663 -0.0078 0.0693  -0.0209 320 LEU A CD1 
134 C CD2 . LEU A 15 ? 0.1996 0.2076 0.1641 0.0008  0.0858  -0.0281 320 LEU A CD2 
135 N N   . ASN A 16 ? 0.1520 0.1411 0.0875 -0.0158 0.0129  -0.0328 321 ASN A N   
136 C CA  . ASN A 16 ? 0.1875 0.1589 0.1181 -0.0198 0.0052  -0.0311 321 ASN A CA  
137 C C   . ASN A 16 ? 0.1744 0.1583 0.1221 -0.0109 0.0083  -0.0256 321 ASN A C   
138 O O   . ASN A 16 ? 0.2050 0.1667 0.1443 -0.0034 0.0087  -0.0252 321 ASN A O   
139 C CB  . ASN A 16 ? 0.2294 0.2045 0.1677 -0.0370 -0.0098 -0.0236 321 ASN A CB  
140 C CG  . ASN A 16 ? 0.2501 0.2071 0.1924 -0.0467 -0.0143 -0.0174 321 ASN A CG  
141 O OD1 . ASN A 16 ? 0.2471 0.1607 0.1624 -0.0499 -0.0196 -0.0248 321 ASN A OD1 
142 N ND2 . ASN A 16 ? 0.2251 0.2075 0.1954 -0.0506 -0.0082 -0.0029 321 ASN A ND2 
143 N N   . LYS A 17 ? 0.1505 0.1615 0.1134 -0.0090 0.0088  -0.0220 322 LYS A N   
144 C CA  . LYS A 17 ? 0.1324 0.1473 0.0939 0.0003  0.0063  -0.0177 322 LYS A CA  
145 C C   . LYS A 17 ? 0.1780 0.1947 0.1491 0.0143  0.0015  -0.0224 322 LYS A C   
146 O O   . LYS A 17 ? 0.1881 0.1909 0.1499 0.0249  -0.0045 -0.0162 322 LYS A O   
147 C CB  . LYS A 17 ? 0.1274 0.1577 0.0876 0.0016  0.0068  -0.0181 322 LYS A CB  
148 C CG  . LYS A 17 ? 0.1616 0.1841 0.0991 0.0125  -0.0005 -0.0161 322 LYS A CG  
149 C CD  . LYS A 17 ? 0.1912 0.2121 0.1090 0.0158  0.0006  -0.0214 322 LYS A CD  
150 C CE  . LYS A 17 ? 0.2454 0.2455 0.1196 0.0278  -0.0116 -0.0213 322 LYS A CE  
151 N NZ  . LYS A 17 ? 0.3357 0.3182 0.1762 0.0321  -0.0073 -0.0289 322 LYS A NZ  
152 N N   . ILE A 18 ? 0.1388 0.1731 0.0970 0.0295  0.0124  0.0102  323 ILE A N   
153 C CA  . ILE A 18 ? 0.1464 0.1842 0.1243 0.0263  0.0115  0.0142  323 ILE A CA  
154 C C   . ILE A 18 ? 0.2128 0.2241 0.1945 0.0314  0.0165  0.0287  323 ILE A C   
155 O O   . ILE A 18 ? 0.1948 0.2107 0.1947 0.0315  0.0180  0.0278  323 ILE A O   
156 C CB  . ILE A 18 ? 0.2095 0.2498 0.2168 0.0230  0.0147  -0.0082 323 ILE A CB  
157 C CG1 . ILE A 18 ? 0.2612 0.2590 0.2774 0.0268  0.0247  -0.0082 323 ILE A CG1 
158 C CG2 . ILE A 18 ? 0.1960 0.2914 0.2135 0.0204  0.0036  -0.0370 323 ILE A CG2 
159 C CD1 . ILE A 18 ? 0.2241 0.1976 0.2362 0.0294  0.0370  0.0168  323 ILE A CD1 
160 N N   . GLN A 19 ? 0.1832 0.1789 0.1524 0.0364  0.0181  0.0345  324 GLN A N   
161 C CA  . GLN A 19 ? 0.2079 0.1947 0.1872 0.0454  0.0216  0.0337  324 GLN A CA  
162 C C   . GLN A 19 ? 0.2243 0.2153 0.2281 0.0487  0.0124  0.0358  324 GLN A C   
163 O O   . GLN A 19 ? 0.2132 0.2134 0.2317 0.0577  0.0162  0.0261  324 GLN A O   
164 C CB  . GLN A 19 ? 0.1582 0.1399 0.1311 0.0499  0.0204  0.0281  324 GLN A CB  
165 C CG  . GLN A 19 ? 0.1935 0.1683 0.1758 0.0401  0.0075  0.0377  324 GLN A CG  
166 C CD  . GLN A 19 ? 0.2186 0.1907 0.2067 0.0405  0.0072  0.0243  324 GLN A CD  
167 O OE1 . GLN A 19 ? 0.2859 0.2498 0.3057 0.0472  0.0019  0.0089  324 GLN A OE1 
168 N NE2 . GLN A 19 ? 0.1848 0.1711 0.1480 0.0356  0.0119  0.0217  324 GLN A NE2 
169 N N   . ASN A 20 ? 0.1688 0.1639 0.1787 0.0437  -0.0007 0.0504  325 ASN A N   
170 C CA  . ASN A 20 ? 0.1623 0.1608 0.1994 0.0521  -0.0132 0.0582  325 ASN A CA  
171 C C   . ASN A 20 ? 0.2059 0.2335 0.2507 0.0549  -0.0103 0.0488  325 ASN A C   
172 O O   . ASN A 20 ? 0.1817 0.2173 0.2508 0.0675  -0.0179 0.0453  325 ASN A O   
173 C CB  . ASN A 20 ? 0.2105 0.2137 0.2544 0.0470  -0.0285 0.0905  325 ASN A CB  
174 C CG  . ASN A 20 ? 0.3608 0.3347 0.4123 0.0393  -0.0320 0.1018  325 ASN A CG  
175 O OD1 . ASN A 20 ? 0.4310 0.3726 0.5127 0.0467  -0.0365 0.0882  325 ASN A OD1 
176 N ND2 . ASN A 20 ? 0.3371 0.3325 0.3646 0.0228  -0.0292 0.1147  325 ASN A ND2 
177 N N   . SER A 21 ? 0.1577 0.2032 0.1906 0.0438  -0.0011 0.0399  326 SER A N   
178 C CA  . SER A 21 ? 0.1381 0.2144 0.1886 0.0405  0.0026  0.0255  326 SER A CA  
179 C C   . SER A 21 ? 0.1359 0.2020 0.1943 0.0325  0.0205  0.0151  326 SER A C   
180 O O   . SER A 21 ? 0.1453 0.2344 0.2268 0.0234  0.0264  0.0039  326 SER A O   
181 C CB  . SER A 21 ? 0.2303 0.3475 0.2816 0.0326  -0.0035 0.0172  326 SER A CB  
182 O OG  . SER A 21 ? 0.1901 0.2963 0.2324 0.0234  0.0027  0.0055  326 SER A OG  
183 N N   . LEU A 22 ? 0.1893 0.2286 0.2319 0.0350  0.0290  0.0223  327 LEU A N   
184 C CA  . LEU A 22 ? 0.1951 0.2331 0.2434 0.0291  0.0462  0.0279  327 LEU A CA  
185 C C   . LEU A 22 ? 0.2243 0.3001 0.2907 0.0314  0.0524  0.0251  327 LEU A C   
186 O O   . LEU A 22 ? 0.1838 0.2767 0.2503 0.0475  0.0449  0.0154  327 LEU A O   
187 C CB  . LEU A 22 ? 0.1857 0.2080 0.2096 0.0382  0.0518  0.0379  327 LEU A CB  
188 C CG  . LEU A 22 ? 0.2088 0.2420 0.2338 0.0365  0.0691  0.0576  327 LEU A CG  
189 C CD1 . LEU A 22 ? 0.1951 0.1992 0.2416 0.0213  0.0749  0.0702  327 LEU A CD1 
190 C CD2 . LEU A 22 ? 0.2310 0.2719 0.2288 0.0524  0.0716  0.0624  327 LEU A CD2 
191 N N   . SER A 23 ? 0.2192 0.1964 0.2209 0.0932  0.0842  0.0190  328 SER A N   
192 C CA  . SER A 23 ? 0.2169 0.2160 0.2451 0.1005  0.0950  0.0131  328 SER A CA  
193 C C   . SER A 23 ? 0.2339 0.2568 0.2919 0.0833  0.1076  0.0100  328 SER A C   
194 O O   . SER A 23 ? 0.2193 0.2312 0.2678 0.0679  0.1096  0.0144  328 SER A O   
195 C CB  . SER A 23 ? 0.2652 0.2935 0.3226 0.1186  0.0815  0.0050  328 SER A CB  
196 O OG  . SER A 23 ? 0.2286 0.2927 0.3242 0.1141  0.0736  0.0008  328 SER A OG  
197 N N   . THR A 24 ? 0.2516 0.3057 0.3422 0.0852  0.1154  0.0013  329 THR A N   
198 C CA  . THR A 24 ? 0.2077 0.2831 0.3227 0.0661  0.1270  -0.0026 329 THR A CA  
199 C C   . THR A 24 ? 0.2048 0.3172 0.3583 0.0603  0.1175  -0.0075 329 THR A C   
200 O O   . THR A 24 ? 0.2154 0.3439 0.3865 0.0422  0.1247  -0.0108 329 THR A O   
201 C CB  . THR A 24 ? 0.2181 0.3129 0.3496 0.0671  0.1414  -0.0106 329 THR A CB  
202 O OG1 . THR A 24 ? 0.2190 0.3521 0.3840 0.0868  0.1333  -0.0210 329 THR A OG1 
203 C CG2 . THR A 24 ? 0.2627 0.3171 0.3543 0.0690  0.1517  -0.0051 329 THR A CG2 
204 N N   . GLU A 25 ? 0.1737 0.2948 0.3353 0.0744  0.0997  -0.0077 330 GLU A N   
205 C CA  . GLU A 25 ? 0.1949 0.3431 0.3861 0.0676  0.0864  -0.0108 330 GLU A CA  
206 C C   . GLU A 25 ? 0.1483 0.2635 0.3048 0.0560  0.0756  -0.0029 330 GLU A C   
207 O O   . GLU A 25 ? 0.1857 0.2666 0.3037 0.0616  0.0721  0.0039  330 GLU A O   
208 C CB  . GLU A 25 ? 0.2464 0.4207 0.4604 0.0882  0.0670  -0.0169 330 GLU A CB  
209 C CG  . GLU A 25 ? 0.3700 0.5775 0.6089 0.1014  0.0702  -0.0269 330 GLU A CG  
210 C CD  . GLU A 25 ? 0.4852 0.7292 0.7576 0.0834  0.0821  -0.0308 330 GLU A CD  
211 O OE1 . GLU A 25 ? 0.4973 0.7489 0.7814 0.0637  0.0784  -0.0308 330 GLU A OE1 
212 O OE2 . GLU A 25 ? 0.5040 0.7671 0.7894 0.0883  0.0949  -0.0350 330 GLU A OE2 
213 N N   . TRP A 26 ? 0.1593 0.2847 0.3287 0.0395  0.0709  -0.0045 331 TRP A N   
214 C CA  . TRP A 26 ? 0.1284 0.2260 0.2686 0.0305  0.0612  0.0012  331 TRP A CA  
215 C C   . TRP A 26 ? 0.1330 0.2195 0.2547 0.0435  0.0437  0.0032  331 TRP A C   
216 O O   . TRP A 26 ? 0.1489 0.2547 0.2877 0.0548  0.0314  -0.0011 331 TRP A O   
217 C CB  . TRP A 26 ? 0.1630 0.2736 0.3203 0.0141  0.0561  -0.0025 331 TRP A CB  
218 C CG  . TRP A 26 ? 0.2377 0.3438 0.3971 -0.0038 0.0728  -0.0030 331 TRP A CG  
219 C CD1 . TRP A 26 ? 0.3808 0.5149 0.5721 -0.0156 0.0824  -0.0098 331 TRP A CD1 
220 C CD2 . TRP A 26 ? 0.2175 0.2860 0.3422 -0.0132 0.0814  0.0030  331 TRP A CD2 
221 N NE1 . TRP A 26 ? 0.3972 0.5085 0.5710 -0.0333 0.0981  -0.0078 331 TRP A NE1 
222 C CE2 . TRP A 26 ? 0.3541 0.4235 0.4860 -0.0306 0.0965  0.0003  331 TRP A CE2 
223 C CE3 . TRP A 26 ? 0.2196 0.2541 0.3076 -0.0090 0.0774  0.0096  331 TRP A CE3 
224 C CZ2 . TRP A 26 ? 0.3378 0.3687 0.4357 -0.0424 0.1060  0.0050  331 TRP A CZ2 
225 C CZ3 . TRP A 26 ? 0.2326 0.2353 0.2931 -0.0194 0.0853  0.0134  331 TRP A CZ3 
226 C CH2 . TRP A 26 ? 0.2853 0.2834 0.3483 -0.0350 0.0989  0.0116  331 TRP A CH2 
227 N N   . SER A 27 ? 0.1842 0.2390 0.2698 0.0408  0.0423  0.0090  332 SER A N   
228 C CA  . SER A 27 ? 0.1736 0.2138 0.2358 0.0478  0.0286  0.0106  332 SER A CA  
229 C C   . SER A 27 ? 0.1410 0.1928 0.2138 0.0426  0.0142  0.0068  332 SER A C   
230 O O   . SER A 27 ? 0.1551 0.2217 0.2488 0.0323  0.0149  0.0039  332 SER A O   
231 C CB  . SER A 27 ? 0.2222 0.2320 0.2485 0.0417  0.0326  0.0157  332 SER A CB  
232 O OG  . SER A 27 ? 0.1829 0.1917 0.2107 0.0289  0.0322  0.0152  332 SER A OG  
233 N N   . PRO A 28 ? 0.1592 0.1995 0.2122 0.0485  0.0018  0.0068  333 PRO A N   
234 C CA  . PRO A 28 ? 0.1635 0.2072 0.2178 0.0418  -0.0098 0.0035  333 PRO A CA  
235 C C   . PRO A 28 ? 0.1502 0.1843 0.1956 0.0288  -0.0038 0.0043  333 PRO A C   
236 O O   . PRO A 28 ? 0.1742 0.1945 0.2048 0.0265  0.0062  0.0079  333 PRO A O   
237 C CB  . PRO A 28 ? 0.2078 0.2311 0.2306 0.0486  -0.0198 0.0042  333 PRO A CB  
238 C CG  . PRO A 28 ? 0.2319 0.2463 0.2445 0.0624  -0.0179 0.0067  333 PRO A CG  
239 C CD  . PRO A 28 ? 0.2204 0.2393 0.2440 0.0602  -0.0016 0.0094  333 PRO A CD  
240 N N   . CYS A 29 ? 0.1401 0.1797 0.1928 0.0217  -0.0108 0.0006  334 CYS A N   
241 C CA  . CYS A 29 ? 0.1602 0.1883 0.2012 0.0136  -0.0080 -0.0001 334 CYS A CA  
242 C C   . CYS A 29 ? 0.1628 0.1758 0.1763 0.0154  -0.0078 0.0003  334 CYS A C   
243 O O   . CYS A 29 ? 0.1763 0.1847 0.1765 0.0192  -0.0138 -0.0006 334 CYS A O   
244 C CB  . CYS A 29 ? 0.2279 0.2609 0.2774 0.0076  -0.0168 -0.0052 334 CYS A CB  
245 S SG  . CYS A 29 ? 0.2147 0.2329 0.2515 0.0014  -0.0153 -0.0077 334 CYS A SG  
246 N N   . SER A 30 ? 0.1353 0.1399 0.1389 0.0119  -0.0014 0.0010  335 SER A N   
247 C CA  . SER A 30 ? 0.1584 0.1538 0.1397 0.0108  0.0004  0.0000  335 SER A CA  
248 C C   . SER A 30 ? 0.2043 0.2015 0.1778 0.0082  -0.0051 -0.0066 335 SER A C   
249 O O   . SER A 30 ? 0.1889 0.1807 0.1435 0.0052  -0.0024 -0.0088 335 SER A O   
250 C CB  . SER A 30 ? 0.1828 0.1731 0.1598 0.0081  0.0062  0.0008  335 SER A CB  
251 O OG  . SER A 30 ? 0.1543 0.1472 0.1408 0.0068  0.0028  -0.0031 335 SER A OG  
252 N N   . VAL A 31 ? 0.1737 0.1767 0.1593 0.0077  -0.0116 -0.0104 336 VAL A N   
253 C CA  . VAL A 31 ? 0.2019 0.2042 0.1789 0.0056  -0.0161 -0.0175 336 VAL A CA  
254 C C   . VAL A 31 ? 0.2074 0.2095 0.1872 0.0064  -0.0257 -0.0184 336 VAL A C   
255 O O   . VAL A 31 ? 0.1898 0.1984 0.1863 0.0081  -0.0296 -0.0150 336 VAL A O   
256 C CB  . VAL A 31 ? 0.1495 0.1545 0.1332 0.0053  -0.0163 -0.0233 336 VAL A CB  
257 C CG1 . VAL A 31 ? 0.1844 0.1913 0.1660 0.0060  -0.0101 -0.0240 336 VAL A CG1 
258 C CG2 . VAL A 31 ? 0.1723 0.1756 0.1706 0.0050  -0.0204 -0.0213 336 VAL A CG2 
259 N N   . THR A 32 ? 0.2150 0.2107 0.1785 0.0045  -0.0295 -0.0237 337 THR A N   
260 C CA  . THR A 32 ? 0.2415 0.2334 0.2033 0.0047  -0.0410 -0.0254 337 THR A CA  
261 C C   . THR A 32 ? 0.2621 0.2536 0.2277 0.0016  -0.0447 -0.0317 337 THR A C   
262 O O   . THR A 32 ? 0.2876 0.2754 0.2527 0.0001  -0.0550 -0.0337 337 THR A O   
263 C CB  . THR A 32 ? 0.2918 0.2676 0.2235 0.0044  -0.0441 -0.0265 337 THR A CB  
264 O OG1 . THR A 32 ? 0.3358 0.3054 0.2483 -0.0014 -0.0351 -0.0326 337 THR A OG1 
265 C CG2 . THR A 32 ? 0.3789 0.3484 0.3012 0.0088  -0.0422 -0.0201 337 THR A CG2 
266 N N   . CYS A 33 ? 0.1996 0.1927 0.1671 0.0014  -0.0375 -0.0355 338 CYS A N   
267 C CA  . CYS A 33 ? 0.1681 0.1567 0.1378 0.0010  -0.0409 -0.0414 338 CYS A CA  
268 C C   . CYS A 33 ? 0.1915 0.1824 0.1700 0.0044  -0.0355 -0.0421 338 CYS A C   
269 O O   . CYS A 33 ? 0.1740 0.1716 0.1543 0.0063  -0.0285 -0.0402 338 CYS A O   
270 C CB  . CYS A 33 ? 0.2198 0.2006 0.1696 0.0005  -0.0406 -0.0503 338 CYS A CB  
271 S SG  . CYS A 33 ? 0.2507 0.2403 0.1927 0.0020  -0.0270 -0.0576 338 CYS A SG  
272 N N   . GLY A 34 ? 0.2069 0.1885 0.1875 0.0047  -0.0400 -0.0447 339 GLY A N   
273 C CA  . GLY A 34 ? 0.1982 0.1743 0.1814 0.0092  -0.0379 -0.0451 339 GLY A CA  
274 C C   . GLY A 34 ? 0.2174 0.1940 0.2102 0.0060  -0.0347 -0.0362 339 GLY A C   
275 O O   . GLY A 34 ? 0.2238 0.2057 0.2259 -0.0003 -0.0350 -0.0308 339 GLY A O   
276 N N   . ASN A 35 ? 0.1555 0.1270 0.1460 0.0107  -0.0319 -0.0356 340 ASN A N   
277 C CA  . ASN A 35 ? 0.1538 0.1202 0.1476 0.0072  -0.0275 -0.0276 340 ASN A CA  
278 C C   . ASN A 35 ? 0.1862 0.1643 0.1826 0.0086  -0.0206 -0.0232 340 ASN A C   
279 O O   . ASN A 35 ? 0.1737 0.1593 0.1667 0.0133  -0.0197 -0.0274 340 ASN A O   
280 C CB  . ASN A 35 ? 0.1626 0.1066 0.1443 0.0108  -0.0303 -0.0285 340 ASN A CB  
281 C CG  . ASN A 35 ? 0.2144 0.1365 0.1867 0.0059  -0.0355 -0.0302 340 ASN A CG  
282 O OD1 . ASN A 35 ? 0.2654 0.1915 0.2418 0.0008  -0.0385 -0.0325 340 ASN A OD1 
283 N ND2 . ASN A 35 ? 0.2597 0.1539 0.2151 0.0066  -0.0375 -0.0289 340 ASN A ND2 
284 N N   . GLY A 36 ? 0.1578 0.1372 0.1601 0.0039  -0.0153 -0.0158 341 GLY A N   
285 C CA  . GLY A 36 ? 0.1392 0.1233 0.1395 0.0051  -0.0086 -0.0110 341 GLY A CA  
286 C C   . GLY A 36 ? 0.1643 0.1398 0.1658 0.0015  -0.0016 -0.0042 341 GLY A C   
287 O O   . GLY A 36 ? 0.1840 0.1455 0.1826 -0.0023 -0.0016 -0.0036 341 GLY A O   
288 N N   . ILE A 37 ? 0.1628 0.1433 0.1648 0.0022  0.0049  0.0005  342 ILE A N   
289 C CA  . ILE A 37 ? 0.1559 0.1290 0.1582 -0.0007 0.0141  0.0062  342 ILE A CA  
290 C C   . ILE A 37 ? 0.1491 0.1364 0.1641 0.0014  0.0187  0.0085  342 ILE A C   
291 O O   . ILE A 37 ? 0.1544 0.1495 0.1680 0.0064  0.0149  0.0077  342 ILE A O   
292 C CB  . ILE A 37 ? 0.1734 0.1310 0.1571 0.0009  0.0180  0.0094  342 ILE A CB  
293 C CG1 . ILE A 37 ? 0.2015 0.1414 0.1778 -0.0040 0.0268  0.0139  342 ILE A CG1 
294 C CG2 . ILE A 37 ? 0.2265 0.1892 0.2034 0.0043  0.0208  0.0113  342 ILE A CG2 
295 C CD1 . ILE A 37 ? 0.2511 0.1711 0.2173 -0.0080 0.0224  0.0123  342 ILE A CD1 
296 N N   . GLN A 38 ? 0.1727 0.1624 0.1987 -0.0026 0.0270  0.0103  343 GLN A N   
297 C CA  . GLN A 38 ? 0.1594 0.1622 0.1973 0.0025  0.0334  0.0120  343 GLN A CA  
298 C C   . GLN A 38 ? 0.1975 0.1850 0.2233 0.0011  0.0469  0.0164  343 GLN A C   
299 O O   . GLN A 38 ? 0.2041 0.1748 0.2194 -0.0070 0.0520  0.0176  343 GLN A O   
300 C CB  . GLN A 38 ? 0.1967 0.2232 0.2643 -0.0011 0.0331  0.0081  343 GLN A CB  
301 C CG  . GLN A 38 ? 0.2189 0.2608 0.2979 0.0022  0.0187  0.0038  343 GLN A CG  
302 C CD  . GLN A 38 ? 0.2456 0.3118 0.3548 -0.0039 0.0168  -0.0010 343 GLN A CD  
303 O OE1 . GLN A 38 ? 0.2380 0.3008 0.3504 -0.0165 0.0174  -0.0031 343 GLN A OE1 
304 N NE2 . GLN A 38 ? 0.2313 0.3210 0.3618 0.0046  0.0138  -0.0034 343 GLN A NE2 
305 N N   . VAL A 39 ? 0.1730 0.1613 0.1950 0.0094  0.0522  0.0187  344 VAL A N   
306 C CA  . VAL A 39 ? 0.1939 0.1651 0.2008 0.0091  0.0658  0.0227  344 VAL A CA  
307 C C   . VAL A 39 ? 0.2081 0.1939 0.2308 0.0175  0.0750  0.0215  344 VAL A C   
308 O O   . VAL A 39 ? 0.2065 0.2114 0.2450 0.0274  0.0677  0.0187  344 VAL A O   
309 C CB  . VAL A 39 ? 0.2541 0.2014 0.2291 0.0117  0.0636  0.0267  344 VAL A CB  
310 C CG1 . VAL A 39 ? 0.2792 0.2151 0.2416 0.0052  0.0552  0.0262  344 VAL A CG1 
311 C CG2 . VAL A 39 ? 0.2261 0.1780 0.1956 0.0206  0.0564  0.0263  344 VAL A CG2 
312 N N   . ARG A 40 ? 0.1988 0.1746 0.2158 0.0146  0.0910  0.0230  345 ARG A N   
313 C CA  . ARG A 40 ? 0.2376 0.2252 0.2667 0.0249  0.1020  0.0210  345 ARG A CA  
314 C C   . ARG A 40 ? 0.3132 0.2725 0.3155 0.0218  0.1156  0.0244  345 ARG A C   
315 O O   . ARG A 40 ? 0.3420 0.2771 0.3231 0.0104  0.1124  0.0260  345 ARG A O   
316 C CB  . ARG A 40 ? 0.1919 0.2181 0.2643 0.0231  0.1071  0.0134  345 ARG A CB  
317 C CG  . ARG A 40 ? 0.2291 0.2551 0.3083 0.0045  0.1221  0.0115  345 ARG A CG  
318 C CD  . ARG A 40 ? 0.2575 0.3263 0.3805 0.0013  0.1258  0.0023  345 ARG A CD  
319 N NE  . ARG A 40 ? 0.4385 0.5032 0.5603 -0.0199 0.1336  -0.0001 345 ARG A NE  
320 C CZ  . ARG A 40 ? 0.5584 0.6564 0.7129 -0.0295 0.1353  -0.0076 345 ARG A CZ  
321 N NH1 . ARG A 40 ? 0.5694 0.7109 0.7635 -0.0186 0.1277  -0.0141 345 ARG A NH1 
322 N NH2 . ARG A 40 ? 0.6076 0.6932 0.7519 -0.0494 0.1427  -0.0088 345 ARG A NH2 
323 N N   . ILE A 41 ? 0.2418 0.2017 0.2433 0.0331  0.1217  0.0232  346 ILE A N   
324 C CA  . ILE A 41 ? 0.2439 0.1793 0.2246 0.0295  0.1304  0.0242  346 ILE A CA  
325 C C   . ILE A 41 ? 0.2692 0.2228 0.2725 0.0201  0.1432  0.0184  346 ILE A C   
326 O O   . ILE A 41 ? 0.3029 0.2952 0.3431 0.0240  0.1474  0.0116  346 ILE A O   
327 C CB  . ILE A 41 ? 0.2664 0.1924 0.2343 0.0451  0.1326  0.0255  346 ILE A CB  
328 C CG1 . ILE A 41 ? 0.2858 0.1857 0.2223 0.0497  0.1199  0.0313  346 ILE A CG1 
329 C CG2 . ILE A 41 ? 0.3125 0.2169 0.2640 0.0419  0.1437  0.0256  346 ILE A CG2 
330 C CD1 . ILE A 41 ? 0.3446 0.2335 0.2649 0.0656  0.1194  0.0330  346 ILE A CD1 
331 N N   . LYS A 42 ? 0.2866 0.2001 0.3363 -0.0154 0.0544  -0.0168 347 LYS A N   
332 C CA  . LYS A 42 ? 0.3359 0.2153 0.4014 -0.0405 0.0716  -0.0089 347 LYS A CA  
333 C C   . LYS A 42 ? 0.2830 0.1936 0.3584 -0.0516 0.0981  -0.0071 347 LYS A C   
334 O O   . LYS A 42 ? 0.3211 0.2431 0.3683 -0.0442 0.1056  0.0017  347 LYS A O   
335 C CB  . LYS A 42 ? 0.4965 0.3108 0.5175 -0.0520 0.0758  0.0200  347 LYS A CB  
336 C CG  . LYS A 42 ? 0.6253 0.3979 0.6490 -0.0427 0.0458  0.0152  347 LYS A CG  
337 C CD  . LYS A 42 ? 0.7227 0.4239 0.7041 -0.0549 0.0473  0.0496  347 LYS A CD  
338 C CE  . LYS A 42 ? 0.7650 0.4209 0.7539 -0.0388 0.0087  0.0400  347 LYS A CE  
339 N NZ  . LYS A 42 ? 0.8666 0.4839 0.8232 -0.0395 0.0044  0.0735  347 LYS A NZ  
340 N N   . PRO A 43 ? 0.3044 0.2313 0.4278 -0.0680 0.1091  -0.0204 348 PRO A N   
341 C CA  . PRO A 43 ? 0.3510 0.3170 0.4916 -0.0758 0.1319  -0.0272 348 PRO A CA  
342 C C   . PRO A 43 ? 0.3715 0.3242 0.4671 -0.0849 0.1545  -0.0054 348 PRO A C   
343 O O   . PRO A 43 ? 0.3490 0.3350 0.4439 -0.0740 0.1592  -0.0150 348 PRO A O   
344 C CB  . PRO A 43 ? 0.4110 0.3847 0.6091 -0.1000 0.1420  -0.0414 348 PRO A CB  
345 C CG  . PRO A 43 ? 0.4629 0.4244 0.6919 -0.0903 0.1130  -0.0585 348 PRO A CG  
346 C CD  . PRO A 43 ? 0.4515 0.3683 0.6267 -0.0770 0.0963  -0.0381 348 PRO A CD  
347 N N   . GLY A 44 ? 0.3583 0.2694 0.4140 -0.0957 0.1558  0.0199  349 GLY A N   
348 C CA  . GLY A 44 ? 0.3493 0.2652 0.3592 -0.0945 0.1644  0.0347  349 GLY A CA  
349 C C   . GLY A 44 ? 0.3760 0.2864 0.3503 -0.0719 0.1548  0.0340  349 GLY A C   
350 O O   . GLY A 44 ? 0.4080 0.3296 0.3535 -0.0669 0.1605  0.0367  349 GLY A O   
351 N N   . SER A 45 ? 0.2917 0.1911 0.2727 -0.0588 0.1411  0.0292  350 SER A N   
352 C CA  . SER A 45 ? 0.2723 0.1696 0.2279 -0.0390 0.1284  0.0298  350 SER A CA  
353 C C   . SER A 45 ? 0.2291 0.1645 0.2192 -0.0258 0.1199  0.0159  350 SER A C   
354 O O   . SER A 45 ? 0.2567 0.1930 0.2399 -0.0125 0.1059  0.0192  350 SER A O   
355 C CB  . SER A 45 ? 0.2915 0.1602 0.2269 -0.0293 0.1063  0.0365  350 SER A CB  
356 O OG  . SER A 45 ? 0.3821 0.2089 0.2818 -0.0364 0.1073  0.0524  350 SER A OG  
357 N N   . ALA A 46 ? 0.2492 0.2158 0.2789 -0.0301 0.1270  0.0021  351 ALA A N   
358 C CA  . ALA A 46 ? 0.2349 0.2359 0.2971 -0.0150 0.1145  -0.0073 351 ALA A CA  
359 C C   . ALA A 46 ? 0.2686 0.2710 0.3316 -0.0042 0.1105  -0.0083 351 ALA A C   
360 O O   . ALA A 46 ? 0.2481 0.2619 0.3302 0.0090  0.0932  -0.0034 351 ALA A O   
361 C CB  . ALA A 46 ? 0.2543 0.2909 0.3601 -0.0189 0.1211  -0.0274 351 ALA A CB  
362 N N   . ASN A 47 ? 0.2050 0.1983 0.2498 -0.0090 0.1242  -0.0144 352 ASN A N   
363 C CA  . ASN A 47 ? 0.2087 0.2065 0.2636 0.0045  0.1166  -0.0268 352 ASN A CA  
364 C C   . ASN A 47 ? 0.2724 0.2412 0.3076 0.0123  0.1004  -0.0151 352 ASN A C   
365 O O   . ASN A 47 ? 0.2872 0.2539 0.3436 0.0243  0.0865  -0.0260 352 ASN A O   
366 C CB  . ASN A 47 ? 0.2336 0.2539 0.2804 0.0000  0.1377  -0.0475 352 ASN A CB  
367 C CG  . ASN A 47 ? 0.4058 0.4692 0.4872 -0.0073 0.1536  -0.0675 352 ASN A CG  
368 O OD1 . ASN A 47 ? 0.5435 0.6255 0.6087 -0.0223 0.1688  -0.0671 352 ASN A OD1 
369 N ND2 . ASN A 47 ? 0.2758 0.3543 0.4006 0.0047  0.1377  -0.0785 352 ASN A ND2 
370 N N   . LYS A 48 ? 0.2820 0.2294 0.2841 0.0064  0.0995  0.0025  353 LYS A N   
371 C CA  . LYS A 48 ? 0.2589 0.1858 0.2438 0.0127  0.0856  0.0089  353 LYS A CA  
372 C C   . LYS A 48 ? 0.2349 0.1656 0.2514 0.0168  0.0657  0.0217  353 LYS A C   
373 O O   . LYS A 48 ? 0.2289 0.1782 0.2618 0.0151  0.0622  0.0340  353 LYS A O   
374 C CB  . LYS A 48 ? 0.2705 0.1771 0.2125 0.0084  0.0875  0.0196  353 LYS A CB  
375 C CG  . LYS A 48 ? 0.3002 0.1956 0.2045 0.0026  0.1053  0.0185  353 LYS A CG  
376 C CD  . LYS A 48 ? 0.3695 0.2336 0.2306 0.0030  0.0994  0.0315  353 LYS A CD  
377 C CE  . LYS A 48 ? 0.4559 0.3102 0.2797 -0.0043 0.1146  0.0401  353 LYS A CE  
378 N NZ  . LYS A 48 ? 0.5299 0.3540 0.3186 0.0002  0.0997  0.0526  353 LYS A NZ  
379 N N   . PRO A 49 ? 0.2688 0.1867 0.2964 0.0214  0.0520  0.0196  354 PRO A N   
380 C CA  . PRO A 49 ? 0.2549 0.1758 0.3131 0.0183  0.0349  0.0412  354 PRO A CA  
381 C C   . PRO A 49 ? 0.2183 0.1534 0.2515 0.0122  0.0356  0.0569  354 PRO A C   
382 O O   . PRO A 49 ? 0.2545 0.1817 0.2502 0.0139  0.0419  0.0464  354 PRO A O   
383 C CB  . PRO A 49 ? 0.2355 0.1368 0.3167 0.0225  0.0208  0.0276  354 PRO A CB  
384 C CG  . PRO A 49 ? 0.3030 0.1986 0.3410 0.0296  0.0311  0.0028  354 PRO A CG  
385 C CD  . PRO A 49 ? 0.3071 0.2133 0.3214 0.0292  0.0511  -0.0026 354 PRO A CD  
386 N N   . LYS A 50 ? 0.2455 0.2053 0.2998 0.0064  0.0273  0.0821  355 LYS A N   
387 C CA  . LYS A 50 ? 0.2387 0.2318 0.2766 0.0028  0.0267  0.0924  355 LYS A CA  
388 C C   . LYS A 50 ? 0.2586 0.2402 0.2801 0.0026  0.0228  0.0787  355 LYS A C   
389 O O   . LYS A 50 ? 0.2739 0.2707 0.2691 0.0071  0.0226  0.0687  355 LYS A O   
390 C CB  . LYS A 50 ? 0.2545 0.2864 0.3203 -0.0054 0.0197  0.1269  355 LYS A CB  
391 C CG  . LYS A 50 ? 0.2947 0.3793 0.3527 -0.0112 0.0184  0.1367  355 LYS A CG  
392 C CD  . LYS A 50 ? 0.3324 0.4548 0.4165 -0.0189 0.0109  0.1630  355 LYS A CD  
393 C CE  . LYS A 50 ? 0.3657 0.5473 0.4486 -0.0263 0.0098  0.1714  355 LYS A CE  
394 N NZ  . LYS A 50 ? 0.4227 0.5865 0.5193 -0.0398 0.0090  0.1717  355 LYS A NZ  
395 N N   . ASP A 51 ? 0.2246 0.1806 0.2664 0.0009  0.0159  0.0722  356 ASP A N   
396 C CA  . ASP A 51 ? 0.2233 0.1748 0.2553 0.0033  0.0092  0.0550  356 ASP A CA  
397 C C   . ASP A 51 ? 0.2943 0.2175 0.2808 0.0184  0.0124  0.0278  356 ASP A C   
398 O O   . ASP A 51 ? 0.3192 0.2362 0.2958 0.0259  0.0037  0.0092  356 ASP A O   
399 C CB  . ASP A 51 ? 0.2288 0.1730 0.3125 -0.0056 -0.0038 0.0567  356 ASP A CB  
400 C CG  . ASP A 51 ? 0.2870 0.1960 0.3964 0.0021  -0.0101 0.0401  356 ASP A CG  
401 O OD1 . ASP A 51 ? 0.2555 0.1527 0.3351 0.0144  -0.0009 0.0243  356 ASP A OD1 
402 O OD2 . ASP A 51 ? 0.2642 0.1613 0.4303 -0.0048 -0.0257 0.0405  356 ASP A OD2 
403 N N   . GLU A 52 ? 0.2235 0.1334 0.1834 0.0223  0.0246  0.0269  357 GLU A N   
404 C CA  . GLU A 52 ? 0.2604 0.1462 0.1719 0.0324  0.0300  0.0130  357 GLU A CA  
405 C C   . GLU A 52 ? 0.3100 0.1884 0.1931 0.0304  0.0380  0.0216  357 GLU A C   
406 O O   . GLU A 52 ? 0.3649 0.2225 0.2184 0.0306  0.0489  0.0221  357 GLU A O   
407 C CB  . GLU A 52 ? 0.2943 0.1706 0.2043 0.0377  0.0375  -0.0009 357 GLU A CB  
408 C CG  . GLU A 52 ? 0.3898 0.2688 0.3292 0.0458  0.0229  -0.0217 357 GLU A CG  
409 C CD  . GLU A 52 ? 0.4956 0.3782 0.4275 0.0587  0.0270  -0.0474 357 GLU A CD  
410 O OE1 . GLU A 52 ? 0.5126 0.4009 0.4206 0.0569  0.0451  -0.0440 357 GLU A OE1 
411 O OE2 . GLU A 52 ? 0.5226 0.4103 0.4768 0.0708  0.0116  -0.0744 357 GLU A OE2 
412 N N   . LEU A 53 ? 0.2582 0.1588 0.1544 0.0279  0.0315  0.0277  358 LEU A N   
413 C CA  . LEU A 53 ? 0.2585 0.1530 0.1412 0.0286  0.0320  0.0278  358 LEU A CA  
414 C C   . LEU A 53 ? 0.3275 0.2050 0.1811 0.0407  0.0157  0.0179  358 LEU A C   
415 O O   . LEU A 53 ? 0.3484 0.2555 0.2109 0.0479  0.0015  0.0081  358 LEU A O   
416 C CB  . LEU A 53 ? 0.2513 0.1897 0.1670 0.0255  0.0302  0.0308  358 LEU A CB  
417 C CG  . LEU A 53 ? 0.2461 0.1968 0.1887 0.0177  0.0424  0.0398  358 LEU A CG  
418 C CD1 . LEU A 53 ? 0.2447 0.2497 0.2140 0.0193  0.0366  0.0458  358 LEU A CD1 
419 C CD2 . LEU A 53 ? 0.2847 0.2105 0.2217 0.0122  0.0556  0.0348  358 LEU A CD2 
420 N N   . ASP A 54 ? 0.3322 0.1643 0.1519 0.0428  0.0171  0.0219  359 ASP A N   
421 C CA  . ASP A 54 ? 0.3764 0.1807 0.1679 0.0575  -0.0037 0.0152  359 ASP A CA  
422 C C   . ASP A 54 ? 0.3742 0.1879 0.1911 0.0611  -0.0188 0.0042  359 ASP A C   
423 O O   . ASP A 54 ? 0.3769 0.1850 0.2144 0.0498  -0.0102 0.0095  359 ASP A O   
424 C CB  . ASP A 54 ? 0.5327 0.2828 0.2779 0.0571  0.0017  0.0326  359 ASP A CB  
425 C CG  . ASP A 54 ? 0.6044 0.3249 0.3256 0.0729  -0.0237 0.0275  359 ASP A CG  
426 O OD1 . ASP A 54 ? 0.6394 0.3324 0.3683 0.0678  -0.0319 0.0352  359 ASP A OD1 
427 O OD2 . ASP A 54 ? 0.6694 0.3965 0.3718 0.0903  -0.0375 0.0132  359 ASP A OD2 
428 N N   . TYR A 55 ? 0.3399 0.2714 0.1533 0.0688  0.0479  0.0397  360 TYR A N   
429 C CA  . TYR A 55 ? 0.3073 0.2417 0.1342 0.0691  0.0445  0.0446  360 TYR A CA  
430 C C   . TYR A 55 ? 0.3318 0.2670 0.1635 0.0679  0.0424  0.0564  360 TYR A C   
431 O O   . TYR A 55 ? 0.3327 0.2734 0.1778 0.0648  0.0469  0.0606  360 TYR A O   
432 C CB  . TYR A 55 ? 0.3279 0.2719 0.1624 0.0650  0.0368  0.0295  360 TYR A CB  
433 C CG  . TYR A 55 ? 0.3138 0.2651 0.1727 0.0654  0.0297  0.0297  360 TYR A CG  
434 C CD1 . TYR A 55 ? 0.3412 0.2867 0.2067 0.0557  0.0375  0.0286  360 TYR A CD1 
435 C CD2 . TYR A 55 ? 0.3141 0.2660 0.1771 0.0785  0.0123  0.0302  360 TYR A CD2 
436 C CE1 . TYR A 55 ? 0.3281 0.2822 0.2167 0.0544  0.0323  0.0272  360 TYR A CE1 
437 C CE2 . TYR A 55 ? 0.3321 0.2849 0.2140 0.0806  0.0053  0.0284  360 TYR A CE2 
438 C CZ  . TYR A 55 ? 0.3062 0.2673 0.2072 0.0661  0.0175  0.0264  360 TYR A CZ  
439 O OH  . TYR A 55 ? 0.3168 0.2812 0.2375 0.0663  0.0119  0.0231  360 TYR A OH  
440 N N   . ALA A 56 ? 0.3673 0.2877 0.1759 0.0678  0.0365  0.0601  361 ALA A N   
441 C CA  . ALA A 56 ? 0.4658 0.3593 0.2537 0.0590  0.0350  0.0697  361 ALA A CA  
442 C C   . ALA A 56 ? 0.4989 0.4017 0.2822 0.0380  0.0577  0.0717  361 ALA A C   
443 O O   . ALA A 56 ? 0.5850 0.4773 0.3596 0.0213  0.0677  0.0752  361 ALA A O   
444 C CB  . ALA A 56 ? 0.4929 0.3510 0.2401 0.0675  0.0180  0.0707  361 ALA A CB  
445 N N   . ASN A 57 ? 0.3883 0.3152 0.1759 0.0381  0.0682  0.0642  362 ASN A N   
446 C CA  . ASN A 57 ? 0.4814 0.4315 0.2621 0.0185  0.0924  0.0554  362 ASN A CA  
447 C C   . ASN A 57 ? 0.4407 0.4480 0.2597 0.0311  0.1059  0.0360  362 ASN A C   
448 O O   . ASN A 57 ? 0.4690 0.5200 0.3028 0.0134  0.1274  0.0157  362 ASN A O   
449 C CB  . ASN A 57 ? 0.5007 0.4435 0.2554 0.0122  0.0948  0.0531  362 ASN A CB  
450 C CG  . ASN A 57 ? 0.6552 0.5419 0.3629 0.0051  0.0817  0.0672  362 ASN A CG  
451 O OD1 . ASN A 57 ? 0.6962 0.5457 0.3770 -0.0086 0.0830  0.0742  362 ASN A OD1 
452 N ND2 . ASN A 57 ? 0.7593 0.6331 0.4510 0.0176  0.0684  0.0680  362 ASN A ND2 
453 N N   . ASP A 58 ? 0.3035 0.3131 0.1380 0.0610  0.0903  0.0344  363 ASP A N   
454 C CA  . ASP A 58 ? 0.2990 0.3478 0.1627 0.0846  0.0860  0.0110  363 ASP A CA  
455 C C   . ASP A 58 ? 0.2918 0.3438 0.1765 0.0957  0.0728  0.0099  363 ASP A C   
456 O O   . ASP A 58 ? 0.2850 0.3717 0.1909 0.1193  0.0639  -0.0135 363 ASP A O   
457 C CB  . ASP A 58 ? 0.3395 0.3614 0.1794 0.1109  0.0754  0.0070  363 ASP A CB  
458 C CG  . ASP A 58 ? 0.3684 0.3996 0.1988 0.1021  0.0859  0.0001  363 ASP A CG  
459 O OD1 . ASP A 58 ? 0.3759 0.4569 0.2263 0.0905  0.1015  -0.0204 363 ASP A OD1 
460 O OD2 . ASP A 58 ? 0.4145 0.4069 0.2208 0.1003  0.0799  0.0100  363 ASP A OD2 
461 N N   . ILE A 59 ? 0.3366 0.3551 0.2142 0.0829  0.0683  0.0303  364 ILE A N   
462 C CA  . ILE A 59 ? 0.3116 0.3288 0.2048 0.0882  0.0579  0.0304  364 ILE A CA  
463 C C   . ILE A 59 ? 0.3176 0.3518 0.2303 0.0634  0.0676  0.0334  364 ILE A C   
464 O O   . ILE A 59 ? 0.3398 0.3450 0.2318 0.0448  0.0735  0.0479  364 ILE A O   
465 C CB  . ILE A 59 ? 0.2977 0.2666 0.1682 0.0884  0.0483  0.0428  364 ILE A CB  
466 C CG1 . ILE A 59 ? 0.3267 0.2582 0.1584 0.1002  0.0451  0.0392  364 ILE A CG1 
467 C CG2 . ILE A 59 ? 0.3086 0.2725 0.1877 0.0900  0.0403  0.0413  364 ILE A CG2 
468 C CD1 . ILE A 59 ? 0.3711 0.2844 0.1782 0.1299  0.0333  0.0264  364 ILE A CD1 
469 N N   . GLU A 60 ? 0.2599 0.3333 0.2027 0.0653  0.0668  0.0169  365 GLU A N   
470 C CA  . GLU A 60 ? 0.2404 0.3224 0.1961 0.0376  0.0778  0.0173  365 GLU A CA  
471 C C   . GLU A 60 ? 0.2744 0.3320 0.2348 0.0453  0.0625  0.0277  365 GLU A C   
472 O O   . GLU A 60 ? 0.3135 0.3684 0.2736 0.0692  0.0468  0.0234  365 GLU A O   
473 C CB  . GLU A 60 ? 0.2811 0.4387 0.2746 0.0259  0.0916  -0.0175 365 GLU A CB  
474 C CG  . GLU A 60 ? 0.4867 0.6766 0.4759 0.0026  0.1167  -0.0360 365 GLU A CG  
475 C CD  . GLU A 60 ? 0.5676 0.8365 0.5986 -0.0229 0.1339  -0.0794 365 GLU A CD  
476 O OE1 . GLU A 60 ? 0.5862 0.8858 0.6481 -0.0220 0.1258  -0.0937 365 GLU A OE1 
477 O OE2 . GLU A 60 ? 0.6262 0.9154 0.6567 -0.0448 0.1483  -0.0983 365 GLU A OE2 
478 N N   . LYS A 61 ? 0.2228 0.2518 0.1753 0.0251  0.0670  0.0397  366 LYS A N   
479 C CA  . LYS A 61 ? 0.2255 0.2367 0.1856 0.0296  0.0550  0.0449  366 LYS A CA  
480 C C   . LYS A 61 ? 0.2215 0.2371 0.1917 0.0073  0.0639  0.0403  366 LYS A C   
481 O O   . LYS A 61 ? 0.2862 0.2835 0.2343 -0.0175 0.0799  0.0416  366 LYS A O   
482 C CB  . LYS A 61 ? 0.2824 0.2518 0.2228 0.0348  0.0454  0.0570  366 LYS A CB  
483 C CG  . LYS A 61 ? 0.2830 0.2456 0.2081 0.0471  0.0413  0.0584  366 LYS A CG  
484 C CD  . LYS A 61 ? 0.3735 0.3177 0.2717 0.0439  0.0453  0.0662  366 LYS A CD  
485 C CE  . LYS A 61 ? 0.3824 0.3266 0.2681 0.0546  0.0425  0.0648  366 LYS A CE  
486 N NZ  . LYS A 61 ? 0.3602 0.2853 0.2129 0.0501  0.0475  0.0722  366 LYS A NZ  
487 N N   . LYS A 62 ? 0.2130 0.2407 0.2039 0.0114  0.0558  0.0346  367 LYS A N   
488 C CA  . LYS A 62 ? 0.2077 0.2315 0.2051 -0.0108 0.0638  0.0302  367 LYS A CA  
489 C C   . LYS A 62 ? 0.2548 0.2675 0.2628 -0.0022 0.0508  0.0314  367 LYS A C   
490 O O   . LYS A 62 ? 0.1900 0.2139 0.2032 0.0139  0.0399  0.0278  367 LYS A O   
491 C CB  . LYS A 62 ? 0.2114 0.2968 0.2366 -0.0282 0.0778  0.0048  367 LYS A CB  
492 C CG  . LYS A 62 ? 0.2274 0.3646 0.2857 -0.0053 0.0612  -0.0141 367 LYS A CG  
493 C CD  . LYS A 62 ? 0.3118 0.5330 0.4085 -0.0179 0.0718  -0.0529 367 LYS A CD  
494 C CE  . LYS A 62 ? 0.3240 0.5915 0.4481 0.0042  0.0509  -0.0759 367 LYS A CE  
495 N NZ  . LYS A 62 ? 0.3555 0.7252 0.5262 0.0012  0.0544  -0.1266 367 LYS A NZ  
496 N N   . ILE A 63 ? 0.2088 0.1872 0.2075 -0.0143 0.0523  0.0347  368 ILE A N   
497 C CA  . ILE A 63 ? 0.1942 0.1697 0.2075 -0.0096 0.0429  0.0294  368 ILE A CA  
498 C C   . ILE A 63 ? 0.1899 0.2064 0.2275 -0.0176 0.0454  0.0163  368 ILE A C   
499 O O   . ILE A 63 ? 0.2214 0.2645 0.2689 -0.0349 0.0570  0.0060  368 ILE A O   
500 C CB  . ILE A 63 ? 0.2695 0.1936 0.2623 -0.0133 0.0399  0.0313  368 ILE A CB  
501 C CG1 . ILE A 63 ? 0.3061 0.1935 0.2737 0.0095  0.0252  0.0366  368 ILE A CG1 
502 C CG2 . ILE A 63 ? 0.2963 0.2292 0.3116 -0.0130 0.0342  0.0189  368 ILE A CG2 
503 C CD1 . ILE A 63 ? 0.4290 0.2453 0.3547 0.0199  0.0123  0.0366  368 ILE A CD1 
504 N N   . CYS A 64 ? 0.1706 0.1928 0.2121 -0.0082 0.0357  0.0116  369 CYS A N   
505 C CA  . CYS A 64 ? 0.2191 0.2688 0.2723 -0.0108 0.0318  -0.0016 369 CYS A CA  
506 C C   . CYS A 64 ? 0.2040 0.2371 0.2599 -0.0206 0.0314  -0.0061 369 CYS A C   
507 O O   . CYS A 64 ? 0.1830 0.1945 0.2306 -0.0193 0.0308  -0.0057 369 CYS A O   
508 C CB  . CYS A 64 ? 0.2087 0.2657 0.2410 0.0121  0.0173  -0.0060 369 CYS A CB  
509 S SG  . CYS A 64 ? 0.2753 0.2753 0.2579 0.0188  0.0145  0.0054  369 CYS A SG  
510 N N   . LYS A 65 ? 0.1716 0.2247 0.2438 -0.0326 0.0334  -0.0175 370 LYS A N   
511 C CA  . LYS A 65 ? 0.1946 0.2347 0.2720 -0.0435 0.0346  -0.0251 370 LYS A CA  
512 C C   . LYS A 65 ? 0.2555 0.3160 0.3285 -0.0440 0.0271  -0.0372 370 LYS A C   
513 O O   . LYS A 65 ? 0.2939 0.3914 0.3834 -0.0475 0.0251  -0.0497 370 LYS A O   
514 C CB  . LYS A 65 ? 0.2725 0.2953 0.3585 -0.0600 0.0443  -0.0276 370 LYS A CB  
515 C CG  . LYS A 65 ? 0.3421 0.3222 0.4076 -0.0548 0.0463  -0.0147 370 LYS A CG  
516 C CD  . LYS A 65 ? 0.4224 0.3481 0.4632 -0.0698 0.0530  -0.0158 370 LYS A CD  
517 C CE  . LYS A 65 ? 0.5160 0.3764 0.5099 -0.0605 0.0500  -0.0013 370 LYS A CE  
518 N NZ  . LYS A 65 ? 0.6123 0.3820 0.5489 -0.0708 0.0524  -0.0004 370 LYS A NZ  
519 N N   . MET A 66 ? 0.1499 0.2732 0.2295 -0.0082 -0.0341 -0.0798 371 MET A N   
520 C CA  . MET A 66 ? 0.1682 0.3120 0.2428 -0.0050 -0.0410 -0.0717 371 MET A CA  
521 C C   . MET A 66 ? 0.2307 0.3399 0.2692 -0.0287 -0.0390 -0.0752 371 MET A C   
522 O O   . MET A 66 ? 0.2134 0.2746 0.2233 -0.0420 -0.0289 -0.0822 371 MET A O   
523 C CB  . MET A 66 ? 0.1751 0.2954 0.2587 0.0257  -0.0385 -0.0630 371 MET A CB  
524 C CG  . MET A 66 ? 0.1717 0.2938 0.2689 0.0502  -0.0327 -0.0616 371 MET A CG  
525 S SD  . MET A 66 ? 0.2924 0.4969 0.4011 0.0753  -0.0369 -0.0493 371 MET A SD  
526 C CE  . MET A 66 ? 0.2637 0.4768 0.3572 0.1019  -0.0374 -0.0298 371 MET A CE  
527 N N   . GLU A 67 ? 0.1770 0.3064 0.2093 -0.0291 -0.0453 -0.0688 372 GLU A N   
528 C CA  . GLU A 67 ? 0.2207 0.3153 0.2117 -0.0526 -0.0419 -0.0734 372 GLU A CA  
529 C C   . GLU A 67 ? 0.2158 0.2413 0.1913 -0.0353 -0.0313 -0.0724 372 GLU A C   
530 O O   . GLU A 67 ? 0.1964 0.2204 0.1991 -0.0108 -0.0309 -0.0664 372 GLU A O   
531 C CB  . GLU A 67 ? 0.2913 0.4328 0.2848 -0.0516 -0.0517 -0.0645 372 GLU A CB  
532 C CG  . GLU A 67 ? 0.4548 0.5901 0.4742 -0.0111 -0.0536 -0.0500 372 GLU A CG  
533 C CD  . GLU A 67 ? 0.6158 0.7838 0.6290 -0.0066 -0.0601 -0.0389 372 GLU A CD  
534 O OE1 . GLU A 67 ? 0.5874 0.8149 0.5878 -0.0324 -0.0664 -0.0406 372 GLU A OE1 
535 O OE2 . GLU A 67 ? 0.7077 0.8462 0.7247 0.0180  -0.0580 -0.0285 372 GLU A OE2 
536 N N   . LYS A 68 ? 0.2775 0.2490 0.2004 -0.0496 -0.0200 -0.0777 373 LYS A N   
537 C CA  . LYS A 68 ? 0.3316 0.2534 0.2322 -0.0245 -0.0070 -0.0720 373 LYS A CA  
538 C C   . LYS A 68 ? 0.3179 0.2672 0.2501 -0.0042 -0.0157 -0.0611 373 LYS A C   
539 O O   . LYS A 68 ? 0.2666 0.2387 0.2065 -0.0110 -0.0261 -0.0586 373 LYS A O   
540 C CB  . LYS A 68 ? 0.4271 0.2764 0.2497 -0.0379 0.0105  -0.0778 373 LYS A CB  
541 C CG  . LYS A 68 ? 0.4814 0.3069 0.2826 -0.0114 0.0177  -0.0685 373 LYS A CG  
542 C CD  . LYS A 68 ? 0.6860 0.4403 0.4069 -0.0298 0.0334  -0.0759 373 LYS A CD  
543 C CE  . LYS A 68 ? 0.7848 0.4786 0.4611 -0.0361 0.0554  -0.0710 373 LYS A CE  
544 N NZ  . LYS A 68 ? 0.8412 0.4657 0.4488 -0.0510 0.0733  -0.0675 373 LYS A NZ  
545 N N   . CYS A 69 ? 0.2664 0.2213 0.2133 0.0173  -0.0105 -0.0539 374 CYS A N   
546 C CA  . CYS A 69 ? 0.2213 0.1979 0.1862 0.0255  -0.0159 -0.0448 374 CYS A CA  
547 C C   . CYS A 69 ? 0.2500 0.2097 0.1829 0.0307  -0.0128 -0.0395 374 CYS A C   
548 O O   . CYS A 69 ? 0.2977 0.2271 0.1888 0.0431  0.0016  -0.0382 374 CYS A O   
549 C CB  . CYS A 69 ? 0.1895 0.1927 0.1686 0.0340  -0.0099 -0.0397 374 CYS A CB  
550 S SG  . CYS A 69 ? 0.2126 0.2318 0.2249 0.0236  -0.0128 -0.0478 374 CYS A SG  
551 N N   . PRO A 70 ? 0.2915 0.2649 0.2362 0.0260  -0.0229 -0.0347 375 PRO A N   
552 C CA  . PRO A 70 ? 0.3534 0.3157 0.2693 0.0293  -0.0211 -0.0301 375 PRO A CA  
553 C C   . PRO A 70 ? 0.3261 0.3069 0.2391 0.0448  -0.0151 -0.0184 375 PRO A C   
554 O O   . PRO A 70 ? 0.3419 0.3526 0.2791 0.0418  -0.0161 -0.0140 375 PRO A O   
555 C CB  . PRO A 70 ? 0.3504 0.3332 0.2839 0.0204  -0.0345 -0.0265 375 PRO A CB  
556 C CG  . PRO A 70 ? 0.3531 0.3491 0.3199 0.0247  -0.0379 -0.0224 375 PRO A CG  
557 C CD  . PRO A 70 ? 0.3219 0.3140 0.2973 0.0228  -0.0327 -0.0315 375 PRO A CD  
558 N N   . HIS A 71 ? 0.3470 0.3137 0.2230 0.0577  -0.0071 -0.0139 376 HIS A N   
559 C CA  . HIS A 71 ? 0.3747 0.3800 0.2475 0.0736  -0.0022 0.0003  376 HIS A CA  
560 C C   . HIS A 71 ? 0.4619 0.4876 0.3536 0.0577  -0.0148 0.0060  376 HIS A C   
561 O O   . HIS A 71 ? 0.5315 0.5361 0.4248 0.0472  -0.0237 0.0020  376 HIS A O   
562 C CB  . HIS A 71 ? 0.4334 0.4121 0.2499 0.1042  0.0158  0.0057  376 HIS A CB  
563 C CG  . HIS A 71 ? 0.4922 0.4535 0.2771 0.1338  0.0360  0.0090  376 HIS A CG  
564 N ND1 . HIS A 71 ? 0.5421 0.5628 0.3324 0.1653  0.0463  0.0276  376 HIS A ND1 
565 C CD2 . HIS A 71 ? 0.5799 0.4770 0.3346 0.1334  0.0470  -0.0015 376 HIS A CD2 
566 C CE1 . HIS A 71 ? 0.5803 0.5699 0.3562 0.1855  0.0582  0.0319  376 HIS A CE1 
567 N NE2 . HIS A 71 ? 0.6449 0.5538 0.3919 0.1664  0.0615  0.0146  376 HIS A NE2 
# 
